data_7D29
# 
_entry.id   7D29 
# 
_audit_conform.dict_name       mmcif_pdbx.dic 
_audit_conform.dict_version    5.380 
_audit_conform.dict_location   http://mmcif.pdb.org/dictionaries/ascii/mmcif_pdbx.dic 
# 
loop_
_database_2.database_id 
_database_2.database_code 
_database_2.pdbx_database_accession 
_database_2.pdbx_DOI 
PDB   7D29         pdb_00007d29 10.2210/pdb7d29/pdb 
WWPDB D_1300018630 ?            ?                   
# 
_pdbx_database_status.status_code                     REL 
_pdbx_database_status.status_code_sf                  REL 
_pdbx_database_status.status_code_mr                  ? 
_pdbx_database_status.entry_id                        7D29 
_pdbx_database_status.recvd_initial_deposition_date   2020-09-16 
_pdbx_database_status.SG_entry                        N 
_pdbx_database_status.deposit_site                    PDBJ 
_pdbx_database_status.process_site                    PDBJ 
_pdbx_database_status.status_code_cs                  ? 
_pdbx_database_status.status_code_nmr_data            ? 
_pdbx_database_status.methods_development_category    ? 
_pdbx_database_status.pdb_format_compatible           Y 
# 
loop_
_audit_author.name 
_audit_author.pdbx_ordinal 
_audit_author.identifier_ORCID 
'Teh, A.H.' 1 ? 
'Sim, P.F.' 2 ? 
# 
_citation.abstract                  ? 
_citation.abstract_id_CAS           ? 
_citation.book_id_ISBN              ? 
_citation.book_publisher            ? 
_citation.book_publisher_city       ? 
_citation.book_title                ? 
_citation.coordinate_linkage        ? 
_citation.country                   US 
_citation.database_id_Medline       ? 
_citation.details                   ? 
_citation.id                        primary 
_citation.journal_abbrev            Biochem.Biophys.Res.Commun. 
_citation.journal_id_ASTM           BBRCA9 
_citation.journal_id_CSD            0146 
_citation.journal_id_ISSN           1090-2104 
_citation.journal_full              ? 
_citation.journal_issue             ? 
_citation.journal_volume            533 
_citation.language                  ? 
_citation.page_first                257 
_citation.page_last                 261 
_citation.title                     'Structural basis for binding uronic acids by family 32 carbohydrate-binding modules.' 
_citation.year                      2020 
_citation.database_id_CSD           ? 
_citation.pdbx_database_id_DOI      10.1016/j.bbrc.2020.09.064 
_citation.pdbx_database_id_PubMed   33010888 
_citation.unpublished_flag          ? 
# 
loop_
_citation_author.citation_id 
_citation_author.name 
_citation_author.ordinal 
_citation_author.identifier_ORCID 
primary 'Teh, A.H.'  1 ? 
primary 'Sim, P.F.'  2 ? 
primary 'Hisano, T.' 3 ? 
# 
_cell.angle_alpha                  90.000 
_cell.angle_alpha_esd              ? 
_cell.angle_beta                   90.000 
_cell.angle_beta_esd               ? 
_cell.angle_gamma                  90.000 
_cell.angle_gamma_esd              ? 
_cell.entry_id                     7D29 
_cell.details                      ? 
_cell.formula_units_Z              ? 
_cell.length_a                     43.447 
_cell.length_a_esd                 ? 
_cell.length_b                     55.670 
_cell.length_b_esd                 ? 
_cell.length_c                     58.496 
_cell.length_c_esd                 ? 
_cell.volume                       ? 
_cell.volume_esd                   ? 
_cell.Z_PDB                        4 
_cell.reciprocal_angle_alpha       ? 
_cell.reciprocal_angle_beta        ? 
_cell.reciprocal_angle_gamma       ? 
_cell.reciprocal_angle_alpha_esd   ? 
_cell.reciprocal_angle_beta_esd    ? 
_cell.reciprocal_angle_gamma_esd   ? 
_cell.reciprocal_length_a          ? 
_cell.reciprocal_length_b          ? 
_cell.reciprocal_length_c          ? 
_cell.reciprocal_length_a_esd      ? 
_cell.reciprocal_length_b_esd      ? 
_cell.reciprocal_length_c_esd      ? 
_cell.pdbx_unique_axis             ? 
# 
_symmetry.entry_id                         7D29 
_symmetry.cell_setting                     ? 
_symmetry.Int_Tables_number                19 
_symmetry.space_group_name_Hall            ? 
_symmetry.space_group_name_H-M             'P 21 21 21' 
_symmetry.pdbx_full_space_group_name_H-M   ? 
# 
loop_
_entity.id 
_entity.type 
_entity.src_method 
_entity.pdbx_description 
_entity.formula_weight 
_entity.pdbx_number_of_molecules 
_entity.pdbx_ec 
_entity.pdbx_mutation 
_entity.pdbx_fragment 
_entity.details 
1 polymer     man AlyQ          16095.180 1   ? ? CBM32 ? 
2 non-polymer syn 'CALCIUM ION' 40.078    1   ? ? ?     ? 
3 water       nat water         18.015    142 ? ? ?     ? 
# 
_entity_poly.entity_id                      1 
_entity_poly.type                           'polypeptide(L)' 
_entity_poly.nstd_linkage                   no 
_entity_poly.nstd_monomer                   no 
_entity_poly.pdbx_seq_one_letter_code       
;MNHKVHMQYDIVAVTASAHDGNLPENTIDGNLSTRWSANGSGQYITFDLGSAKTVNQVKAAWYNGDSRTSGFSISLGSDP
ASLTEVYSGTSSGQTNALESYSFTATTARYIRITGFGNSSNTWNSITEVAIFHAGEEGDGNEEHHHHHH
;
_entity_poly.pdbx_seq_one_letter_code_can   
;MNHKVHMQYDIVAVTASAHDGNLPENTIDGNLSTRWSANGSGQYITFDLGSAKTVNQVKAAWYNGDSRTSGFSISLGSDP
ASLTEVYSGTSSGQTNALESYSFTATTARYIRITGFGNSSNTWNSITEVAIFHAGEEGDGNEEHHHHHH
;
_entity_poly.pdbx_strand_id                 A 
_entity_poly.pdbx_target_identifier         ? 
# 
loop_
_entity_poly_seq.entity_id 
_entity_poly_seq.num 
_entity_poly_seq.mon_id 
_entity_poly_seq.hetero 
1 1   MET n 
1 2   ASN n 
1 3   HIS n 
1 4   LYS n 
1 5   VAL n 
1 6   HIS n 
1 7   MET n 
1 8   GLN n 
1 9   TYR n 
1 10  ASP n 
1 11  ILE n 
1 12  VAL n 
1 13  ALA n 
1 14  VAL n 
1 15  THR n 
1 16  ALA n 
1 17  SER n 
1 18  ALA n 
1 19  HIS n 
1 20  ASP n 
1 21  GLY n 
1 22  ASN n 
1 23  LEU n 
1 24  PRO n 
1 25  GLU n 
1 26  ASN n 
1 27  THR n 
1 28  ILE n 
1 29  ASP n 
1 30  GLY n 
1 31  ASN n 
1 32  LEU n 
1 33  SER n 
1 34  THR n 
1 35  ARG n 
1 36  TRP n 
1 37  SER n 
1 38  ALA n 
1 39  ASN n 
1 40  GLY n 
1 41  SER n 
1 42  GLY n 
1 43  GLN n 
1 44  TYR n 
1 45  ILE n 
1 46  THR n 
1 47  PHE n 
1 48  ASP n 
1 49  LEU n 
1 50  GLY n 
1 51  SER n 
1 52  ALA n 
1 53  LYS n 
1 54  THR n 
1 55  VAL n 
1 56  ASN n 
1 57  GLN n 
1 58  VAL n 
1 59  LYS n 
1 60  ALA n 
1 61  ALA n 
1 62  TRP n 
1 63  TYR n 
1 64  ASN n 
1 65  GLY n 
1 66  ASP n 
1 67  SER n 
1 68  ARG n 
1 69  THR n 
1 70  SER n 
1 71  GLY n 
1 72  PHE n 
1 73  SER n 
1 74  ILE n 
1 75  SER n 
1 76  LEU n 
1 77  GLY n 
1 78  SER n 
1 79  ASP n 
1 80  PRO n 
1 81  ALA n 
1 82  SER n 
1 83  LEU n 
1 84  THR n 
1 85  GLU n 
1 86  VAL n 
1 87  TYR n 
1 88  SER n 
1 89  GLY n 
1 90  THR n 
1 91  SER n 
1 92  SER n 
1 93  GLY n 
1 94  GLN n 
1 95  THR n 
1 96  ASN n 
1 97  ALA n 
1 98  LEU n 
1 99  GLU n 
1 100 SER n 
1 101 TYR n 
1 102 SER n 
1 103 PHE n 
1 104 THR n 
1 105 ALA n 
1 106 THR n 
1 107 THR n 
1 108 ALA n 
1 109 ARG n 
1 110 TYR n 
1 111 ILE n 
1 112 ARG n 
1 113 ILE n 
1 114 THR n 
1 115 GLY n 
1 116 PHE n 
1 117 GLY n 
1 118 ASN n 
1 119 SER n 
1 120 SER n 
1 121 ASN n 
1 122 THR n 
1 123 TRP n 
1 124 ASN n 
1 125 SER n 
1 126 ILE n 
1 127 THR n 
1 128 GLU n 
1 129 VAL n 
1 130 ALA n 
1 131 ILE n 
1 132 PHE n 
1 133 HIS n 
1 134 ALA n 
1 135 GLY n 
1 136 GLU n 
1 137 GLU n 
1 138 GLY n 
1 139 ASP n 
1 140 GLY n 
1 141 ASN n 
1 142 GLU n 
1 143 GLU n 
1 144 HIS n 
1 145 HIS n 
1 146 HIS n 
1 147 HIS n 
1 148 HIS n 
1 149 HIS n 
# 
_entity_src_gen.entity_id                          1 
_entity_src_gen.pdbx_src_id                        1 
_entity_src_gen.pdbx_alt_source_flag               sample 
_entity_src_gen.pdbx_seq_type                      'Biological sequence' 
_entity_src_gen.pdbx_beg_seq_num                   1 
_entity_src_gen.pdbx_end_seq_num                   149 
_entity_src_gen.gene_src_common_name               ? 
_entity_src_gen.gene_src_genus                     ? 
_entity_src_gen.pdbx_gene_src_gene                 ? 
_entity_src_gen.gene_src_species                   ? 
_entity_src_gen.gene_src_strain                    ? 
_entity_src_gen.gene_src_tissue                    ? 
_entity_src_gen.gene_src_tissue_fraction           ? 
_entity_src_gen.gene_src_details                   ? 
_entity_src_gen.pdbx_gene_src_fragment             ? 
_entity_src_gen.pdbx_gene_src_scientific_name      'Persicobacter sp. CCB-QB2' 
_entity_src_gen.pdbx_gene_src_ncbi_taxonomy_id     1561025 
_entity_src_gen.pdbx_gene_src_variant              ? 
_entity_src_gen.pdbx_gene_src_cell_line            ? 
_entity_src_gen.pdbx_gene_src_atcc                 ? 
_entity_src_gen.pdbx_gene_src_organ                ? 
_entity_src_gen.pdbx_gene_src_organelle            ? 
_entity_src_gen.pdbx_gene_src_cell                 ? 
_entity_src_gen.pdbx_gene_src_cellular_location    ? 
_entity_src_gen.host_org_common_name               ? 
_entity_src_gen.pdbx_host_org_scientific_name      'Escherichia coli BL21(DE3)' 
_entity_src_gen.pdbx_host_org_ncbi_taxonomy_id     469008 
_entity_src_gen.host_org_genus                     ? 
_entity_src_gen.pdbx_host_org_gene                 ? 
_entity_src_gen.pdbx_host_org_organ                ? 
_entity_src_gen.host_org_species                   ? 
_entity_src_gen.pdbx_host_org_tissue               ? 
_entity_src_gen.pdbx_host_org_tissue_fraction      ? 
_entity_src_gen.pdbx_host_org_strain               ? 
_entity_src_gen.pdbx_host_org_variant              ? 
_entity_src_gen.pdbx_host_org_cell_line            ? 
_entity_src_gen.pdbx_host_org_atcc                 ? 
_entity_src_gen.pdbx_host_org_culture_collection   ? 
_entity_src_gen.pdbx_host_org_cell                 ? 
_entity_src_gen.pdbx_host_org_organelle            ? 
_entity_src_gen.pdbx_host_org_cellular_location    ? 
_entity_src_gen.pdbx_host_org_vector_type          ? 
_entity_src_gen.pdbx_host_org_vector               ? 
_entity_src_gen.host_org_details                   ? 
_entity_src_gen.expression_system_id               ? 
_entity_src_gen.plasmid_name                       ? 
_entity_src_gen.plasmid_details                    ? 
_entity_src_gen.pdbx_description                   ? 
# 
_struct_ref.id                         1 
_struct_ref.db_name                    UNP 
_struct_ref.db_code                    A0A3B6UEP6_9BACT 
_struct_ref.pdbx_db_accession          A0A3B6UEP6 
_struct_ref.pdbx_db_isoform            ? 
_struct_ref.entity_id                  1 
_struct_ref.pdbx_seq_one_letter_code   
;MNHKVHMQYDIVAVTASAHDGNLPENTIDGNLSTRWSANGSGQYITFDLGSAKTVNQVKAAWYNGDSRTSGFSISLGSDP
ASLTEVYSGTSSGQTNALESYSFTATTARYIRITGFGNSSNTWNSITEVAIFHAGEEGDGNEE
;
_struct_ref.pdbx_align_begin           1 
# 
_struct_ref_seq.align_id                      1 
_struct_ref_seq.ref_id                        1 
_struct_ref_seq.pdbx_PDB_id_code              7D29 
_struct_ref_seq.pdbx_strand_id                A 
_struct_ref_seq.seq_align_beg                 1 
_struct_ref_seq.pdbx_seq_align_beg_ins_code   ? 
_struct_ref_seq.seq_align_end                 143 
_struct_ref_seq.pdbx_seq_align_end_ins_code   ? 
_struct_ref_seq.pdbx_db_accession             A0A3B6UEP6 
_struct_ref_seq.db_align_beg                  1 
_struct_ref_seq.pdbx_db_align_beg_ins_code    ? 
_struct_ref_seq.db_align_end                  143 
_struct_ref_seq.pdbx_db_align_end_ins_code    ? 
_struct_ref_seq.pdbx_auth_seq_align_beg       -7 
_struct_ref_seq.pdbx_auth_seq_align_end       323 
# 
loop_
_struct_ref_seq_dif.align_id 
_struct_ref_seq_dif.pdbx_pdb_id_code 
_struct_ref_seq_dif.mon_id 
_struct_ref_seq_dif.pdbx_pdb_strand_id 
_struct_ref_seq_dif.seq_num 
_struct_ref_seq_dif.pdbx_pdb_ins_code 
_struct_ref_seq_dif.pdbx_seq_db_name 
_struct_ref_seq_dif.pdbx_seq_db_accession_code 
_struct_ref_seq_dif.db_mon_id 
_struct_ref_seq_dif.pdbx_seq_db_seq_num 
_struct_ref_seq_dif.details 
_struct_ref_seq_dif.pdbx_auth_seq_num 
_struct_ref_seq_dif.pdbx_ordinal 
1 7D29 HIS A 144 ? UNP A0A3B6UEP6 ? ? 'expression tag' 324 1 
1 7D29 HIS A 145 ? UNP A0A3B6UEP6 ? ? 'expression tag' 325 2 
1 7D29 HIS A 146 ? UNP A0A3B6UEP6 ? ? 'expression tag' 326 3 
1 7D29 HIS A 147 ? UNP A0A3B6UEP6 ? ? 'expression tag' 327 4 
1 7D29 HIS A 148 ? UNP A0A3B6UEP6 ? ? 'expression tag' 328 5 
1 7D29 HIS A 149 ? UNP A0A3B6UEP6 ? ? 'expression tag' 329 6 
# 
loop_
_chem_comp.id 
_chem_comp.type 
_chem_comp.mon_nstd_flag 
_chem_comp.name 
_chem_comp.pdbx_synonyms 
_chem_comp.formula 
_chem_comp.formula_weight 
ALA 'L-peptide linking' y ALANINE         ? 'C3 H7 N O2'     89.093  
ARG 'L-peptide linking' y ARGININE        ? 'C6 H15 N4 O2 1' 175.209 
ASN 'L-peptide linking' y ASPARAGINE      ? 'C4 H8 N2 O3'    132.118 
ASP 'L-peptide linking' y 'ASPARTIC ACID' ? 'C4 H7 N O4'     133.103 
CA  non-polymer         . 'CALCIUM ION'   ? 'Ca 2'           40.078  
GLN 'L-peptide linking' y GLUTAMINE       ? 'C5 H10 N2 O3'   146.144 
GLU 'L-peptide linking' y 'GLUTAMIC ACID' ? 'C5 H9 N O4'     147.129 
GLY 'peptide linking'   y GLYCINE         ? 'C2 H5 N O2'     75.067  
HIS 'L-peptide linking' y HISTIDINE       ? 'C6 H10 N3 O2 1' 156.162 
HOH non-polymer         . WATER           ? 'H2 O'           18.015  
ILE 'L-peptide linking' y ISOLEUCINE      ? 'C6 H13 N O2'    131.173 
LEU 'L-peptide linking' y LEUCINE         ? 'C6 H13 N O2'    131.173 
LYS 'L-peptide linking' y LYSINE          ? 'C6 H15 N2 O2 1' 147.195 
MET 'L-peptide linking' y METHIONINE      ? 'C5 H11 N O2 S'  149.211 
PHE 'L-peptide linking' y PHENYLALANINE   ? 'C9 H11 N O2'    165.189 
PRO 'L-peptide linking' y PROLINE         ? 'C5 H9 N O2'     115.130 
SER 'L-peptide linking' y SERINE          ? 'C3 H7 N O3'     105.093 
THR 'L-peptide linking' y THREONINE       ? 'C4 H9 N O3'     119.119 
TRP 'L-peptide linking' y TRYPTOPHAN      ? 'C11 H12 N2 O2'  204.225 
TYR 'L-peptide linking' y TYROSINE        ? 'C9 H11 N O3'    181.189 
VAL 'L-peptide linking' y VALINE          ? 'C5 H11 N O2'    117.146 
# 
_exptl.absorpt_coefficient_mu     ? 
_exptl.absorpt_correction_T_max   ? 
_exptl.absorpt_correction_T_min   ? 
_exptl.absorpt_correction_type    ? 
_exptl.absorpt_process_details    ? 
_exptl.entry_id                   7D29 
_exptl.crystals_number            1 
_exptl.details                    ? 
_exptl.method                     'X-RAY DIFFRACTION' 
_exptl.method_details             ? 
# 
_exptl_crystal.colour                      ? 
_exptl_crystal.density_diffrn              ? 
_exptl_crystal.density_Matthews            2.20 
_exptl_crystal.density_method              ? 
_exptl_crystal.density_percent_sol         44.03 
_exptl_crystal.description                 ? 
_exptl_crystal.F_000                       ? 
_exptl_crystal.id                          1 
_exptl_crystal.preparation                 ? 
_exptl_crystal.size_max                    ? 
_exptl_crystal.size_mid                    ? 
_exptl_crystal.size_min                    ? 
_exptl_crystal.size_rad                    ? 
_exptl_crystal.colour_lustre               ? 
_exptl_crystal.colour_modifier             ? 
_exptl_crystal.colour_primary              ? 
_exptl_crystal.density_meas                ? 
_exptl_crystal.density_meas_esd            ? 
_exptl_crystal.density_meas_gt             ? 
_exptl_crystal.density_meas_lt             ? 
_exptl_crystal.density_meas_temp           ? 
_exptl_crystal.density_meas_temp_esd       ? 
_exptl_crystal.density_meas_temp_gt        ? 
_exptl_crystal.density_meas_temp_lt        ? 
_exptl_crystal.pdbx_crystal_image_url      ? 
_exptl_crystal.pdbx_crystal_image_format   ? 
_exptl_crystal.pdbx_mosaicity              ? 
_exptl_crystal.pdbx_mosaicity_esd          ? 
# 
_exptl_crystal_grow.apparatus       ? 
_exptl_crystal_grow.atmosphere      ? 
_exptl_crystal_grow.crystal_id      1 
_exptl_crystal_grow.details         ? 
_exptl_crystal_grow.method          'VAPOR DIFFUSION, SITTING DROP' 
_exptl_crystal_grow.method_ref      ? 
_exptl_crystal_grow.pH              7.5 
_exptl_crystal_grow.pressure        ? 
_exptl_crystal_grow.pressure_esd    ? 
_exptl_crystal_grow.seeding         ? 
_exptl_crystal_grow.seeding_ref     ? 
_exptl_crystal_grow.temp            293 
_exptl_crystal_grow.temp_details    ? 
_exptl_crystal_grow.temp_esd        ? 
_exptl_crystal_grow.time            ? 
_exptl_crystal_grow.pdbx_details    '0.1M sodium HEPES, 20% PEG 10000' 
_exptl_crystal_grow.pdbx_pH_range   ? 
# 
_diffrn.ambient_environment              ? 
_diffrn.ambient_temp                     100 
_diffrn.ambient_temp_details             ? 
_diffrn.ambient_temp_esd                 ? 
_diffrn.crystal_id                       1 
_diffrn.crystal_support                  ? 
_diffrn.crystal_treatment                ? 
_diffrn.details                          ? 
_diffrn.id                               1 
_diffrn.ambient_pressure                 ? 
_diffrn.ambient_pressure_esd             ? 
_diffrn.ambient_pressure_gt              ? 
_diffrn.ambient_pressure_lt              ? 
_diffrn.ambient_temp_gt                  ? 
_diffrn.ambient_temp_lt                  ? 
_diffrn.pdbx_serial_crystal_experiment   N 
# 
_diffrn_detector.details                      ? 
_diffrn_detector.detector                     'IMAGE PLATE' 
_diffrn_detector.diffrn_id                    1 
_diffrn_detector.type                         'RIGAKU RAXIS IV++' 
_diffrn_detector.area_resol_mean              ? 
_diffrn_detector.dtime                        ? 
_diffrn_detector.pdbx_frames_total            ? 
_diffrn_detector.pdbx_collection_time_total   ? 
_diffrn_detector.pdbx_collection_date         2017-05-04 
_diffrn_detector.pdbx_frequency               ? 
# 
_diffrn_radiation.collimation                      ? 
_diffrn_radiation.diffrn_id                        1 
_diffrn_radiation.filter_edge                      ? 
_diffrn_radiation.inhomogeneity                    ? 
_diffrn_radiation.monochromator                    ? 
_diffrn_radiation.polarisn_norm                    ? 
_diffrn_radiation.polarisn_ratio                   ? 
_diffrn_radiation.probe                            ? 
_diffrn_radiation.type                             ? 
_diffrn_radiation.xray_symbol                      ? 
_diffrn_radiation.wavelength_id                    1 
_diffrn_radiation.pdbx_monochromatic_or_laue_m_l   M 
_diffrn_radiation.pdbx_wavelength_list             ? 
_diffrn_radiation.pdbx_wavelength                  ? 
_diffrn_radiation.pdbx_diffrn_protocol             'SINGLE WAVELENGTH' 
_diffrn_radiation.pdbx_analyzer                    ? 
_diffrn_radiation.pdbx_scattering_type             x-ray 
# 
_diffrn_radiation_wavelength.id           1 
_diffrn_radiation_wavelength.wavelength   1.54 
_diffrn_radiation_wavelength.wt           1.0 
# 
_diffrn_source.current                     ? 
_diffrn_source.details                     ? 
_diffrn_source.diffrn_id                   1 
_diffrn_source.power                       ? 
_diffrn_source.size                        ? 
_diffrn_source.source                      'ROTATING ANODE' 
_diffrn_source.target                      ? 
_diffrn_source.type                        'RIGAKU MICROMAX-007 HF' 
_diffrn_source.voltage                     ? 
_diffrn_source.take-off_angle              ? 
_diffrn_source.pdbx_wavelength_list        1.54 
_diffrn_source.pdbx_wavelength             ? 
_diffrn_source.pdbx_synchrotron_beamline   ? 
_diffrn_source.pdbx_synchrotron_site       ? 
# 
_reflns.B_iso_Wilson_estimate            ? 
_reflns.entry_id                         7D29 
_reflns.data_reduction_details           ? 
_reflns.data_reduction_method            ? 
_reflns.d_resolution_high                1.70 
_reflns.d_resolution_low                 29.56 
_reflns.details                          ? 
_reflns.limit_h_max                      ? 
_reflns.limit_h_min                      ? 
_reflns.limit_k_max                      ? 
_reflns.limit_k_min                      ? 
_reflns.limit_l_max                      ? 
_reflns.limit_l_min                      ? 
_reflns.number_all                       ? 
_reflns.number_obs                       14744 
_reflns.observed_criterion               ? 
_reflns.observed_criterion_F_max         ? 
_reflns.observed_criterion_F_min         ? 
_reflns.observed_criterion_I_max         ? 
_reflns.observed_criterion_I_min         ? 
_reflns.observed_criterion_sigma_F       ? 
_reflns.observed_criterion_sigma_I       ? 
_reflns.percent_possible_obs             91.2 
_reflns.R_free_details                   ? 
_reflns.Rmerge_F_all                     ? 
_reflns.Rmerge_F_obs                     ? 
_reflns.Friedel_coverage                 ? 
_reflns.number_gt                        ? 
_reflns.threshold_expression             ? 
_reflns.pdbx_redundancy                  3.15 
_reflns.pdbx_Rmerge_I_obs                0.022 
_reflns.pdbx_Rmerge_I_all                ? 
_reflns.pdbx_Rsym_value                  ? 
_reflns.pdbx_netI_over_av_sigmaI         ? 
_reflns.pdbx_netI_over_sigmaI            33.3 
_reflns.pdbx_res_netI_over_av_sigmaI_2   ? 
_reflns.pdbx_res_netI_over_sigmaI_2      ? 
_reflns.pdbx_chi_squared                 0.95 
_reflns.pdbx_scaling_rejects             ? 
_reflns.pdbx_d_res_high_opt              ? 
_reflns.pdbx_d_res_low_opt               ? 
_reflns.pdbx_d_res_opt_method            ? 
_reflns.phase_calculation_details        ? 
_reflns.pdbx_Rrim_I_all                  0.027 
_reflns.pdbx_Rpim_I_all                  ? 
_reflns.pdbx_d_opt                       ? 
_reflns.pdbx_number_measured_all         ? 
_reflns.pdbx_diffrn_id                   1 
_reflns.pdbx_ordinal                     1 
_reflns.pdbx_CC_half                     ? 
_reflns.pdbx_CC_star                     ? 
_reflns.pdbx_R_split                     ? 
# 
_reflns_shell.d_res_high                  1.70 
_reflns_shell.d_res_low                   1.76 
_reflns_shell.meanI_over_sigI_all         ? 
_reflns_shell.meanI_over_sigI_obs         13.2 
_reflns_shell.number_measured_all         ? 
_reflns_shell.number_measured_obs         ? 
_reflns_shell.number_possible             ? 
_reflns_shell.number_unique_all           ? 
_reflns_shell.number_unique_obs           969 
_reflns_shell.percent_possible_all        61.0 
_reflns_shell.percent_possible_obs        ? 
_reflns_shell.Rmerge_F_all                ? 
_reflns_shell.Rmerge_F_obs                ? 
_reflns_shell.Rmerge_I_all                ? 
_reflns_shell.Rmerge_I_obs                0.066 
_reflns_shell.meanI_over_sigI_gt          ? 
_reflns_shell.meanI_over_uI_all           ? 
_reflns_shell.meanI_over_uI_gt            ? 
_reflns_shell.number_measured_gt          ? 
_reflns_shell.number_unique_gt            ? 
_reflns_shell.percent_possible_gt         ? 
_reflns_shell.Rmerge_F_gt                 ? 
_reflns_shell.Rmerge_I_gt                 ? 
_reflns_shell.pdbx_redundancy             2.84 
_reflns_shell.pdbx_Rsym_value             ? 
_reflns_shell.pdbx_chi_squared            0.97 
_reflns_shell.pdbx_netI_over_sigmaI_all   ? 
_reflns_shell.pdbx_netI_over_sigmaI_obs   ? 
_reflns_shell.pdbx_Rrim_I_all             0.081 
_reflns_shell.pdbx_Rpim_I_all             ? 
_reflns_shell.pdbx_rejects                ? 
_reflns_shell.pdbx_ordinal                1 
_reflns_shell.pdbx_diffrn_id              1 
_reflns_shell.pdbx_CC_half                ? 
_reflns_shell.pdbx_CC_star                ? 
_reflns_shell.pdbx_R_split                ? 
# 
_refine.aniso_B[1][1]                            -0.048 
_refine.aniso_B[1][2]                            -0.000 
_refine.aniso_B[1][3]                            -0.000 
_refine.aniso_B[2][2]                            -0.080 
_refine.aniso_B[2][3]                            0.000 
_refine.aniso_B[3][3]                            0.128 
_refine.B_iso_max                                ? 
_refine.B_iso_mean                               12.740 
_refine.B_iso_min                                ? 
_refine.correlation_coeff_Fo_to_Fc               0.962 
_refine.correlation_coeff_Fo_to_Fc_free          0.952 
_refine.details                                  ? 
_refine.diff_density_max                         ? 
_refine.diff_density_max_esd                     ? 
_refine.diff_density_min                         ? 
_refine.diff_density_min_esd                     ? 
_refine.diff_density_rms                         ? 
_refine.diff_density_rms_esd                     ? 
_refine.entry_id                                 7D29 
_refine.pdbx_refine_id                           'X-RAY DIFFRACTION' 
_refine.ls_abs_structure_details                 ? 
_refine.ls_abs_structure_Flack                   ? 
_refine.ls_abs_structure_Flack_esd               ? 
_refine.ls_abs_structure_Rogers                  ? 
_refine.ls_abs_structure_Rogers_esd              ? 
_refine.ls_d_res_high                            1.700 
_refine.ls_d_res_low                             22.252 
_refine.ls_extinction_coef                       ? 
_refine.ls_extinction_coef_esd                   ? 
_refine.ls_extinction_expression                 ? 
_refine.ls_extinction_method                     ? 
_refine.ls_goodness_of_fit_all                   ? 
_refine.ls_goodness_of_fit_all_esd               ? 
_refine.ls_goodness_of_fit_obs                   ? 
_refine.ls_goodness_of_fit_obs_esd               ? 
_refine.ls_hydrogen_treatment                    ? 
_refine.ls_matrix_type                           ? 
_refine.ls_number_constraints                    ? 
_refine.ls_number_parameters                     ? 
_refine.ls_number_reflns_all                     ? 
_refine.ls_number_reflns_obs                     14744 
_refine.ls_number_reflns_R_free                  682 
_refine.ls_number_reflns_R_work                  14062 
_refine.ls_number_restraints                     ? 
_refine.ls_percent_reflns_obs                    91.097 
_refine.ls_percent_reflns_R_free                 4.626 
_refine.ls_R_factor_all                          0.156 
_refine.ls_R_factor_obs                          ? 
_refine.ls_R_factor_R_free                       0.1893 
_refine.ls_R_factor_R_free_error                 ? 
_refine.ls_R_factor_R_free_error_details         ? 
_refine.ls_R_factor_R_work                       0.1546 
_refine.ls_R_Fsqd_factor_obs                     ? 
_refine.ls_R_I_factor_obs                        ? 
_refine.ls_redundancy_reflns_all                 ? 
_refine.ls_redundancy_reflns_obs                 ? 
_refine.ls_restrained_S_all                      ? 
_refine.ls_restrained_S_obs                      ? 
_refine.ls_shift_over_esd_max                    ? 
_refine.ls_shift_over_esd_mean                   ? 
_refine.ls_structure_factor_coef                 ? 
_refine.ls_weighting_details                     ? 
_refine.ls_weighting_scheme                      ? 
_refine.ls_wR_factor_all                         ? 
_refine.ls_wR_factor_obs                         ? 
_refine.ls_wR_factor_R_free                      ? 
_refine.ls_wR_factor_R_work                      ? 
_refine.occupancy_max                            ? 
_refine.occupancy_min                            ? 
_refine.solvent_model_details                    'MASK BULK SOLVENT' 
_refine.solvent_model_param_bsol                 ? 
_refine.solvent_model_param_ksol                 ? 
_refine.pdbx_R_complete                          ? 
_refine.ls_R_factor_gt                           ? 
_refine.ls_goodness_of_fit_gt                    ? 
_refine.ls_goodness_of_fit_ref                   ? 
_refine.ls_shift_over_su_max                     ? 
_refine.ls_shift_over_su_max_lt                  ? 
_refine.ls_shift_over_su_mean                    ? 
_refine.ls_shift_over_su_mean_lt                 ? 
_refine.pdbx_ls_sigma_I                          ? 
_refine.pdbx_ls_sigma_F                          ? 
_refine.pdbx_ls_sigma_Fsqd                       ? 
_refine.pdbx_data_cutoff_high_absF               ? 
_refine.pdbx_data_cutoff_high_rms_absF           ? 
_refine.pdbx_data_cutoff_low_absF                ? 
_refine.pdbx_isotropic_thermal_model             ? 
_refine.pdbx_ls_cross_valid_method               'FREE R-VALUE' 
_refine.pdbx_method_to_determine_struct          'MOLECULAR REPLACEMENT' 
_refine.pdbx_starting_model                      5XNR 
_refine.pdbx_stereochemistry_target_values       ? 
_refine.pdbx_R_Free_selection_details            ? 
_refine.pdbx_stereochem_target_val_spec_case     ? 
_refine.pdbx_overall_ESU_R                       0.097 
_refine.pdbx_overall_ESU_R_Free                  0.097 
_refine.pdbx_solvent_vdw_probe_radii             1.200 
_refine.pdbx_solvent_ion_probe_radii             0.800 
_refine.pdbx_solvent_shrinkage_radii             0.800 
_refine.pdbx_real_space_R                        ? 
_refine.pdbx_density_correlation                 ? 
_refine.pdbx_pd_number_of_powder_patterns        ? 
_refine.pdbx_pd_number_of_points                 ? 
_refine.pdbx_pd_meas_number_of_points            ? 
_refine.pdbx_pd_proc_ls_prof_R_factor            ? 
_refine.pdbx_pd_proc_ls_prof_wR_factor           ? 
_refine.pdbx_pd_Marquardt_correlation_coeff      ? 
_refine.pdbx_pd_Fsqrd_R_factor                   ? 
_refine.pdbx_pd_ls_matrix_band_width             ? 
_refine.pdbx_overall_phase_error                 ? 
_refine.pdbx_overall_SU_R_free_Cruickshank_DPI   ? 
_refine.pdbx_overall_SU_R_free_Blow_DPI          ? 
_refine.pdbx_overall_SU_R_Blow_DPI               ? 
_refine.pdbx_TLS_residual_ADP_flag               ? 
_refine.pdbx_diffrn_id                           1 
_refine.overall_SU_B                             1.455 
_refine.overall_SU_ML                            0.049 
_refine.overall_SU_R_Cruickshank_DPI             ? 
_refine.overall_SU_R_free                        ? 
_refine.overall_FOM_free_R_set                   ? 
_refine.overall_FOM_work_R_set                   ? 
_refine.pdbx_average_fsc_overall                 ? 
_refine.pdbx_average_fsc_work                    ? 
_refine.pdbx_average_fsc_free                    ? 
# 
_refine_hist.pdbx_refine_id                   'X-RAY DIFFRACTION' 
_refine_hist.cycle_id                         LAST 
_refine_hist.pdbx_number_atoms_protein        1003 
_refine_hist.pdbx_number_atoms_nucleic_acid   0 
_refine_hist.pdbx_number_atoms_ligand         1 
_refine_hist.number_atoms_solvent             142 
_refine_hist.number_atoms_total               1146 
_refine_hist.d_res_high                       1.700 
_refine_hist.d_res_low                        22.252 
# 
_refine_ls_shell.pdbx_refine_id                   'X-RAY DIFFRACTION' 
_refine_ls_shell.d_res_high                       1.700 
_refine_ls_shell.d_res_low                        1.744 
_refine_ls_shell.number_reflns_all                ? 
_refine_ls_shell.number_reflns_obs                ? 
_refine_ls_shell.number_reflns_R_free             34 
_refine_ls_shell.number_reflns_R_work             642 
_refine_ls_shell.percent_reflns_obs               56.9503 
_refine_ls_shell.percent_reflns_R_free            ? 
_refine_ls_shell.R_factor_all                     ? 
_refine_ls_shell.R_factor_obs                     ? 
_refine_ls_shell.R_factor_R_free                  0.258 
_refine_ls_shell.R_factor_R_free_error            ? 
_refine_ls_shell.R_factor_R_work                  0.194 
_refine_ls_shell.redundancy_reflns_all            ? 
_refine_ls_shell.redundancy_reflns_obs            ? 
_refine_ls_shell.wR_factor_all                    ? 
_refine_ls_shell.wR_factor_obs                    ? 
_refine_ls_shell.wR_factor_R_free                 ? 
_refine_ls_shell.wR_factor_R_work                 ? 
_refine_ls_shell.pdbx_R_complete                  ? 
_refine_ls_shell.pdbx_total_number_of_bins_used   ? 
_refine_ls_shell.pdbx_phase_error                 ? 
_refine_ls_shell.pdbx_fsc_work                    ? 
_refine_ls_shell.pdbx_fsc_free                    ? 
# 
_struct.entry_id                     7D29 
_struct.title                        'CBM32 of AlyQ' 
_struct.pdbx_model_details           ? 
_struct.pdbx_formula_weight          ? 
_struct.pdbx_formula_weight_method   ? 
_struct.pdbx_model_type_details      ? 
_struct.pdbx_CASP_flag               N 
# 
_struct_keywords.entry_id        7D29 
_struct_keywords.text            'CBM32, alginate, SUGAR BINDING PROTEIN' 
_struct_keywords.pdbx_keywords   'SUGAR BINDING PROTEIN' 
# 
loop_
_struct_asym.id 
_struct_asym.pdbx_blank_PDB_chainid_flag 
_struct_asym.pdbx_modified 
_struct_asym.entity_id 
_struct_asym.details 
A N N 1 ? 
B N N 2 ? 
C N N 3 ? 
# 
_struct_conf.conf_type_id            HELX_P 
_struct_conf.id                      HELX_P1 
_struct_conf.pdbx_PDB_helix_id       AA1 
_struct_conf.beg_label_comp_id       LEU 
_struct_conf.beg_label_asym_id       A 
_struct_conf.beg_label_seq_id        23 
_struct_conf.pdbx_beg_PDB_ins_code   ? 
_struct_conf.end_label_comp_id       ASP 
_struct_conf.end_label_asym_id       A 
_struct_conf.end_label_seq_id        29 
_struct_conf.pdbx_end_PDB_ins_code   ? 
_struct_conf.beg_auth_comp_id        LEU 
_struct_conf.beg_auth_asym_id        A 
_struct_conf.beg_auth_seq_id         203 
_struct_conf.end_auth_comp_id        ASP 
_struct_conf.end_auth_asym_id        A 
_struct_conf.end_auth_seq_id         209 
_struct_conf.pdbx_PDB_helix_class    5 
_struct_conf.details                 ? 
_struct_conf.pdbx_PDB_helix_length   7 
# 
_struct_conf_type.id          HELX_P 
_struct_conf_type.criteria    ? 
_struct_conf_type.reference   ? 
# 
loop_
_struct_conn.id 
_struct_conn.conn_type_id 
_struct_conn.pdbx_leaving_atom_flag 
_struct_conn.pdbx_PDB_id 
_struct_conn.ptnr1_label_asym_id 
_struct_conn.ptnr1_label_comp_id 
_struct_conn.ptnr1_label_seq_id 
_struct_conn.ptnr1_label_atom_id 
_struct_conn.pdbx_ptnr1_label_alt_id 
_struct_conn.pdbx_ptnr1_PDB_ins_code 
_struct_conn.pdbx_ptnr1_standard_comp_id 
_struct_conn.ptnr1_symmetry 
_struct_conn.ptnr2_label_asym_id 
_struct_conn.ptnr2_label_comp_id 
_struct_conn.ptnr2_label_seq_id 
_struct_conn.ptnr2_label_atom_id 
_struct_conn.pdbx_ptnr2_label_alt_id 
_struct_conn.pdbx_ptnr2_PDB_ins_code 
_struct_conn.ptnr1_auth_asym_id 
_struct_conn.ptnr1_auth_comp_id 
_struct_conn.ptnr1_auth_seq_id 
_struct_conn.ptnr2_auth_asym_id 
_struct_conn.ptnr2_auth_comp_id 
_struct_conn.ptnr2_auth_seq_id 
_struct_conn.ptnr2_symmetry 
_struct_conn.pdbx_ptnr3_label_atom_id 
_struct_conn.pdbx_ptnr3_label_seq_id 
_struct_conn.pdbx_ptnr3_label_comp_id 
_struct_conn.pdbx_ptnr3_label_asym_id 
_struct_conn.pdbx_ptnr3_label_alt_id 
_struct_conn.pdbx_ptnr3_PDB_ins_code 
_struct_conn.details 
_struct_conn.pdbx_dist_value 
_struct_conn.pdbx_value_order 
_struct_conn.pdbx_role 
metalc1 metalc ? ? A ASN 26  O   ? ? ? 1_555 B CA . CA ? ? A ASN 206 A CA 401 1_555 ? ? ? ? ? ? ? 2.196 ? ? 
metalc2 metalc ? ? A ASP 29  OD1 ? ? ? 1_555 B CA . CA ? ? A ASP 209 A CA 401 1_555 ? ? ? ? ? ? ? 2.550 ? ? 
metalc3 metalc ? ? A ASN 31  O   ? ? ? 1_555 B CA . CA ? ? A ASN 211 A CA 401 1_555 ? ? ? ? ? ? ? 2.305 ? ? 
metalc4 metalc ? ? A THR 34  O   ? ? ? 1_555 B CA . CA ? ? A THR 214 A CA 401 1_555 ? ? ? ? ? ? ? 2.573 ? ? 
metalc5 metalc ? ? A THR 34  OG1 ? ? ? 1_555 B CA . CA ? ? A THR 214 A CA 401 1_555 ? ? ? ? ? ? ? 2.440 ? ? 
metalc6 metalc ? ? A THR 127 O   ? ? ? 1_555 B CA . CA ? ? A THR 307 A CA 401 1_555 ? ? ? ? ? ? ? 2.286 ? ? 
metalc7 metalc ? ? A GLU 128 OE2 A ? ? 1_555 B CA . CA ? ? A GLU 308 A CA 401 1_555 ? ? ? ? ? ? ? 2.437 ? ? 
# 
_struct_conn_type.id          metalc 
_struct_conn_type.criteria    ? 
_struct_conn_type.reference   ? 
# 
loop_
_struct_sheet.id 
_struct_sheet.type 
_struct_sheet.number_strands 
_struct_sheet.details 
AA1 ? 4 ? 
AA2 ? 6 ? 
# 
loop_
_struct_sheet_order.sheet_id 
_struct_sheet_order.range_id_1 
_struct_sheet_order.range_id_2 
_struct_sheet_order.offset 
_struct_sheet_order.sense 
AA1 1 2 ? anti-parallel 
AA1 2 3 ? anti-parallel 
AA2 1 2 ? anti-parallel 
AA2 2 3 ? anti-parallel 
AA2 4 5 ? anti-parallel 
AA2 5 6 ? anti-parallel 
# 
loop_
_struct_sheet_range.sheet_id 
_struct_sheet_range.id 
_struct_sheet_range.beg_label_comp_id 
_struct_sheet_range.beg_label_asym_id 
_struct_sheet_range.beg_label_seq_id 
_struct_sheet_range.pdbx_beg_PDB_ins_code 
_struct_sheet_range.end_label_comp_id 
_struct_sheet_range.end_label_asym_id 
_struct_sheet_range.end_label_seq_id 
_struct_sheet_range.pdbx_end_PDB_ins_code 
_struct_sheet_range.beg_auth_comp_id 
_struct_sheet_range.beg_auth_asym_id 
_struct_sheet_range.beg_auth_seq_id 
_struct_sheet_range.end_auth_comp_id 
_struct_sheet_range.end_auth_asym_id 
_struct_sheet_range.end_auth_seq_id 
AA1 1 MET A 7   ? GLN A 8   ? MET A -1  GLN A 188 
AA1 2 TRP A 123 ? HIS A 133 ? TRP A 303 HIS A 313 
AA1 3 TYR A 44  ? TRP A 62  ? TYR A 224 TRP A 242 
AA1 4 TRP A 36  ? ASN A 39  ? TRP A 216 ASN A 219 
AA2 1 ALA A 13  ? ALA A 16  ? ALA A 193 ALA A 196 
AA2 2 TYR A 44  ? TRP A 62  ? TYR A 224 TRP A 242 
AA2 3 TRP A 123 ? HIS A 133 ? TRP A 303 HIS A 313 
AA2 4 GLU A 99  ? ASN A 118 ? GLU A 279 ASN A 298 
AA2 5 SER A 70  ? ASP A 79  ? SER A 250 ASP A 259 
AA2 6 SER A 82  ? THR A 90  ? SER A 262 THR A 270 
# 
loop_
_pdbx_struct_sheet_hbond.sheet_id 
_pdbx_struct_sheet_hbond.range_id_1 
_pdbx_struct_sheet_hbond.range_id_2 
_pdbx_struct_sheet_hbond.range_1_label_atom_id 
_pdbx_struct_sheet_hbond.range_1_label_comp_id 
_pdbx_struct_sheet_hbond.range_1_label_asym_id 
_pdbx_struct_sheet_hbond.range_1_label_seq_id 
_pdbx_struct_sheet_hbond.range_1_PDB_ins_code 
_pdbx_struct_sheet_hbond.range_1_auth_atom_id 
_pdbx_struct_sheet_hbond.range_1_auth_comp_id 
_pdbx_struct_sheet_hbond.range_1_auth_asym_id 
_pdbx_struct_sheet_hbond.range_1_auth_seq_id 
_pdbx_struct_sheet_hbond.range_2_label_atom_id 
_pdbx_struct_sheet_hbond.range_2_label_comp_id 
_pdbx_struct_sheet_hbond.range_2_label_asym_id 
_pdbx_struct_sheet_hbond.range_2_label_seq_id 
_pdbx_struct_sheet_hbond.range_2_PDB_ins_code 
_pdbx_struct_sheet_hbond.range_2_auth_atom_id 
_pdbx_struct_sheet_hbond.range_2_auth_comp_id 
_pdbx_struct_sheet_hbond.range_2_auth_asym_id 
_pdbx_struct_sheet_hbond.range_2_auth_seq_id 
AA1 1 2 N MET A 7   ? N MET A -1  O HIS A 133 ? O HIS A 313 
AA1 2 3 O ALA A 130 ? O ALA A 310 N LYS A 59  ? N LYS A 239 
AA2 1 2 N THR A 15  ? N THR A 195 O THR A 46  ? O THR A 226 
AA2 2 3 N LYS A 59  ? N LYS A 239 O ALA A 130 ? O ALA A 310 
AA2 4 5 O ARG A 112 ? O ARG A 292 N SER A 75  ? N SER A 255 
AA2 5 6 N ILE A 74  ? N ILE A 254 O TYR A 87  ? O TYR A 267 
# 
_atom_sites.entry_id                    7D29 
_atom_sites.Cartn_transf_matrix[1][1]   ? 
_atom_sites.Cartn_transf_matrix[1][2]   ? 
_atom_sites.Cartn_transf_matrix[1][3]   ? 
_atom_sites.Cartn_transf_matrix[2][1]   ? 
_atom_sites.Cartn_transf_matrix[2][2]   ? 
_atom_sites.Cartn_transf_matrix[2][3]   ? 
_atom_sites.Cartn_transf_matrix[3][1]   ? 
_atom_sites.Cartn_transf_matrix[3][2]   ? 
_atom_sites.Cartn_transf_matrix[3][3]   ? 
_atom_sites.Cartn_transf_vector[1]      ? 
_atom_sites.Cartn_transf_vector[2]      ? 
_atom_sites.Cartn_transf_vector[3]      ? 
_atom_sites.fract_transf_matrix[1][1]   0.02193381 
_atom_sites.fract_transf_matrix[1][2]   -0.00177810 
_atom_sites.fract_transf_matrix[1][3]   0.00674749 
_atom_sites.fract_transf_matrix[2][1]   0.00315088 
_atom_sites.fract_transf_matrix[2][2]   -0.01164330 
_atom_sites.fract_transf_matrix[2][3]   -0.01331070 
_atom_sites.fract_transf_matrix[3][1]   0.00422692 
_atom_sites.fract_transf_matrix[3][2]   0.01295042 
_atom_sites.fract_transf_matrix[3][3]   -0.01032757 
_atom_sites.fract_transf_vector[1]      0.419349 
_atom_sites.fract_transf_vector[2]      0.197022 
_atom_sites.fract_transf_vector[3]      0.336584 
_atom_sites.solution_primary            ? 
_atom_sites.solution_secondary          ? 
_atom_sites.solution_hydrogens          ? 
_atom_sites.special_details             ? 
# 
loop_
_atom_type.symbol 
_atom_type.pdbx_scat_Z 
_atom_type.pdbx_N_electrons 
_atom_type.scat_Cromer_Mann_a1 
_atom_type.scat_Cromer_Mann_b1 
_atom_type.scat_Cromer_Mann_a2 
_atom_type.scat_Cromer_Mann_b2 
_atom_type.scat_Cromer_Mann_a3 
_atom_type.scat_Cromer_Mann_b3 
_atom_type.scat_Cromer_Mann_a4 
_atom_type.scat_Cromer_Mann_b4 
_atom_type.scat_Cromer_Mann_c 
C  6  6  2.310  20.844 1.020 10.208 1.589 0.569  0.865 51.651  0.216   
CA 20 20 8.627  10.442 7.387 0.660  1.590 85.748 1.021 178.437 1.375   
H  1  1  0.493  10.511 0.323 26.126 0.140 3.142  0.041 57.800  0.003   
N  7  7  12.222 0.006  3.135 9.893  2.014 28.997 1.167 0.583   -11.538 
O  8  8  3.049  13.277 2.287 5.701  1.546 0.324  0.867 32.909  0.251   
S  16 16 6.905  1.468  5.203 22.215 1.438 0.254  1.586 56.172  0.867   
# 
loop_
_atom_site.group_PDB 
_atom_site.id 
_atom_site.type_symbol 
_atom_site.label_atom_id 
_atom_site.label_alt_id 
_atom_site.label_comp_id 
_atom_site.label_asym_id 
_atom_site.label_entity_id 
_atom_site.label_seq_id 
_atom_site.pdbx_PDB_ins_code 
_atom_site.Cartn_x 
_atom_site.Cartn_y 
_atom_site.Cartn_z 
_atom_site.occupancy 
_atom_site.B_iso_or_equiv 
_atom_site.pdbx_formal_charge 
_atom_site.auth_seq_id 
_atom_site.auth_comp_id 
_atom_site.auth_asym_id 
_atom_site.auth_atom_id 
_atom_site.pdbx_PDB_model_num 
ATOM   1    N  N   . HIS A 1 6   ? 10.060  4.434   -16.336 1.000 23.385 0 -2  HIS A N   1 
ATOM   2    C  CA  . HIS A 1 6   ? 9.545   3.860   -15.079 1.000 21.547 0 -2  HIS A CA  1 
ATOM   3    C  C   . HIS A 1 6   ? 9.989   4.781   -13.930 1.000 18.497 0 -2  HIS A C   1 
ATOM   4    O  O   . HIS A 1 6   ? 11.200  5.011   -13.815 1.000 15.786 0 -2  HIS A O   1 
ATOM   5    C  CB  . HIS A 1 6   ? 10.115  2.455   -14.894 1.000 30.454 0 -2  HIS A CB  1 
ATOM   6    C  CG  . HIS A 1 6   ? 9.114   1.375   -14.717 1.000 42.697 0 -2  HIS A CG  1 
ATOM   7    N  ND1 . HIS A 1 6   ? 8.601   0.678   -15.805 1.000 50.388 0 -2  HIS A ND1 1 
ATOM   8    C  CD2 . HIS A 1 6   ? 8.576   0.828   -13.602 1.000 50.495 0 -2  HIS A CD2 1 
ATOM   9    C  CE1 . HIS A 1 6   ? 7.774   -0.250  -15.365 1.000 57.853 0 -2  HIS A CE1 1 
ATOM   10   N  NE2 . HIS A 1 6   ? 7.734   -0.174  -14.007 1.000 58.105 0 -2  HIS A NE2 1 
ATOM   11   N  N   . MET A 1 7   ? 9.081   5.311   -13.111 1.000 14.609 0 -1  MET A N   1 
ATOM   12   C  CA  A MET A 1 7   ? 9.423   6.275   -12.035 0.500 14.449 0 -1  MET A CA  1 
ATOM   13   C  CA  B MET A 1 7   ? 9.482   6.230   -12.022 0.500 13.858 0 -1  MET A CA  1 
ATOM   14   C  C   . MET A 1 7   ? 8.894   5.724   -10.703 1.000 13.238 0 -1  MET A C   1 
ATOM   15   O  O   . MET A 1 7   ? 7.747   5.273   -10.684 1.000 11.933 0 -1  MET A O   1 
ATOM   16   C  CB  A MET A 1 7   ? 8.788   7.643   -12.270 0.500 16.261 0 -1  MET A CB  1 
ATOM   17   C  CB  B MET A 1 7   ? 9.019   7.660   -12.275 0.500 14.929 0 -1  MET A CB  1 
ATOM   18   C  CG  A MET A 1 7   ? 9.089   8.255   -13.625 0.500 18.821 0 -1  MET A CG  1 
ATOM   19   C  CG  B MET A 1 7   ? 9.864   8.381   -13.317 0.500 16.067 0 -1  MET A CG  1 
ATOM   20   S  SD  A MET A 1 7   ? 8.251   9.843   -13.691 0.500 21.882 0 -1  MET A SD  1 
ATOM   21   S  SD  B MET A 1 7   ? 9.064   9.901   -13.777 0.500 18.953 0 -1  MET A SD  1 
ATOM   22   C  CE  A MET A 1 7   ? 8.979   10.595  -12.238 0.500 20.900 0 -1  MET A CE  1 
ATOM   23   C  CE  B MET A 1 7   ? 7.509   9.303   -14.439 0.500 16.675 0 -1  MET A CE  1 
ATOM   24   N  N   . GLN A 1 8   ? 9.817   5.693   -9.658  1.000 11.512 0 188 GLN A N   1 
ATOM   25   C  CA  . GLN A 1 8   ? 9.382   5.307   -8.304  1.000 12.605 0 188 GLN A CA  1 
ATOM   26   C  C   . GLN A 1 8   ? 9.459   6.558   -7.459  1.000 12.395 0 188 GLN A C   1 
ATOM   27   O  O   . GLN A 1 8   ? 10.553  7.091   -7.308  1.000 12.267 0 188 GLN A O   1 
ATOM   28   C  CB  . GLN A 1 8   ? 10.362  4.233   -7.823  1.000 16.731 0 188 GLN A CB  1 
ATOM   29   C  CG  . GLN A 1 8   ? 10.190  3.790   -6.396  1.000 19.537 0 188 GLN A CG  1 
ATOM   30   C  CD  . GLN A 1 8   ? 11.247  2.727   -6.109  1.000 24.758 0 188 GLN A CD  1 
ATOM   31   O  OE1 . GLN A 1 8   ? 11.996  2.820   -5.146  1.000 25.028 0 188 GLN A OE1 1 
ATOM   32   N  NE2 . GLN A 1 8   ? 11.358  1.718   -6.969  1.000 23.861 0 188 GLN A NE2 1 
ATOM   33   N  N   . TYR A 1 9   ? 8.331   7.058   -6.953  1.000 10.455 0 189 TYR A N   1 
ATOM   34   C  CA  . TYR A 1 9   ? 8.286   8.368   -6.310  1.000 9.996  0 189 TYR A CA  1 
ATOM   35   C  C   . TYR A 1 9   ? 8.753   8.247   -4.862  1.000 9.909  0 189 TYR A C   1 
ATOM   36   O  O   . TYR A 1 9   ? 8.411   7.303   -4.115  1.000 9.198  0 189 TYR A O   1 
ATOM   37   C  CB  . TYR A 1 9   ? 6.867   8.888   -6.339  1.000 10.526 0 189 TYR A CB  1 
ATOM   38   C  CG  . TYR A 1 9   ? 6.374   9.193   -7.730  1.000 11.286 0 189 TYR A CG  1 
ATOM   39   C  CD1 . TYR A 1 9   ? 7.005   10.147  -8.512  1.000 13.054 0 189 TYR A CD1 1 
ATOM   40   C  CD2 . TYR A 1 9   ? 5.237   8.606   -8.228  1.000 10.989 0 189 TYR A CD2 1 
ATOM   41   C  CE1 . TYR A 1 9   ? 6.553   10.468  -9.777  1.000 13.205 0 189 TYR A CE1 1 
ATOM   42   C  CE2 . TYR A 1 9   ? 4.765   8.909   -9.494  1.000 12.381 0 189 TYR A CE2 1 
ATOM   43   C  CZ  . TYR A 1 9   ? 5.393   9.885   -10.247 1.000 12.925 0 189 TYR A CZ  1 
ATOM   44   O  OH  . TYR A 1 9   ? 4.917   10.254  -11.473 1.000 11.807 0 189 TYR A OH  1 
ATOM   45   N  N   . ASP A 1 10  ? 9.472   9.266   -4.445  1.000 10.888 0 190 ASP A N   1 
ATOM   46   C  CA  . ASP A 1 10  ? 9.837   9.454   -3.032  1.000 12.876 0 190 ASP A CA  1 
ATOM   47   C  C   . ASP A 1 10  ? 8.575   9.583   -2.195  1.000 12.517 0 190 ASP A C   1 
ATOM   48   O  O   . ASP A 1 10  ? 7.590   10.239  -2.634  1.000 13.322 0 190 ASP A O   1 
ATOM   49   C  CB  . ASP A 1 10  ? 10.721  10.695  -2.996  1.000 15.487 0 190 ASP A CB  1 
ATOM   50   C  CG  . ASP A 1 10  ? 11.764  10.804  -1.916  1.000 20.132 0 190 ASP A CG  1 
ATOM   51   O  OD1 . ASP A 1 10  ? 12.195  11.929  -1.752  1.000 19.543 0 190 ASP A OD1 1 
ATOM   52   O  OD2 . ASP A 1 10  ? 12.092  9.811   -1.204  1.000 22.414 0 190 ASP A OD2 1 
ATOM   53   N  N   . ILE A 1 11  ? 8.568   8.987   -1.008  1.000 11.363 0 191 ILE A N   1 
ATOM   54   C  CA  . ILE A 1 11  ? 7.435   9.080   -0.056  1.000 12.075 0 191 ILE A CA  1 
ATOM   55   C  C   . ILE A 1 11  ? 7.964   9.917   1.111   1.000 12.533 0 191 ILE A C   1 
ATOM   56   O  O   . ILE A 1 11  ? 8.875   9.455   1.814   1.000 13.427 0 191 ILE A O   1 
ATOM   57   C  CB  . ILE A 1 11  ? 6.892   7.698   0.366   1.000 11.950 0 191 ILE A CB  1 
ATOM   58   C  CG1 . ILE A 1 11  ? 6.355   6.945   -0.863  1.000 12.657 0 191 ILE A CG1 1 
ATOM   59   C  CG2 . ILE A 1 11  ? 5.858   7.911   1.451   1.000 12.647 0 191 ILE A CG2 1 
ATOM   60   C  CD1 . ILE A 1 11  ? 6.137   5.444   -0.674  1.000 13.378 0 191 ILE A CD1 1 
ATOM   61   N  N   . VAL A 1 12  ? 7.491   11.153  1.214   1.000 12.615 0 192 VAL A N   1 
ATOM   62   C  CA  . VAL A 1 12  ? 8.054   12.160  2.153   1.000 14.182 0 192 VAL A CA  1 
ATOM   63   C  C   . VAL A 1 12  ? 7.466   11.959  3.545   1.000 14.072 0 192 VAL A C   1 
ATOM   64   O  O   . VAL A 1 12  ? 8.071   12.491  4.506   1.000 15.728 0 192 VAL A O   1 
ATOM   65   C  CB  . VAL A 1 12  ? 7.865   13.605  1.649   1.000 16.204 0 192 VAL A CB  1 
ATOM   66   C  CG1 . VAL A 1 12  ? 8.476   13.759  0.258   1.000 18.291 0 192 VAL A CG1 1 
ATOM   67   C  CG2 . VAL A 1 12  ? 6.429   14.059  1.703   1.000 17.662 0 192 VAL A CG2 1 
ATOM   68   N  N   . ALA A 1 13  ? 6.309   11.301  3.684   1.000 12.537 0 193 ALA A N   1 
ATOM   69   C  CA  . ALA A 1 13  ? 5.688   11.103  5.004   1.000 13.060 0 193 ALA A CA  1 
ATOM   70   C  C   . ALA A 1 13  ? 4.692   9.963   4.916   1.000 12.938 0 193 ALA A C   1 
ATOM   71   O  O   . ALA A 1 13  ? 4.109   9.777   3.823   1.000 11.463 0 193 ALA A O   1 
ATOM   72   C  CB  . ALA A 1 13  ? 5.010   12.368  5.446   1.000 12.873 0 193 ALA A CB  1 
ATOM   73   N  N   . VAL A 1 14  ? 4.460   9.301   6.044   1.000 12.989 0 194 VAL A N   1 
ATOM   74   C  CA  . VAL A 1 14  ? 3.441   8.223   6.143   1.000 12.738 0 194 VAL A CA  1 
ATOM   75   C  C   . VAL A 1 14  ? 2.692   8.391   7.456   1.000 13.557 0 194 VAL A C   1 
ATOM   76   O  O   . VAL A 1 14  ? 3.330   8.720   8.506   1.000 13.468 0 194 VAL A O   1 
ATOM   77   C  CB  . VAL A 1 14  ? 4.067   6.825   6.042   1.000 14.966 0 194 VAL A CB  1 
ATOM   78   C  CG1 . VAL A 1 14  ? 3.020   5.743   6.069   1.000 15.096 0 194 VAL A CG1 1 
ATOM   79   C  CG2 . VAL A 1 14  ? 4.923   6.698   4.806   1.000 19.790 0 194 VAL A CG2 1 
ATOM   80   N  N   . THR A 1 15  ? 1.391   8.226   7.412   1.000 11.292 0 195 THR A N   1 
ATOM   81   C  CA  . THR A 1 15  ? 0.547   8.230   8.634   1.000 11.584 0 195 THR A CA  1 
ATOM   82   C  C   . THR A 1 15  ? -0.381  7.032   8.539   1.000 11.308 0 195 THR A C   1 
ATOM   83   O  O   . THR A 1 15  ? -0.456  6.426   7.482   1.000 9.639  0 195 THR A O   1 
ATOM   84   C  CB  . THR A 1 15  ? -0.238  9.534   8.785   1.000 12.735 0 195 THR A CB  1 
ATOM   85   O  OG1 . THR A 1 15  ? -1.227  9.551   7.757   1.000 11.870 0 195 THR A OG1 1 
ATOM   86   C  CG2 . THR A 1 15  ? 0.678   10.745  8.725   1.000 13.420 0 195 THR A CG2 1 
ATOM   87   N  N   . ALA A 1 16  ? -1.084  6.719   9.620   1.000 9.454  0 196 ALA A N   1 
ATOM   88   C  CA  . ALA A 1 16  ? -2.091  5.650   9.594   1.000 8.824  0 196 ALA A CA  1 
ATOM   89   C  C   . ALA A 1 16  ? -3.193  5.940   10.581  1.000 9.101  0 196 ALA A C   1 
ATOM   90   O  O   . ALA A 1 16  ? -2.986  6.725   11.518  1.000 10.155 0 196 ALA A O   1 
ATOM   91   C  CB  . ALA A 1 16  ? -1.487  4.294   9.908   1.000 8.280  0 196 ALA A CB  1 
ATOM   92   N  N   . SER A 1 17  ? -4.287  5.262   10.373  1.000 8.280  0 197 SER A N   1 
ATOM   93   C  CA  . SER A 1 17  ? -5.494  5.315   11.214  1.000 8.625  0 197 SER A CA  1 
ATOM   94   C  C   . SER A 1 17  ? -5.134  4.840   12.615  1.000 9.712  0 197 SER A C   1 
ATOM   95   O  O   . SER A 1 17  ? -5.743  5.314   13.584  1.000 11.364 0 197 SER A O   1 
ATOM   96   C  CB  . SER A 1 17  ? -6.592  4.521   10.587  1.000 9.051  0 197 SER A CB  1 
ATOM   97   O  OG  . SER A 1 17  ? -6.264  3.137   10.461  1.000 10.127 0 197 SER A OG  1 
ATOM   98   N  N   . ALA A 1 18  ? -4.211  3.881   12.729  1.000 10.057 0 198 ALA A N   1 
ATOM   99   C  CA  . ALA A 1 18  ? -3.775  3.275   14.012  1.000 10.118 0 198 ALA A CA  1 
ATOM   100  C  C   . ALA A 1 18  ? -2.522  2.447   13.714  1.000 9.791  0 198 ALA A C   1 
ATOM   101  O  O   . ALA A 1 18  ? -2.226  2.157   12.510  1.000 9.320  0 198 ALA A O   1 
ATOM   102  C  CB  . ALA A 1 18  ? -4.875  2.443   14.589  1.000 11.163 0 198 ALA A CB  1 
ATOM   103  N  N   . HIS A 1 19  ? -1.816  2.060   14.767  1.000 9.153  0 199 HIS A N   1 
ATOM   104  C  CA  . HIS A 1 19  ? -0.740  1.053   14.682  1.000 9.548  0 199 HIS A CA  1 
ATOM   105  C  C   . HIS A 1 19  ? -0.559  0.446   16.072  1.000 9.535  0 199 HIS A C   1 
ATOM   106  O  O   . HIS A 1 19  ? -0.964  1.083   17.051  1.000 10.522 0 199 HIS A O   1 
ATOM   107  C  CB  . HIS A 1 19  ? 0.574   1.649   14.154  1.000 9.317  0 199 HIS A CB  1 
ATOM   108  C  CG  . HIS A 1 19  ? 1.199   2.614   15.091  1.000 9.494  0 199 HIS A CG  1 
ATOM   109  N  ND1 . HIS A 1 19  ? 1.941   2.178   16.195  1.000 9.677  0 199 HIS A ND1 1 
ATOM   110  C  CD2 . HIS A 1 19  ? 1.066   3.951   15.228  1.000 10.571 0 199 HIS A CD2 1 
ATOM   111  C  CE1 . HIS A 1 19  ? 2.301   3.229   16.911  1.000 10.834 0 199 HIS A CE1 1 
ATOM   112  N  NE2 . HIS A 1 19  ? 1.786   4.337   16.342  1.000 9.211  0 199 HIS A NE2 1 
ATOM   113  N  N   . ASP A 1 20  ? 0.094   -0.702  16.141  1.000 9.364  0 200 ASP A N   1 
ATOM   114  C  CA  . ASP A 1 20  ? 0.252   -1.434  17.418  1.000 10.502 0 200 ASP A CA  1 
ATOM   115  C  C   . ASP A 1 20  ? 1.692   -1.340  17.927  1.000 11.051 0 200 ASP A C   1 
ATOM   116  O  O   . ASP A 1 20  ? 2.062   -2.230  18.726  1.000 12.816 0 200 ASP A O   1 
ATOM   117  C  CB  . ASP A 1 20  ? -0.160  -2.899  17.231  1.000 10.702 0 200 ASP A CB  1 
ATOM   118  C  CG  . ASP A 1 20  ? 0.859   -3.743  16.488  1.000 11.992 0 200 ASP A CG  1 
ATOM   119  O  OD1 . ASP A 1 20  ? 1.621   -3.161  15.697  1.000 11.398 0 200 ASP A OD1 1 
ATOM   120  O  OD2 . ASP A 1 20  ? 0.855   -4.988  16.715  1.000 12.294 0 200 ASP A OD2 1 
ATOM   121  N  N   . GLY A 1 21  ? 2.494   -0.374  17.457  1.000 9.469  0 201 GLY A N   1 
ATOM   122  C  CA  . GLY A 1 21  ? 3.930   -0.289  17.724  1.000 9.314  0 201 GLY A CA  1 
ATOM   123  C  C   . GLY A 1 21  ? 4.746   -0.674  16.531  1.000 10.167 0 201 GLY A C   1 
ATOM   124  O  O   . GLY A 1 21  ? 5.884   -0.244  16.441  1.000 11.728 0 201 GLY A O   1 
ATOM   125  N  N   . ASN A 1 22  ? 4.140   -1.415  15.607  1.000 10.040 0 202 ASN A N   1 
ATOM   126  C  CA  . ASN A 1 22  ? 4.697   -1.631  14.255  1.000 9.508  0 202 ASN A CA  1 
ATOM   127  C  C   . ASN A 1 22  ? 4.329   -0.413  13.399  1.000 9.082  0 202 ASN A C   1 
ATOM   128  O  O   . ASN A 1 22  ? 3.192   -0.327  12.928  1.000 9.145  0 202 ASN A O   1 
ATOM   129  C  CB  . ASN A 1 22  ? 4.213   -2.968  13.699  1.000 9.494  0 202 ASN A CB  1 
ATOM   130  C  CG  . ASN A 1 22  ? 4.783   -4.143  14.471  1.000 10.357 0 202 ASN A CG  1 
ATOM   131  O  OD1 . ASN A 1 22  ? 5.961   -4.468  14.313  1.000 10.313 0 202 ASN A OD1 1 
ATOM   132  N  ND2 . ASN A 1 22  ? 3.953   -4.765  15.314  1.000 11.193 0 202 ASN A ND2 1 
ATOM   133  N  N   . LEU A 1 23  ? 5.254   0.524   13.277  1.000 9.363  0 203 LEU A N   1 
ATOM   134  C  CA  . LEU A 1 23  ? 4.954   1.906   12.846  1.000 10.228 0 203 LEU A CA  1 
ATOM   135  C  C   . LEU A 1 23  ? 4.682   1.970   11.345  1.000 9.415  0 203 LEU A C   1 
ATOM   136  O  O   . LEU A 1 23  ? 5.292   1.249   10.570  1.000 9.061  0 203 LEU A O   1 
ATOM   137  C  CB  . LEU A 1 23  ? 6.115   2.827   13.176  1.000 11.016 0 203 LEU A CB  1 
ATOM   138  C  CG  . LEU A 1 23  ? 6.367   3.071   14.657  1.000 11.750 0 203 LEU A CG  1 
ATOM   139  C  CD1 . LEU A 1 23  ? 7.556   4.014   14.787  1.000 14.087 0 203 LEU A CD1 1 
ATOM   140  C  CD2 . LEU A 1 23  ? 5.132   3.633   15.290  1.000 12.640 0 203 LEU A CD2 1 
ATOM   141  N  N   . PRO A 1 24  ? 3.826   2.924   10.935  1.000 9.884  0 204 PRO A N   1 
ATOM   142  C  CA  . PRO A 1 24  ? 3.584   3.180   9.519   1.000 9.697  0 204 PRO A CA  1 
ATOM   143  C  C   . PRO A 1 24  ? 4.861   3.391   8.712   1.000 9.969  0 204 PRO A C   1 
ATOM   144  O  O   . PRO A 1 24  ? 4.958   2.841   7.595   1.000 10.207 0 204 PRO A O   1 
ATOM   145  C  CB  . PRO A 1 24  ? 2.724   4.451   9.575   1.000 9.669  0 204 PRO A CB  1 
ATOM   146  C  CG  . PRO A 1 24  ? 1.956   4.317   10.856  1.000 9.285  0 204 PRO A CG  1 
ATOM   147  C  CD  . PRO A 1 24  ? 3.019   3.805   11.805  1.000 9.457  0 204 PRO A CD  1 
ATOM   148  N  N   . GLU A 1 25  ? 5.869   4.072   9.284   1.000 9.788  0 205 GLU A N   1 
ATOM   149  C  CA  . GLU A 1 25  ? 7.156   4.336   8.578   1.000 11.966 0 205 GLU A CA  1 
ATOM   150  C  C   . GLU A 1 25  ? 7.887   3.031   8.227   1.000 9.711  0 205 GLU A C   1 
ATOM   151  O  O   . GLU A 1 25  ? 8.775   3.054   7.344   1.000 9.470  0 205 GLU A O   1 
ATOM   152  C  CB  . GLU A 1 25  ? 8.114   5.186   9.439   1.000 14.516 0 205 GLU A CB  1 
ATOM   153  C  CG  . GLU A 1 25  ? 8.668   4.386   10.625  1.000 18.359 0 205 GLU A CG  1 
ATOM   154  C  CD  . GLU A 1 25  ? 9.653   5.019   11.601  1.000 23.927 0 205 GLU A CD  1 
ATOM   155  O  OE1 . GLU A 1 25  ? 9.295   5.941   12.298  1.000 22.511 0 205 GLU A OE1 1 
ATOM   156  O  OE2 . GLU A 1 25  ? 10.780  4.511   11.687  1.000 36.318 0 205 GLU A OE2 1 
ATOM   157  N  N   . ASN A 1 26  ? 7.570   1.907   8.869   1.000 9.057  0 206 ASN A N   1 
ATOM   158  C  CA  . ASN A 1 26  ? 8.217   0.614   8.549   1.000 9.281  0 206 ASN A CA  1 
ATOM   159  C  C   . ASN A 1 26  ? 7.895   0.185   7.111   1.000 9.059  0 206 ASN A C   1 
ATOM   160  O  O   . ASN A 1 26  ? 8.567   -0.730  6.617   1.000 9.579  0 206 ASN A O   1 
ATOM   161  C  CB  . ASN A 1 26  ? 7.857   -0.479  9.539   1.000 9.239  0 206 ASN A CB  1 
ATOM   162  C  CG  . ASN A 1 26  ? 8.417   -0.233  10.913  1.000 10.008 0 206 ASN A CG  1 
ATOM   163  O  OD1 . ASN A 1 26  ? 9.260   0.646   11.113  1.000 11.381 0 206 ASN A OD1 1 
ATOM   164  N  ND2 . ASN A 1 26  ? 7.956   -1.033  11.853  1.000 11.444 0 206 ASN A ND2 1 
ATOM   165  N  N   . THR A 1 27  ? 6.855   0.743   6.479   1.000 8.230  0 207 THR A N   1 
ATOM   166  C  CA  . THR A 1 27  ? 6.505   0.395   5.077   1.000 7.576  0 207 THR A CA  1 
ATOM   167  C  C   . THR A 1 27  ? 7.471   1.039   4.092   1.000 8.231  0 207 THR A C   1 
ATOM   168  O  O   . THR A 1 27  ? 7.416   0.656   2.885   1.000 8.333  0 207 THR A O   1 
ATOM   169  C  CB  . THR A 1 27  ? 5.053   0.757   4.730   1.000 7.774  0 207 THR A CB  1 
ATOM   170  O  OG1 . THR A 1 27  ? 4.838   2.160   4.904   1.000 7.463  0 207 THR A OG1 1 
ATOM   171  C  CG2 . THR A 1 27  ? 4.075   -0.055  5.547   1.000 8.306  0 207 THR A CG2 1 
ATOM   172  N  N   . ILE A 1 28  ? 8.268   2.030   4.498   1.000 8.314  0 208 ILE A N   1 
ATOM   173  C  CA  . ILE A 1 28  ? 9.151   2.736   3.508   1.000 8.967  0 208 ILE A CA  1 
ATOM   174  C  C   . ILE A 1 28  ? 10.627  2.645   3.937   1.000 9.748  0 208 ILE A C   1 
ATOM   175  O  O   . ILE A 1 28  ? 11.389  3.547   3.580   1.000 11.384 0 208 ILE A O   1 
ATOM   176  C  CB  . ILE A 1 28  ? 8.629   4.178   3.328   1.000 8.765  0 208 ILE A CB  1 
ATOM   177  C  CG1 . ILE A 1 28  ? 8.700   5.007   4.627   1.000 9.784  0 208 ILE A CG1 1 
ATOM   178  C  CG2 . ILE A 1 28  ? 7.211   4.167   2.732   1.000 8.790  0 208 ILE A CG2 1 
ATOM   179  C  CD1 . ILE A 1 28  ? 8.480   6.514   4.438   1.000 10.220 0 208 ILE A CD1 1 
ATOM   180  N  N   . ASP A 1 29  ? 11.012  1.592   4.666   1.000 9.657  0 209 ASP A N   1 
ATOM   181  C  CA  . ASP A 1 29  ? 12.391  1.461   5.194   1.000 10.549 0 209 ASP A CA  1 
ATOM   182  C  C   . ASP A 1 29  ? 13.165  0.492   4.309   1.000 11.262 0 209 ASP A C   1 
ATOM   183  O  O   . ASP A 1 29  ? 14.388  0.248   4.547   1.000 11.886 0 209 ASP A O   1 
ATOM   184  C  CB  . ASP A 1 29  ? 12.427  1.067   6.666   1.000 9.891  0 209 ASP A CB  1 
ATOM   185  C  CG  . ASP A 1 29  ? 11.904  -0.311  6.997   1.000 10.886 0 209 ASP A CG  1 
ATOM   186  O  OD1 . ASP A 1 29  ? 11.391  -1.007  6.069   1.000 9.854  0 209 ASP A OD1 1 
ATOM   187  O  OD2 . ASP A 1 29  ? 11.927  -0.639  8.192   1.000 11.536 0 209 ASP A OD2 1 
ATOM   188  N  N   . GLY A 1 30  ? 12.530  -0.077  3.297   1.000 11.685 0 210 GLY A N   1 
ATOM   189  C  CA  . GLY A 1 30  ? 13.262  -0.993  2.402   1.000 11.865 0 210 GLY A CA  1 
ATOM   190  C  C   . GLY A 1 30  ? 13.457  -2.389  2.975   1.000 12.721 0 210 GLY A C   1 
ATOM   191  O  O   . GLY A 1 30  ? 14.158  -3.164  2.352   1.000 14.496 0 210 GLY A O   1 
ATOM   192  N  N   . ASN A 1 31  ? 12.823  -2.713  4.094   1.000 11.197 0 211 ASN A N   1 
ATOM   193  C  CA  . ASN A 1 31  ? 13.094  -3.945  4.854   1.000 11.235 0 211 ASN A CA  1 
ATOM   194  C  C   . ASN A 1 31  ? 11.855  -4.814  4.882   1.000 10.415 0 211 ASN A C   1 
ATOM   195  O  O   . ASN A 1 31  ? 10.863  -4.399  5.514   1.000 9.501  0 211 ASN A O   1 
ATOM   196  C  CB  . ASN A 1 31  ? 13.522  -3.578  6.270   1.000 11.851 0 211 ASN A CB  1 
ATOM   197  C  CG  . ASN A 1 31  ? 14.137  -4.748  7.002   1.000 13.521 0 211 ASN A CG  1 
ATOM   198  O  OD1 . ASN A 1 31  ? 13.947  -5.914  6.626   1.000 12.673 0 211 ASN A OD1 1 
ATOM   199  N  ND2 . ASN A 1 31  ? 14.899  -4.427  8.026   1.000 15.102 0 211 ASN A ND2 1 
ATOM   200  N  N   . LEU A 1 32  ? 11.913  -6.007  4.309   1.000 10.398 0 212 LEU A N   1 
ATOM   201  C  CA  . LEU A 1 32  ? 10.720  -6.886  4.330   1.000 11.012 0 212 LEU A CA  1 
ATOM   202  C  C   . LEU A 1 32  ? 10.499  -7.507  5.712   1.000 10.887 0 212 LEU A C   1 
ATOM   203  O  O   . LEU A 1 32  ? 9.449   -8.142  5.895   1.000 11.084 0 212 LEU A O   1 
ATOM   204  C  CB  . LEU A 1 32  ? 10.842  -7.969  3.266   1.000 13.980 0 212 LEU A CB  1 
ATOM   205  C  CG  . LEU A 1 32  ? 10.784  -7.438  1.830   1.000 15.118 0 212 LEU A CG  1 
ATOM   206  C  CD1 . LEU A 1 32  ? 11.239  -8.494  0.866   1.000 18.971 0 212 LEU A CD1 1 
ATOM   207  C  CD2 . LEU A 1 32  ? 9.383   -6.945  1.449   1.000 14.932 0 212 LEU A CD2 1 
ATOM   208  N  N   . SER A 1 33  ? 11.430  -7.325  6.630   1.000 11.137 0 213 SER A N   1 
ATOM   209  C  CA  A SER A 1 33  ? 11.373  -7.912  7.991   0.500 12.223 0 213 SER A CA  1 
ATOM   210  C  CA  B SER A 1 33  ? 11.338  -7.934  7.980   0.500 12.231 0 213 SER A CA  1 
ATOM   211  C  C   . SER A 1 33  ? 10.706  -6.952  8.972   1.000 12.757 0 213 SER A C   1 
ATOM   212  O  O   . SER A 1 33  ? 10.528  -7.354  10.125  1.000 13.903 0 213 SER A O   1 
ATOM   213  C  CB  A SER A 1 33  ? 12.758  -8.302  8.484   0.500 12.937 0 213 SER A CB  1 
ATOM   214  C  CB  B SER A 1 33  ? 12.695  -8.443  8.468   0.500 13.021 0 213 SER A CB  1 
ATOM   215  O  OG  A SER A 1 33  ? 13.189  -9.469  7.816   0.500 13.907 0 213 SER A OG  1 
ATOM   216  O  OG  B SER A 1 33  ? 13.472  -7.399  9.015   0.500 14.055 0 213 SER A OG  1 
ATOM   217  N  N   . THR A 1 34  ? 10.369  -5.733  8.549   1.000 10.175 0 214 THR A N   1 
ATOM   218  C  CA  . THR A 1 34  ? 9.635   -4.765  9.406   1.000 10.105 0 214 THR A CA  1 
ATOM   219  C  C   . THR A 1 34  ? 8.291   -4.436  8.766   1.000 10.181 0 214 THR A C   1 
ATOM   220  O  O   . THR A 1 34  ? 8.194   -4.431  7.519   1.000 9.977  0 214 THR A O   1 
ATOM   221  C  CB  . THR A 1 34  ? 10.418  -3.475  9.605   1.000 10.411 0 214 THR A CB  1 
ATOM   222  O  OG1 . THR A 1 34  ? 10.493  -2.816  8.337   1.000 9.155  0 214 THR A OG1 1 
ATOM   223  C  CG2 . THR A 1 34  ? 11.811  -3.732  10.155  1.000 10.878 0 214 THR A CG2 1 
ATOM   224  N  N   . ARG A 1 35  ? 7.319   -4.113  9.574   1.000 9.608  0 215 ARG A N   1 
ATOM   225  C  CA  . ARG A 1 35  ? 5.947   -3.910  9.077   1.000 9.248  0 215 ARG A CA  1 
ATOM   226  C  C   . ARG A 1 35  ? 5.242   -2.788  9.809   1.000 8.885  0 215 ARG A C   1 
ATOM   227  O  O   . ARG A 1 35  ? 5.634   -2.414  10.940  1.000 9.214  0 215 ARG A O   1 
ATOM   228  C  CB  . ARG A 1 35  ? 5.114   -5.190  9.243   1.000 9.088  0 215 ARG A CB  1 
ATOM   229  C  CG  . ARG A 1 35  ? 4.821   -5.535  10.712  1.000 9.389  0 215 ARG A CG  1 
ATOM   230  C  CD  . ARG A 1 35  ? 4.173   -6.893  10.847  1.000 9.986  0 215 ARG A CD  1 
ATOM   231  N  NE  . ARG A 1 35  ? 3.785   -7.174  12.224  1.000 10.596 0 215 ARG A NE  1 
ATOM   232  C  CZ  . ARG A 1 35  ? 4.477   -7.897  13.096  1.000 12.623 0 215 ARG A CZ  1 
ATOM   233  N  NH1 . ARG A 1 35  ? 5.644   -8.444  12.766  1.000 14.112 0 215 ARG A NH1 1 
ATOM   234  N  NH2 . ARG A 1 35  ? 3.993   -8.060  14.329  1.000 14.937 0 215 ARG A NH2 1 
ATOM   235  N  N   . TRP A 1 36  ? 4.204   -2.283  9.150   1.000 8.823  0 216 TRP A N   1 
ATOM   236  C  CA  . TRP A 1 36  ? 3.060   -1.607  9.811   1.000 8.418  0 216 TRP A CA  1 
ATOM   237  C  C   . TRP A 1 36  ? 1.998   -2.644  10.145  1.000 8.656  0 216 TRP A C   1 
ATOM   238  O  O   . TRP A 1 36  ? 1.705   -3.481  9.291   1.000 9.004  0 216 TRP A O   1 
ATOM   239  C  CB  . TRP A 1 36  ? 2.491   -0.524  8.893   1.000 8.386  0 216 TRP A CB  1 
ATOM   240  C  CG  . TRP A 1 36  ? 1.156   -0.007  9.322   1.000 8.881  0 216 TRP A CG  1 
ATOM   241  C  CD1 . TRP A 1 36  ? 0.911   0.744   10.419  1.000 9.429  0 216 TRP A CD1 1 
ATOM   242  C  CD2 . TRP A 1 36  ? -0.114  -0.198  8.665   1.000 9.343  0 216 TRP A CD2 1 
ATOM   243  N  NE1 . TRP A 1 36  ? -0.419  0.985   10.537  1.000 10.058 0 216 TRP A NE1 1 
ATOM   244  C  CE2 . TRP A 1 36  ? -1.078  0.473   9.448   1.000 9.613  0 216 TRP A CE2 1 
ATOM   245  C  CE3 . TRP A 1 36  ? -0.550  -0.901  7.529   1.000 8.882  0 216 TRP A CE3 1 
ATOM   246  C  CZ2 . TRP A 1 36  ? -2.431  0.535   9.082   1.000 9.575  0 216 TRP A CZ2 1 
ATOM   247  C  CZ3 . TRP A 1 36  ? -1.865  -0.795  7.153   1.000 9.004  0 216 TRP A CZ3 1 
ATOM   248  C  CH2 . TRP A 1 36  ? -2.810  -0.156  7.960   1.000 9.385  0 216 TRP A CH2 1 
ATOM   249  N  N   . SER A 1 37  ? 1.460   -2.604  11.358  1.000 8.082  0 217 SER A N   1 
ATOM   250  C  CA  . SER A 1 37  ? 0.312   -3.446  11.752  1.000 8.820  0 217 SER A CA  1 
ATOM   251  C  C   . SER A 1 37  ? -0.760  -2.560  12.388  1.000 9.097  0 217 SER A C   1 
ATOM   252  O  O   . SER A 1 37  ? -0.455  -1.738  13.272  1.000 8.664  0 217 SER A O   1 
ATOM   253  C  CB  . SER A 1 37  ? 0.659   -4.588  12.675  1.000 9.210  0 217 SER A CB  1 
ATOM   254  O  OG  . SER A 1 37  ? 1.554   -5.516  12.075  1.000 10.220 0 217 SER A OG  1 
ATOM   255  N  N   . ALA A 1 38  ? -1.988  -2.819  11.994  1.000 8.801  0 218 ALA A N   1 
ATOM   256  C  CA  . ALA A 1 38  ? -3.189  -2.277  12.658  1.000 9.271  0 218 ALA A CA  1 
ATOM   257  C  C   . ALA A 1 38  ? -4.289  -3.303  12.536  1.000 10.621 0 218 ALA A C   1 
ATOM   258  O  O   . ALA A 1 38  ? -4.566  -3.830  11.429  1.000 10.024 0 218 ALA A O   1 
ATOM   259  C  CB  . ALA A 1 38  ? -3.589  -0.958  12.094  1.000 9.947  0 218 ALA A CB  1 
ATOM   260  N  N   . ASN A 1 39  ? -4.944  -3.567  13.670  1.000 11.571 0 219 ASN A N   1 
ATOM   261  C  CA  . ASN A 1 39  ? -5.960  -4.628  13.764  1.000 12.884 0 219 ASN A CA  1 
ATOM   262  C  C   . ASN A 1 39  ? -7.328  -4.056  13.395  1.000 12.982 0 219 ASN A C   1 
ATOM   263  O  O   . ASN A 1 39  ? -7.717  -2.973  13.899  1.000 13.714 0 219 ASN A O   1 
ATOM   264  C  CB  . ASN A 1 39  ? -5.968  -5.205  15.173  1.000 14.487 0 219 ASN A CB  1 
ATOM   265  C  CG  . ASN A 1 39  ? -6.589  -6.581  15.196  1.000 17.343 0 219 ASN A CG  1 
ATOM   266  O  OD1 . ASN A 1 39  ? -6.884  -7.152  14.152  1.000 16.275 0 219 ASN A OD1 1 
ATOM   267  N  ND2 . ASN A 1 39  ? -6.824  -7.096  16.403  1.000 19.768 0 219 ASN A ND2 1 
ATOM   268  N  N   . GLY A 1 40  ? -8.049  -4.781  12.562  1.000 12.341 0 220 GLY A N   1 
ATOM   269  C  CA  . GLY A 1 40  ? -9.464  -4.504  12.288  1.000 15.058 0 220 GLY A CA  1 
ATOM   270  C  C   . GLY A 1 40  ? -9.733  -4.082  10.873  1.000 14.505 0 220 GLY A C   1 
ATOM   271  O  O   . GLY A 1 40  ? -8.973  -3.310  10.282  1.000 13.404 0 220 GLY A O   1 
ATOM   272  N  N   . SER A 1 41  ? -10.855 -4.542  10.344  1.000 16.575 0 221 SER A N   1 
ATOM   273  C  CA  . SER A 1 41  ? -11.296 -4.143  8.994   1.000 15.615 0 221 SER A CA  1 
ATOM   274  C  C   . SER A 1 41  ? -11.526 -2.638  8.941   1.000 16.293 0 221 SER A C   1 
ATOM   275  O  O   . SER A 1 41  ? -12.176 -2.112  9.859   1.000 17.148 0 221 SER A O   1 
ATOM   276  C  CB  . SER A 1 41  ? -12.508 -4.948  8.620   1.000 17.669 0 221 SER A CB  1 
ATOM   277  O  OG  . SER A 1 41  ? -12.958 -4.591  7.330   1.000 19.337 0 221 SER A OG  1 
ATOM   278  N  N   . GLY A 1 42  ? -10.990 -1.955  7.915   1.000 12.551 0 222 GLY A N   1 
ATOM   279  C  CA  . GLY A 1 42  ? -11.168 -0.512  7.735   1.000 12.640 0 222 GLY A CA  1 
ATOM   280  C  C   . GLY A 1 42  ? -10.004 0.305   8.255   1.000 11.934 0 222 GLY A C   1 
ATOM   281  O  O   . GLY A 1 42  ? -10.035 1.537   8.018   1.000 13.210 0 222 GLY A O   1 
ATOM   282  N  N   . GLN A 1 43  ? -8.977  -0.291  8.880   1.000 11.415 0 223 GLN A N   1 
ATOM   283  C  CA  . GLN A 1 43  ? -7.745  0.474   9.211   1.000 11.213 0 223 GLN A CA  1 
ATOM   284  C  C   . GLN A 1 43  ? -7.036  0.869   7.902   1.000 9.983  0 223 GLN A C   1 
ATOM   285  O  O   . GLN A 1 43  ? -7.277  0.229   6.858   1.000 11.060 0 223 GLN A O   1 
ATOM   286  C  CB  . GLN A 1 43  ? -6.753  -0.301  10.070  1.000 12.157 0 223 GLN A CB  1 
ATOM   287  C  CG  . GLN A 1 43  ? -7.366  -0.757  11.383  1.000 13.514 0 223 GLN A CG  1 
ATOM   288  C  CD  . GLN A 1 43  ? -7.386  0.305   12.452  1.000 16.688 0 223 GLN A CD  1 
ATOM   289  O  OE1 . GLN A 1 43  ? -7.254  1.508   12.222  1.000 15.316 0 223 GLN A OE1 1 
ATOM   290  N  NE2 . GLN A 1 43  ? -7.429  -0.173  13.698  1.000 20.070 0 223 GLN A NE2 1 
ATOM   291  N  N   . TYR A 1 44  ? -6.293  1.960   7.928   1.000 10.053 0 224 TYR A N   1 
ATOM   292  C  CA  . TYR A 1 44  ? -5.666  2.461   6.681   1.000 9.973  0 224 TYR A CA  1 
ATOM   293  C  C   . TYR A 1 44  ? -4.339  3.156   6.953   1.000 9.685  0 224 TYR A C   1 
ATOM   294  O  O   . TYR A 1 44  ? -4.020  3.570   8.060   1.000 9.710  0 224 TYR A O   1 
ATOM   295  C  CB  . TYR A 1 44  ? -6.610  3.383   5.917   1.000 10.151 0 224 TYR A CB  1 
ATOM   296  C  CG  . TYR A 1 44  ? -7.110  4.571   6.699   1.000 10.721 0 224 TYR A CG  1 
ATOM   297  C  CD1 . TYR A 1 44  ? -6.355  5.720   6.906   1.000 11.560 0 224 TYR A CD1 1 
ATOM   298  C  CD2 . TYR A 1 44  ? -8.424  4.553   7.170   1.000 12.376 0 224 TYR A CD2 1 
ATOM   299  C  CE1 . TYR A 1 44  ? -6.894  6.801   7.588   1.000 12.973 0 224 TYR A CE1 1 
ATOM   300  C  CE2 . TYR A 1 44  ? -8.975  5.631   7.830   1.000 13.626 0 224 TYR A CE2 1 
ATOM   301  C  CZ  . TYR A 1 44  ? -8.209  6.754   8.043   1.000 14.942 0 224 TYR A CZ  1 
ATOM   302  O  OH  . TYR A 1 44  ? -8.765  7.793   8.754   1.000 16.867 0 224 TYR A OH  1 
ATOM   303  N  N   . ILE A 1 45  ? -3.545  3.222   5.898   1.000 9.268  0 225 ILE A N   1 
ATOM   304  C  CA  . ILE A 1 45  ? -2.209  3.864   5.910   1.000 9.369  0 225 ILE A CA  1 
ATOM   305  C  C   . ILE A 1 45  ? -2.125  4.838   4.720   1.000 9.044  0 225 ILE A C   1 
ATOM   306  O  O   . ILE A 1 45  ? -2.578  4.479   3.578   1.000 9.540  0 225 ILE A O   1 
ATOM   307  C  CB  . ILE A 1 45  ? -1.080  2.812   5.903   1.000 9.230  0 225 ILE A CB  1 
ATOM   308  C  CG1 . ILE A 1 45  ? 0.303   3.443   6.005   1.000 9.193  0 225 ILE A CG1 1 
ATOM   309  C  CG2 . ILE A 1 45  ? -1.227  1.885   4.720   1.000 9.125  0 225 ILE A CG2 1 
ATOM   310  C  CD1 . ILE A 1 45  ? 1.405   2.452   6.396   1.000 9.535  0 225 ILE A CD1 1 
ATOM   311  N  N   . THR A 1 46  ? -1.674  6.061   4.982   1.000 8.811  0 226 THR A N   1 
ATOM   312  C  CA  . THR A 1 46  ? -1.673  7.145   3.966   1.000 9.539  0 226 THR A CA  1 
ATOM   313  C  C   . THR A 1 46  ? -0.244  7.598   3.659   1.000 9.043  0 226 THR A C   1 
ATOM   314  O  O   . THR A 1 46  ? 0.469   8.053   4.583   1.000 9.783  0 226 THR A O   1 
ATOM   315  C  CB  . THR A 1 46  ? -2.555  8.320   4.418   1.000 9.880  0 226 THR A CB  1 
ATOM   316  O  OG1 . THR A 1 46  ? -3.810  7.790   4.857   1.000 9.775  0 226 THR A OG1 1 
ATOM   317  C  CG2 . THR A 1 46  ? -2.733  9.326   3.297   1.000 11.411 0 226 THR A CG2 1 
ATOM   318  N  N   . PHE A 1 47  ? 0.144   7.576   2.377   1.000 9.498  0 227 PHE A N   1 
ATOM   319  C  CA  . PHE A 1 47  ? 1.474   7.971   1.861   1.000 10.234 0 227 PHE A CA  1 
ATOM   320  C  C   . PHE A 1 47  ? 1.368   9.351   1.231   1.000 10.395 0 227 PHE A C   1 
ATOM   321  O  O   . PHE A 1 47  ? 0.440   9.567   0.418   1.000 9.981  0 227 PHE A O   1 
ATOM   322  C  CB  . PHE A 1 47  ? 2.008   6.948   0.844   1.000 10.227 0 227 PHE A CB  1 
ATOM   323  C  CG  . PHE A 1 47  ? 1.997   5.560   1.428   1.000 10.406 0 227 PHE A CG  1 
ATOM   324  C  CD1 . PHE A 1 47  ? 3.078   5.126   2.209   1.000 11.317 0 227 PHE A CD1 1 
ATOM   325  C  CD2 . PHE A 1 47  ? 0.855   4.790   1.385   1.000 11.443 0 227 PHE A CD2 1 
ATOM   326  C  CE1 . PHE A 1 47  ? 3.034   3.889   2.828   1.000 11.316 0 227 PHE A CE1 1 
ATOM   327  C  CE2 . PHE A 1 47  ? 0.817   3.542   2.001   1.000 11.388 0 227 PHE A CE2 1 
ATOM   328  C  CZ  . PHE A 1 47  ? 1.904   3.106   2.730   1.000 10.784 0 227 PHE A CZ  1 
ATOM   329  N  N   . ASP A 1 48  ? 2.336   10.216  1.543   1.000 10.588 0 228 ASP A N   1 
ATOM   330  C  CA  . ASP A 1 48  ? 2.434   11.586  0.980   1.000 11.635 0 228 ASP A CA  1 
ATOM   331  C  C   . ASP A 1 48  ? 3.620   11.666  -0.002  1.000 11.246 0 228 ASP A C   1 
ATOM   332  O  O   . ASP A 1 48  ? 4.759   11.425  0.414   1.000 11.501 0 228 ASP A O   1 
ATOM   333  C  CB  . ASP A 1 48  ? 2.588   12.581  2.134   1.000 13.290 0 228 ASP A CB  1 
ATOM   334  C  CG  . ASP A 1 48  ? 2.591   14.027  1.704   1.000 15.249 0 228 ASP A CG  1 
ATOM   335  O  OD1 . ASP A 1 48  ? 2.466   14.278  0.491   1.000 14.428 0 228 ASP A OD1 1 
ATOM   336  O  OD2 . ASP A 1 48  ? 2.769   14.884  2.594   1.000 18.127 0 228 ASP A OD2 1 
ATOM   337  N  N   . LEU A 1 49  ? 3.390   12.003  -1.272  1.000 11.379 0 229 LEU A N   1 
ATOM   338  C  CA  . LEU A 1 49  ? 4.472   12.184  -2.259  1.000 11.425 0 229 LEU A CA  1 
ATOM   339  C  C   . LEU A 1 49  ? 5.047   13.600  -2.160  1.000 12.821 0 229 LEU A C   1 
ATOM   340  O  O   . LEU A 1 49  ? 6.041   13.872  -2.855  1.000 13.711 0 229 LEU A O   1 
ATOM   341  C  CB  . LEU A 1 49  ? 3.948   11.895  -3.669  1.000 10.501 0 229 LEU A CB  1 
ATOM   342  C  CG  . LEU A 1 49  ? 3.321   10.517  -3.861  1.000 10.816 0 229 LEU A CG  1 
ATOM   343  C  CD1 . LEU A 1 49  ? 2.944   10.302  -5.332  1.000 10.359 0 229 LEU A CD1 1 
ATOM   344  C  CD2 . LEU A 1 49  ? 4.262   9.424   -3.392  1.000 9.841  0 229 LEU A CD2 1 
ATOM   345  N  N   . GLY A 1 50  ? 4.372   14.467  -1.412  1.000 14.856 0 230 GLY A N   1 
ATOM   346  C  CA  . GLY A 1 50  ? 4.814   15.855  -1.111  1.000 15.600 0 230 GLY A CA  1 
ATOM   347  C  C   . GLY A 1 50  ? 4.314   16.867  -2.116  1.000 17.015 0 230 GLY A C   1 
ATOM   348  O  O   . GLY A 1 50  ? 4.272   18.101  -1.815  1.000 17.674 0 230 GLY A O   1 
ATOM   349  N  N   . SER A 1 51  ? 3.909   16.395  -3.283  1.000 17.242 0 231 SER A N   1 
ATOM   350  C  CA  . SER A 1 51  ? 3.274   17.203  -4.340  1.000 17.239 0 231 SER A CA  1 
ATOM   351  C  C   . SER A 1 51  ? 2.493   16.249  -5.249  1.000 17.353 0 231 SER A C   1 
ATOM   352  O  O   . SER A 1 51  ? 2.685   15.032  -5.153  1.000 17.078 0 231 SER A O   1 
ATOM   353  C  CB  . SER A 1 51  ? 4.274   18.026  -5.125  1.000 17.936 0 231 SER A CB  1 
ATOM   354  O  OG  . SER A 1 51  ? 5.247   17.249  -5.821  1.000 18.507 0 231 SER A OG  1 
ATOM   355  N  N   . ALA A 1 52  ? 1.660   16.816  -6.106  1.000 17.641 0 232 ALA A N   1 
ATOM   356  C  CA  . ALA A 1 52  ? 0.820   16.055  -7.053  1.000 16.001 0 232 ALA A CA  1 
ATOM   357  C  C   . ALA A 1 52  ? 1.705   15.397  -8.115  1.000 15.302 0 232 ALA A C   1 
ATOM   358  O  O   . ALA A 1 52  ? 2.448   16.079  -8.866  1.000 14.984 0 232 ALA A O   1 
ATOM   359  C  CB  . ALA A 1 52  ? -0.211  16.967  -7.674  1.000 18.395 0 232 ALA A CB  1 
ATOM   360  N  N   . LYS A 1 53  ? 1.560   14.090  -8.297  1.000 13.371 0 233 LYS A N   1 
ATOM   361  C  CA  . LYS A 1 53  ? 2.341   13.343  -9.306  1.000 12.962 0 233 LYS A CA  1 
ATOM   362  C  C   . LYS A 1 53  ? 1.389   12.484  -10.123 1.000 12.819 0 233 LYS A C   1 
ATOM   363  O  O   . LYS A 1 53  ? 0.311   12.150  -9.625  1.000 12.028 0 233 LYS A O   1 
ATOM   364  C  CB  . LYS A 1 53  ? 3.331   12.389  -8.641  1.000 15.448 0 233 LYS A CB  1 
ATOM   365  C  CG  . LYS A 1 53  ? 4.238   13.039  -7.607  1.000 18.117 0 233 LYS A CG  1 
ATOM   366  C  CD  . LYS A 1 53  ? 5.294   13.836  -8.211  1.000 21.001 0 233 LYS A CD  1 
ATOM   367  C  CE  . LYS A 1 53  ? 6.415   14.180  -7.244  1.000 22.216 0 233 LYS A CE  1 
ATOM   368  N  NZ  . LYS A 1 53  ? 7.132   15.370  -7.758  1.000 27.325 0 233 LYS A NZ  1 
ATOM   369  N  N   . THR A 1 54  ? 1.815   12.071  -11.300 1.000 12.831 0 234 THR A N   1 
ATOM   370  C  CA  . THR A 1 54  ? 1.024   11.091  -12.097 1.000 11.255 0 234 THR A CA  1 
ATOM   371  C  C   . THR A 1 54  ? 1.335   9.684   -11.584 1.000 9.985  0 234 THR A C   1 
ATOM   372  O  O   . THR A 1 54  ? 2.489   9.253   -11.651 1.000 10.339 0 234 THR A O   1 
ATOM   373  C  CB  . THR A 1 54  ? 1.276   11.207  -13.604 1.000 11.819 0 234 THR A CB  1 
ATOM   374  O  OG1 . THR A 1 54  ? 1.013   12.569  -13.959 1.000 13.066 0 234 THR A OG1 1 
ATOM   375  C  CG2 . THR A 1 54  ? 0.418   10.228  -14.359 1.000 12.462 0 234 THR A CG2 1 
ATOM   376  N  N   . VAL A 1 55  ? 0.306   8.989   -11.116 1.000 9.429  0 235 VAL A N   1 
ATOM   377  C  CA  . VAL A 1 55  ? 0.455   7.663   -10.491 1.000 8.761  0 235 VAL A CA  1 
ATOM   378  C  C   . VAL A 1 55  ? -0.367  6.654   -11.282 1.000 8.289  0 235 VAL A C   1 
ATOM   379  O  O   . VAL A 1 55  ? -1.546  6.923   -11.489 1.000 9.032  0 235 VAL A O   1 
ATOM   380  C  CB  . VAL A 1 55  ? 0.027   7.739   -9.020  1.000 8.567  0 235 VAL A CB  1 
ATOM   381  C  CG1 . VAL A 1 55  ? 0.004   6.399   -8.349  1.000 9.005  0 235 VAL A CG1 1 
ATOM   382  C  CG2 . VAL A 1 55  ? 0.892   8.692   -8.216  1.000 8.811  0 235 VAL A CG2 1 
ATOM   383  N  N   . ASN A 1 56  ? 0.188   5.486   -11.604 1.000 7.965  0 236 ASN A N   1 
ATOM   384  C  CA  . ASN A 1 56  ? -0.630  4.413   -12.210 1.000 8.365  0 236 ASN A CA  1 
ATOM   385  C  C   . ASN A 1 56  ? -0.342  3.056   -11.573 1.000 7.923  0 236 ASN A C   1 
ATOM   386  O  O   . ASN A 1 56  ? -0.820  2.056   -12.074 1.000 7.738  0 236 ASN A O   1 
ATOM   387  C  CB  . ASN A 1 56  ? -0.397  4.385   -13.713 1.000 9.228  0 236 ASN A CB  1 
ATOM   388  C  CG  . ASN A 1 56  ? 1.018   3.994   -14.089 1.000 11.660 0 236 ASN A CG  1 
ATOM   389  O  OD1 . ASN A 1 56  ? 1.863   3.690   -13.229 1.000 11.163 0 236 ASN A OD1 1 
ATOM   390  N  ND2 . ASN A 1 56  ? 1.273   3.980   -15.393 1.000 12.264 0 236 ASN A ND2 1 
ATOM   391  N  N   . GLN A 1 57  ? 0.402   3.023   -10.477 1.000 7.794  0 237 GLN A N   1 
ATOM   392  C  CA  . GLN A 1 57  ? 0.731   1.711   -9.893  1.000 8.796  0 237 GLN A CA  1 
ATOM   393  C  C   . GLN A 1 57  ? 1.155   1.911   -8.436  1.000 7.812  0 237 GLN A C   1 
ATOM   394  O  O   . GLN A 1 57  ? 1.942   2.801   -8.129  1.000 6.908  0 237 GLN A O   1 
ATOM   395  C  CB  . GLN A 1 57  ? 1.802   1.004   -10.739 1.000 9.705  0 237 GLN A CB  1 
ATOM   396  C  CG  . GLN A 1 57  ? 2.204   -0.358  -10.224 1.000 11.016 0 237 GLN A CG  1 
ATOM   397  C  CD  . GLN A 1 57  ? 3.279   -0.937  -11.107 1.000 12.969 0 237 GLN A CD  1 
ATOM   398  O  OE1 . GLN A 1 57  ? 4.451   -0.648  -10.924 1.000 15.825 0 237 GLN A OE1 1 
ATOM   399  N  NE2 . GLN A 1 57  ? 2.852   -1.572  -12.197 1.000 14.057 0 237 GLN A NE2 1 
ATOM   400  N  N   . VAL A 1 58  ? 0.666   1.010   -7.598  1.000 8.145  0 238 VAL A N   1 
ATOM   401  C  CA  . VAL A 1 58  ? 1.055   0.942   -6.172  1.000 8.169  0 238 VAL A CA  1 
ATOM   402  C  C   . VAL A 1 58  ? 1.474   -0.495  -5.929  1.000 8.300  0 238 VAL A C   1 
ATOM   403  O  O   . VAL A 1 58  ? 0.724   -1.400  -6.291  1.000 8.630  0 238 VAL A O   1 
ATOM   404  C  CB  . VAL A 1 58  ? -0.072  1.373   -5.212  1.000 8.832  0 238 VAL A CB  1 
ATOM   405  C  CG1 . VAL A 1 58  ? 0.299   1.145   -3.758  1.000 9.040  0 238 VAL A CG1 1 
ATOM   406  C  CG2 . VAL A 1 58  ? -0.464  2.807   -5.428  1.000 8.741  0 238 VAL A CG2 1 
ATOM   407  N  N   . LYS A 1 59  ? 2.647   -0.680  -5.345  1.000 8.669  0 239 LYS A N   1 
ATOM   408  C  CA  . LYS A 1 59  ? 3.119   -2.035  -4.958  1.000 8.873  0 239 LYS A CA  1 
ATOM   409  C  C   . LYS A 1 59  ? 3.032   -2.145  -3.455  1.000 8.936  0 239 LYS A C   1 
ATOM   410  O  O   . LYS A 1 59  ? 3.427   -1.220  -2.718  1.000 8.403  0 239 LYS A O   1 
ATOM   411  C  CB  . LYS A 1 59  ? 4.533   -2.322  -5.425  1.000 9.396  0 239 LYS A CB  1 
ATOM   412  C  CG  . LYS A 1 59  ? 4.757   -2.129  -6.905  1.000 11.418 0 239 LYS A CG  1 
ATOM   413  C  CD  . LYS A 1 59  ? 6.163   -2.510  -7.321  1.000 13.549 0 239 LYS A CD  1 
ATOM   414  C  CE  . LYS A 1 59  ? 6.357   -2.305  -8.809  1.000 15.992 0 239 LYS A CE  1 
ATOM   415  N  NZ  . LYS A 1 59  ? 7.511   -3.079  -9.300  1.000 21.264 0 239 LYS A NZ  1 
ATOM   416  N  N   . ALA A 1 60  ? 2.533   -3.274  -2.967  1.000 8.726  0 240 ALA A N   1 
ATOM   417  C  CA  . ALA A 1 60  ? 2.568   -3.523  -1.515  1.000 7.768  0 240 ALA A CA  1 
ATOM   418  C  C   . ALA A 1 60  ? 3.121   -4.926  -1.291  1.000 8.116  0 240 ALA A C   1 
ATOM   419  O  O   . ALA A 1 60  ? 2.707   -5.843  -2.008  1.000 8.811  0 240 ALA A O   1 
ATOM   420  C  CB  . ALA A 1 60  ? 1.213   -3.363  -0.892  1.000 8.576  0 240 ALA A CB  1 
ATOM   421  N  N   . ALA A 1 61  ? 3.989   -5.072  -0.300  1.000 7.300  0 241 ALA A N   1 
ATOM   422  C  CA  . ALA A 1 61  ? 4.474   -6.384  0.186   1.000 7.357  0 241 ALA A CA  1 
ATOM   423  C  C   . ALA A 1 61  ? 3.737   -6.656  1.476   1.000 7.973  0 241 ALA A C   1 
ATOM   424  O  O   . ALA A 1 61  ? 3.744   -5.813  2.348   1.000 7.989  0 241 ALA A O   1 
ATOM   425  C  CB  . ALA A 1 61  ? 5.968   -6.397  0.448   1.000 7.216  0 241 ALA A CB  1 
ATOM   426  N  N   . TRP A 1 62  ? 3.133   -7.799  1.559   1.000 7.526  0 242 TRP A N   1 
ATOM   427  C  CA  . TRP A 1 62  ? 2.230   -8.146  2.674   1.000 8.403  0 242 TRP A CA  1 
ATOM   428  C  C   . TRP A 1 62  ? 2.986   -9.000  3.687   1.000 9.463  0 242 TRP A C   1 
ATOM   429  O  O   . TRP A 1 62  ? 3.734   -9.898  3.295   1.000 9.217  0 242 TRP A O   1 
ATOM   430  C  CB  . TRP A 1 62  ? 1.004   -8.873  2.109   1.000 7.939  0 242 TRP A CB  1 
ATOM   431  C  CG  . TRP A 1 62  ? 0.152   -7.977  1.273   1.000 7.971  0 242 TRP A CG  1 
ATOM   432  C  CD1 . TRP A 1 62  ? 0.191   -7.847  -0.094  1.000 8.420  0 242 TRP A CD1 1 
ATOM   433  C  CD2 . TRP A 1 62  ? -0.852  -7.071  1.728   1.000 7.868  0 242 TRP A CD2 1 
ATOM   434  N  NE1 . TRP A 1 62  ? -0.685  -6.889  -0.508  1.000 8.487  0 242 TRP A NE1 1 
ATOM   435  C  CE2 . TRP A 1 62  ? -1.366  -6.418  0.583   1.000 8.489  0 242 TRP A CE2 1 
ATOM   436  C  CE3 . TRP A 1 62  ? -1.351  -6.705  2.994   1.000 8.432  0 242 TRP A CE3 1 
ATOM   437  C  CZ2 . TRP A 1 62  ? -2.363  -5.463  0.682   1.000 8.621  0 242 TRP A CZ2 1 
ATOM   438  C  CZ3 . TRP A 1 62  ? -2.360  -5.774  3.067   1.000 8.146  0 242 TRP A CZ3 1 
ATOM   439  C  CH2 . TRP A 1 62  ? -2.840  -5.148  1.925   1.000 8.237  0 242 TRP A CH2 1 
ATOM   440  N  N   . TYR A 1 63  ? 2.770   -8.750  4.979   1.000 9.528  0 243 TYR A N   1 
ATOM   441  C  CA  . TYR A 1 63  ? 3.286   -9.629  6.043   1.000 9.766  0 243 TYR A CA  1 
ATOM   442  C  C   . TYR A 1 63  ? 2.666   -11.021 5.888   1.000 10.070 0 243 TYR A C   1 
ATOM   443  O  O   . TYR A 1 63  ? 1.428   -11.116 5.714   1.000 8.905  0 243 TYR A O   1 
ATOM   444  C  CB  . TYR A 1 63  ? 2.846   -9.046  7.375   1.000 10.006 0 243 TYR A CB  1 
ATOM   445  C  CG  . TYR A 1 63  ? 3.326   -9.836  8.565   1.000 10.237 0 243 TYR A CG  1 
ATOM   446  C  CD1 . TYR A 1 63  ? 4.677   -9.917  8.849   1.000 11.072 0 243 TYR A CD1 1 
ATOM   447  C  CD2 . TYR A 1 63  ? 2.422   -10.402 9.436   1.000 11.910 0 243 TYR A CD2 1 
ATOM   448  C  CE1 . TYR A 1 63  ? 5.134   -10.588 9.977   1.000 13.532 0 243 TYR A CE1 1 
ATOM   449  C  CE2 . TYR A 1 63  ? 2.871   -11.070 10.565  1.000 13.182 0 243 TYR A CE2 1 
ATOM   450  C  CZ  . TYR A 1 63  ? 4.221   -11.176 10.820  1.000 14.690 0 243 TYR A CZ  1 
ATOM   451  O  OH  . TYR A 1 63  ? 4.661   -11.872 11.929  1.000 17.124 0 243 TYR A OH  1 
ATOM   452  N  N   . ASN A 1 64  ? 3.478   -12.066 5.964   1.000 10.284 0 244 ASN A N   1 
ATOM   453  C  CA  . ASN A 1 64  ? 3.001   -13.455 5.709   1.000 11.458 0 244 ASN A CA  1 
ATOM   454  C  C   . ASN A 1 64  ? 2.223   -13.493 4.377   1.000 10.984 0 244 ASN A C   1 
ATOM   455  O  O   . ASN A 1 64  ? 1.215   -14.236 4.218   1.000 10.333 0 244 ASN A O   1 
ATOM   456  C  CB  . ASN A 1 64  ? 2.164   -13.958 6.886   1.000 13.901 0 244 ASN A CB  1 
ATOM   457  C  CG  . ASN A 1 64  ? 2.977   -14.268 8.119   1.000 15.870 0 244 ASN A CG  1 
ATOM   458  O  OD1 . ASN A 1 64  ? 4.179   -14.466 8.055   1.000 20.193 0 244 ASN A OD1 1 
ATOM   459  N  ND2 . ASN A 1 64  ? 2.316   -14.352 9.258   1.000 20.370 0 244 ASN A ND2 1 
ATOM   460  N  N   . GLY A 1 65  ? 2.673   -12.718 3.374   1.000 10.473 0 245 GLY A N   1 
ATOM   461  C  CA  . GLY A 1 65  ? 1.977   -12.619 2.093   1.000 10.262 0 245 GLY A CA  1 
ATOM   462  C  C   . GLY A 1 65  ? 1.961   -13.892 1.273   1.000 10.395 0 245 GLY A C   1 
ATOM   463  O  O   . GLY A 1 65  ? 1.066   -14.039 0.434   1.000 10.237 0 245 GLY A O   1 
ATOM   464  N  N   . ASP A 1 66  ? 2.844   -14.829 1.584   1.000 10.584 0 246 ASP A N   1 
ATOM   465  C  CA  . ASP A 1 66  ? 2.905   -16.144 0.906   1.000 11.589 0 246 ASP A CA  1 
ATOM   466  C  C   . ASP A 1 66  ? 2.057   -17.174 1.660   1.000 12.100 0 246 ASP A C   1 
ATOM   467  O  O   . ASP A 1 66  ? 2.056   -18.338 1.247   1.000 12.500 0 246 ASP A O   1 
ATOM   468  C  CB  . ASP A 1 66  ? 4.355   -16.593 0.791   1.000 12.459 0 246 ASP A CB  1 
ATOM   469  C  CG  . ASP A 1 66  ? 4.997   -17.003 2.113   1.000 13.480 0 246 ASP A CG  1 
ATOM   470  O  OD1 . ASP A 1 66  ? 4.437   -16.706 3.216   1.000 14.283 0 246 ASP A OD1 1 
ATOM   471  O  OD2 . ASP A 1 66  ? 6.053   -17.614 2.039   1.000 17.155 0 246 ASP A OD2 1 
ATOM   472  N  N   . SER A 1 67  ? 1.301   -16.792 2.689   1.000 11.498 0 247 SER A N   1 
ATOM   473  C  CA  A SER A 1 67  ? 0.550   -17.742 3.565   0.500 12.702 0 247 SER A CA  1 
ATOM   474  C  CA  B SER A 1 67  ? 0.492   -17.803 3.440   0.500 12.060 0 247 SER A CA  1 
ATOM   475  C  C   . SER A 1 67  ? -0.909  -17.299 3.762   1.000 12.594 0 247 SER A C   1 
ATOM   476  O  O   . SER A 1 67  ? -1.689  -18.054 4.379   1.000 13.765 0 247 SER A O   1 
ATOM   477  C  CB  A SER A 1 67  ? 1.263   -17.851 4.905   0.500 13.056 0 247 SER A CB  1 
ATOM   478  C  CB  B SER A 1 67  ? 1.187   -18.231 4.703   0.500 12.095 0 247 SER A CB  1 
ATOM   479  O  OG  A SER A 1 67  ? 2.586   -18.385 4.758   0.500 14.737 0 247 SER A OG  1 
ATOM   480  O  OG  B SER A 1 67  ? 1.201   -17.181 5.653   0.500 11.474 0 247 SER A OG  1 
ATOM   481  N  N   . ARG A 1 68  ? -1.276  -16.094 3.358   1.000 11.738 0 248 ARG A N   1 
ATOM   482  C  CA  . ARG A 1 68  ? -2.643  -15.591 3.582   1.000 11.998 0 248 ARG A CA  1 
ATOM   483  C  C   . ARG A 1 68  ? -2.957  -14.464 2.591   1.000 10.960 0 248 ARG A C   1 
ATOM   484  O  O   . ARG A 1 68  ? -2.032  -13.885 2.049   1.000 10.624 0 248 ARG A O   1 
ATOM   485  C  CB  . ARG A 1 68  ? -2.793  -15.066 5.005   1.000 11.525 0 248 ARG A CB  1 
ATOM   486  C  CG  . ARG A 1 68  ? -2.078  -13.738 5.250   1.000 11.728 0 248 ARG A CG  1 
ATOM   487  C  CD  . ARG A 1 68  ? -1.920  -13.421 6.712   1.000 11.739 0 248 ARG A CD  1 
ATOM   488  N  NE  . ARG A 1 68  ? -1.784  -11.997 6.973   1.000 11.038 0 248 ARG A NE  1 
ATOM   489  C  CZ  . ARG A 1 68  ? -1.516  -11.479 8.160   1.000 11.839 0 248 ARG A CZ  1 
ATOM   490  N  NH1 . ARG A 1 68  ? -1.394  -12.267 9.226   1.000 13.582 0 248 ARG A NH1 1 
ATOM   491  N  NH2 . ARG A 1 68  ? -1.458  -10.155 8.294   1.000 11.642 0 248 ARG A NH2 1 
ATOM   492  N  N   . THR A 1 69  ? -4.246  -14.279 2.327   1.000 11.350 0 249 THR A N   1 
ATOM   493  C  CA  . THR A 1 69  ? -4.766  -13.258 1.397   1.000 11.582 0 249 THR A CA  1 
ATOM   494  C  C   . THR A 1 69  ? -5.328  -12.116 2.223   1.000 12.082 0 249 THR A C   1 
ATOM   495  O  O   . THR A 1 69  ? -5.942  -12.353 3.281   1.000 11.887 0 249 THR A O   1 
ATOM   496  C  CB  . THR A 1 69  ? -5.800  -13.841 0.427   1.000 12.654 0 249 THR A CB  1 
ATOM   497  O  OG1 . THR A 1 69  ? -6.858  -14.467 1.177   1.000 12.905 0 249 THR A OG1 1 
ATOM   498  C  CG2 . THR A 1 69  ? -5.166  -14.850 -0.504  1.000 13.151 0 249 THR A CG2 1 
ATOM   499  N  N   . SER A 1 70  ? -5.074  -10.896 1.778   1.000 11.984 0 250 SER A N   1 
ATOM   500  C  CA  . SER A 1 70  ? -5.553  -9.672  2.463   1.000 13.041 0 250 SER A CA  1 
ATOM   501  C  C   . SER A 1 70  ? -6.467  -8.899  1.552   1.000 12.842 0 250 SER A C   1 
ATOM   502  O  O   . SER A 1 70  ? -6.079  -8.607  0.429   1.000 12.155 0 250 SER A O   1 
ATOM   503  C  CB  . SER A 1 70  ? -4.406  -8.766  2.827   1.000 15.212 0 250 SER A CB  1 
ATOM   504  O  OG  . SER A 1 70  ? -3.594  -9.399  3.778   1.000 18.527 0 250 SER A OG  1 
ATOM   505  N  N   . GLY A 1 71  ? -7.592  -8.433  2.079   1.000 11.852 0 251 GLY A N   1 
ATOM   506  C  CA  . GLY A 1 71  ? -8.498  -7.578  1.309   1.000 11.200 0 251 GLY A CA  1 
ATOM   507  C  C   . GLY A 1 71  ? -8.120  -6.138  1.516   1.000 9.649  0 251 GLY A C   1 
ATOM   508  O  O   . GLY A 1 71  ? -7.685  -5.763  2.620   1.000 10.330 0 251 GLY A O   1 
ATOM   509  N  N   . PHE A 1 72  ? -8.173  -5.349  0.455   1.000 9.367  0 252 PHE A N   1 
ATOM   510  C  CA  . PHE A 1 72  ? -7.721  -3.950  0.531   1.000 9.454  0 252 PHE A CA  1 
ATOM   511  C  C   . PHE A 1 72  ? -8.368  -3.141  -0.585  1.000 9.343  0 252 PHE A C   1 
ATOM   512  O  O   . PHE A 1 72  ? -8.908  -3.661  -1.581  1.000 10.248 0 252 PHE A O   1 
ATOM   513  C  CB  . PHE A 1 72  ? -6.187  -3.882  0.459   1.000 10.031 0 252 PHE A CB  1 
ATOM   514  C  CG  . PHE A 1 72  ? -5.645  -4.218  -0.897  1.000 9.729  0 252 PHE A CG  1 
ATOM   515  C  CD1 . PHE A 1 72  ? -5.433  -5.545  -1.269  1.000 10.139 0 252 PHE A CD1 1 
ATOM   516  C  CD2 . PHE A 1 72  ? -5.400  -3.227  -1.836  1.000 10.716 0 252 PHE A CD2 1 
ATOM   517  C  CE1 . PHE A 1 72  ? -4.986  -5.841  -2.543  1.000 10.711 0 252 PHE A CE1 1 
ATOM   518  C  CE2 . PHE A 1 72  ? -4.978  -3.535  -3.116  1.000 11.010 0 252 PHE A CE2 1 
ATOM   519  C  CZ  . PHE A 1 72  ? -4.744  -4.837  -3.462  1.000 10.937 0 252 PHE A CZ  1 
ATOM   520  N  N   . SER A 1 73  ? -8.266  -1.845  -0.434  1.000 10.362 0 253 SER A N   1 
ATOM   521  C  CA  . SER A 1 73  ? -8.643  -0.875  -1.484  1.000 11.221 0 253 SER A CA  1 
ATOM   522  C  C   . SER A 1 73  ? -7.607  0.244   -1.481  1.000 10.586 0 253 SER A C   1 
ATOM   523  O  O   . SER A 1 73  ? -6.974  0.542   -0.426  1.000 10.677 0 253 SER A O   1 
ATOM   524  C  CB  . SER A 1 73  ? -10.060 -0.386  -1.312  1.000 14.355 0 253 SER A CB  1 
ATOM   525  O  OG  . SER A 1 73  ? -10.100 0.462   -0.217  1.000 19.850 0 253 SER A OG  1 
ATOM   526  N  N   . ILE A 1 74  ? -7.392  0.807   -2.643  1.000 8.689  0 254 ILE A N   1 
ATOM   527  C  CA  . ILE A 1 74  ? -6.433  1.926   -2.797  1.000 8.456  0 254 ILE A CA  1 
ATOM   528  C  C   . ILE A 1 74  ? -7.239  3.158   -3.191  1.000 8.711  0 254 ILE A C   1 
ATOM   529  O  O   . ILE A 1 74  ? -7.989  3.086   -4.230  1.000 8.195  0 254 ILE A O   1 
ATOM   530  C  CB  . ILE A 1 74  ? -5.344  1.636   -3.853  1.000 8.032  0 254 ILE A CB  1 
ATOM   531  C  CG1 . ILE A 1 74  ? -4.630  0.332   -3.546  1.000 8.110  0 254 ILE A CG1 1 
ATOM   532  C  CG2 . ILE A 1 74  ? -4.382  2.825   -3.980  1.000 8.561  0 254 ILE A CG2 1 
ATOM   533  C  CD1 . ILE A 1 74  ? -3.624  -0.111  -4.543  1.000 8.203  0 254 ILE A CD1 1 
ATOM   534  N  N   . SER A 1 75  ? -7.016  4.266   -2.507  1.000 8.704  0 255 SER A N   1 
ATOM   535  C  CA  . SER A 1 75  ? -7.637  5.547   -2.895  1.000 9.634  0 255 SER A CA  1 
ATOM   536  C  C   . SER A 1 75  ? -6.572  6.620   -2.971  1.000 9.887  0 255 SER A C   1 
ATOM   537  O  O   . SER A 1 75  ? -5.457  6.485   -2.406  1.000 9.395  0 255 SER A O   1 
ATOM   538  C  CB  . SER A 1 75  ? -8.743  5.872   -1.934  1.000 10.486 0 255 SER A CB  1 
ATOM   539  O  OG  . SER A 1 75  ? -8.218  6.032   -0.615  1.000 12.496 0 255 SER A OG  1 
ATOM   540  N  N   . LEU A 1 76  ? -6.865  7.685   -3.692  1.000 10.608 0 256 LEU A N   1 
ATOM   541  C  CA  . LEU A 1 76  ? -5.826  8.696   -3.902  1.000 10.978 0 256 LEU A CA  1 
ATOM   542  C  C   . LEU A 1 76  ? -6.461  10.048  -4.186  1.000 11.267 0 256 LEU A C   1 
ATOM   543  O  O   . LEU A 1 76  ? -7.662  10.137  -4.426  1.000 11.993 0 256 LEU A O   1 
ATOM   544  C  CB  . LEU A 1 76  ? -4.847  8.263   -5.007  1.000 11.438 0 256 LEU A CB  1 
ATOM   545  C  CG  . LEU A 1 76  ? -5.376  7.809   -6.367  1.000 12.061 0 256 LEU A CG  1 
ATOM   546  C  CD1 . LEU A 1 76  ? -6.115  8.918   -7.098  1.000 13.119 0 256 LEU A CD1 1 
ATOM   547  C  CD2 . LEU A 1 76  ? -4.213  7.303   -7.224  1.000 13.543 0 256 LEU A CD2 1 
ATOM   548  N  N   . GLY A 1 77  ? -5.639  11.081  -4.123  1.000 12.708 0 257 GLY A N   1 
ATOM   549  C  CA  . GLY A 1 77  ? -6.153  12.438  -4.328  1.000 13.580 0 257 GLY A CA  1 
ATOM   550  C  C   . GLY A 1 77  ? -5.175  13.471  -3.876  1.000 15.337 0 257 GLY A C   1 
ATOM   551  O  O   . GLY A 1 77  ? -4.027  13.124  -3.591  1.000 13.650 0 257 GLY A O   1 
ATOM   552  N  N   . SER A 1 78  ? -5.623  14.714  -3.874  1.000 16.887 0 258 SER A N   1 
ATOM   553  C  CA  . SER A 1 78  ? -4.751  15.893  -3.661  1.000 21.067 0 258 SER A CA  1 
ATOM   554  C  C   . SER A 1 78  ? -4.663  16.246  -2.185  1.000 22.632 0 258 SER A C   1 
ATOM   555  O  O   . SER A 1 78  ? -3.703  16.967  -1.830  1.000 21.520 0 258 SER A O   1 
ATOM   556  C  CB  . SER A 1 78  ? -5.323  17.046  -4.418  1.000 24.448 0 258 SER A CB  1 
ATOM   557  O  OG  . SER A 1 78  ? -6.554  17.381  -3.806  1.000 25.753 0 258 SER A OG  1 
ATOM   558  N  N   . ASP A 1 79  ? -5.620  15.754  -1.402  1.000 22.003 0 259 ASP A N   1 
ATOM   559  C  CA  . ASP A 1 79  ? -5.751  15.950  0.059   1.000 26.858 0 259 ASP A CA  1 
ATOM   560  C  C   . ASP A 1 79  ? -6.402  14.729  0.730   1.000 24.823 0 259 ASP A C   1 
ATOM   561  O  O   . ASP A 1 79  ? -7.298  14.101  0.174   1.000 22.967 0 259 ASP A O   1 
ATOM   562  C  CB  . ASP A 1 79  ? -6.574  17.209  0.292   1.000 28.907 0 259 ASP A CB  1 
ATOM   563  C  CG  . ASP A 1 79  ? -6.618  17.510  1.758   1.000 31.694 0 259 ASP A CG  1 
ATOM   564  O  OD1 . ASP A 1 79  ? -7.602  17.095  2.388   1.000 35.912 0 259 ASP A OD1 1 
ATOM   565  O  OD2 . ASP A 1 79  ? -5.606  18.079  2.256   1.000 38.661 0 259 ASP A OD2 1 
ATOM   566  N  N   . PRO A 1 80  ? -6.038  14.336  1.972   1.000 25.680 0 260 PRO A N   1 
ATOM   567  C  CA  . PRO A 1 80  ? -6.602  13.117  2.565   1.000 24.544 0 260 PRO A CA  1 
ATOM   568  C  C   . PRO A 1 80  ? -8.110  13.078  2.814   1.000 24.508 0 260 PRO A C   1 
ATOM   569  O  O   . PRO A 1 80  ? -8.673  11.984  2.963   1.000 23.722 0 260 PRO A O   1 
ATOM   570  C  CB  . PRO A 1 80  ? -5.925  13.024  3.939   1.000 25.953 0 260 PRO A CB  1 
ATOM   571  C  CG  . PRO A 1 80  ? -4.646  13.832  3.780   1.000 24.983 0 260 PRO A CG  1 
ATOM   572  C  CD  . PRO A 1 80  ? -4.972  14.925  2.801   1.000 25.122 0 260 PRO A CD  1 
ATOM   573  N  N   . ALA A 1 81  ? -8.712  14.269  2.900   1.000 29.868 0 261 ALA A N   1 
ATOM   574  C  CA  . ALA A 1 81  ? -10.142 14.468  3.192   1.000 33.016 0 261 ALA A CA  1 
ATOM   575  C  C   . ALA A 1 81  ? -10.943 14.229  1.908   1.000 34.057 0 261 ALA A C   1 
ATOM   576  O  O   . ALA A 1 81  ? -12.155 14.071  2.033   1.000 37.475 0 261 ALA A O   1 
ATOM   577  C  CB  . ALA A 1 81  ? -10.378 15.859  3.759   1.000 34.568 0 261 ALA A CB  1 
ATOM   578  N  N   . SER A 1 82  ? -10.290 14.226  0.737   1.000 28.226 0 262 SER A N   1 
ATOM   579  C  CA  . SER A 1 82  ? -10.972 14.019  -0.578  1.000 30.750 0 262 SER A CA  1 
ATOM   580  C  C   . SER A 1 82  ? -10.231 12.980  -1.434  1.000 27.072 0 262 SER A C   1 
ATOM   581  O  O   . SER A 1 82  ? -9.462  13.360  -2.427  1.000 26.791 0 262 SER A O   1 
ATOM   582  C  CB  . SER A 1 82  ? -11.134 15.319  -1.318  1.000 35.554 0 262 SER A CB  1 
ATOM   583  O  OG  . SER A 1 82  ? -9.870  15.937  -1.518  1.000 40.359 0 262 SER A OG  1 
ATOM   584  N  N   . LEU A 1 83  ? -10.417 11.705  -1.092  1.000 20.692 0 263 LEU A N   1 
ATOM   585  C  CA  . LEU A 1 83  ? -9.713  10.630  -1.836  1.000 16.204 0 263 LEU A CA  1 
ATOM   586  C  C   . LEU A 1 83  ? -10.759 9.905   -2.652  1.000 14.633 0 263 LEU A C   1 
ATOM   587  O  O   . LEU A 1 83  ? -11.934 9.811   -2.188  1.000 15.007 0 263 LEU A O   1 
ATOM   588  C  CB  . LEU A 1 83  ? -9.008  9.675   -0.866  1.000 17.219 0 263 LEU A CB  1 
ATOM   589  C  CG  . LEU A 1 83  ? -7.951  10.341  0.010   1.000 17.035 0 263 LEU A CG  1 
ATOM   590  C  CD1 . LEU A 1 83  ? -7.461  9.349   1.062   1.000 18.741 0 263 LEU A CD1 1 
ATOM   591  C  CD2 . LEU A 1 83  ? -6.803  10.834  -0.843  1.000 18.337 0 263 LEU A CD2 1 
ATOM   592  N  N   . THR A 1 84  ? -10.331 9.342   -3.776  1.000 13.303 0 264 THR A N   1 
ATOM   593  C  CA  . THR A 1 84  ? -11.148 8.512   -4.686  1.000 12.164 0 264 THR A CA  1 
ATOM   594  C  C   . THR A 1 84  ? -10.542 7.107   -4.766  1.000 11.484 0 264 THR A C   1 
ATOM   595  O  O   . THR A 1 84  ? -9.326  7.006   -4.947  1.000 11.848 0 264 THR A O   1 
ATOM   596  C  CB  . THR A 1 84  ? -11.189 9.170   -6.068  1.000 15.782 0 264 THR A CB  1 
ATOM   597  O  OG1 . THR A 1 84  ? -11.714 10.491  -5.866  1.000 16.957 0 264 THR A OG1 1 
ATOM   598  C  CG2 . THR A 1 84  ? -12.045 8.391   -7.026  1.000 15.144 0 264 THR A CG2 1 
ATOM   599  N  N   . GLU A 1 85  ? -11.377 6.086   -4.705  1.000 11.397 0 265 GLU A N   1 
ATOM   600  C  CA  . GLU A 1 85  ? -10.954 4.684   -4.878  1.000 11.993 0 265 GLU A CA  1 
ATOM   601  C  C   . GLU A 1 85  ? -10.574 4.435   -6.335  1.000 11.561 0 265 GLU A C   1 
ATOM   602  O  O   . GLU A 1 85  ? -11.423 4.683   -7.208  1.000 12.459 0 265 GLU A O   1 
ATOM   603  C  CB  . GLU A 1 85  ? -12.031 3.703   -4.454  1.000 13.547 0 265 GLU A CB  1 
ATOM   604  C  CG  . GLU A 1 85  ? -11.532 2.291   -4.350  1.000 15.300 0 265 GLU A CG  1 
ATOM   605  C  CD  . GLU A 1 85  ? -12.571 1.390   -3.699  1.000 18.789 0 265 GLU A CD  1 
ATOM   606  O  OE1 . GLU A 1 85  ? -12.796 1.539   -2.466  1.000 22.950 0 265 GLU A OE1 1 
ATOM   607  O  OE2 . GLU A 1 85  ? -13.191 0.658   -4.415  1.000 18.813 0 265 GLU A OE2 1 
ATOM   608  N  N   . VAL A 1 86  ? -9.377  3.895   -6.532  1.000 9.707  0 266 VAL A N   1 
ATOM   609  C  CA  . VAL A 1 86  ? -8.836  3.530   -7.865  1.000 9.237  0 266 VAL A CA  1 
ATOM   610  C  C   . VAL A 1 86  ? -8.641  2.020   -8.009  1.000 9.538  0 266 VAL A C   1 
ATOM   611  O  O   . VAL A 1 86  ? -8.407  1.566   -9.133  1.000 9.677  0 266 VAL A O   1 
ATOM   612  C  CB  . VAL A 1 86  ? -7.543  4.292   -8.167  1.000 9.438  0 266 VAL A CB  1 
ATOM   613  C  CG1 . VAL A 1 86  ? -7.740  5.794   -8.286  1.000 9.571  0 266 VAL A CG1 1 
ATOM   614  C  CG2 . VAL A 1 86  ? -6.433  3.984   -7.181  1.000 9.737  0 266 VAL A CG2 1 
ATOM   615  N  N   . TYR A 1 87  ? -8.656  1.263   -6.921  1.000 9.630  0 267 TYR A N   1 
ATOM   616  C  CA  . TYR A 1 87  ? -8.358  -0.186  -6.969  1.000 10.205 0 267 TYR A CA  1 
ATOM   617  C  C   . TYR A 1 87  ? -8.989  -0.818  -5.754  1.000 10.980 0 267 TYR A C   1 
ATOM   618  O  O   . TYR A 1 87  ? -8.949  -0.249  -4.678  1.000 10.195 0 267 TYR A O   1 
ATOM   619  C  CB  . TYR A 1 87  ? -6.846  -0.432  -7.008  1.000 10.536 0 267 TYR A CB  1 
ATOM   620  C  CG  . TYR A 1 87  ? -6.427  -1.813  -7.400  1.000 10.877 0 267 TYR A CG  1 
ATOM   621  C  CD1 . TYR A 1 87  ? -6.435  -2.842  -6.477  1.000 10.427 0 267 TYR A CD1 1 
ATOM   622  C  CD2 . TYR A 1 87  ? -6.021  -2.075  -8.700  1.000 10.839 0 267 TYR A CD2 1 
ATOM   623  C  CE1 . TYR A 1 87  ? -6.085  -4.119  -6.866  1.000 12.127 0 267 TYR A CE1 1 
ATOM   624  C  CE2 . TYR A 1 87  ? -5.608  -3.340  -9.080  1.000 12.692 0 267 TYR A CE2 1 
ATOM   625  C  CZ  . TYR A 1 87  ? -5.667  -4.362  -8.154  1.000 12.731 0 267 TYR A CZ  1 
ATOM   626  O  OH  . TYR A 1 87  ? -5.290  -5.625  -8.531  1.000 15.022 0 267 TYR A OH  1 
ATOM   627  N  N   . SER A 1 88  ? -9.563  -1.982  -5.932  1.000 11.067 0 268 SER A N   1 
ATOM   628  C  CA  A SER A 1 88  ? -10.102 -2.803  -4.816  0.500 11.791 0 268 SER A CA  1 
ATOM   629  C  CA  B SER A 1 88  ? -10.005 -2.800  -4.780  0.500 11.860 0 268 SER A CA  1 
ATOM   630  C  C   . SER A 1 88  ? -9.824  -4.272  -5.140  1.000 12.054 0 268 SER A C   1 
ATOM   631  O  O   . SER A 1 88  ? -10.065 -4.697  -6.309  1.000 13.227 0 268 SER A O   1 
ATOM   632  C  CB  A SER A 1 88  ? -11.575 -2.548  -4.625  0.500 12.666 0 268 SER A CB  1 
ATOM   633  C  CB  B SER A 1 88  ? -11.403 -2.468  -4.389  0.500 12.863 0 268 SER A CB  1 
ATOM   634  O  OG  A SER A 1 88  ? -12.108 -3.412  -3.625  0.500 12.575 0 268 SER A OG  1 
ATOM   635  O  OG  B SER A 1 88  ? -12.321 -3.156  -5.216  0.500 12.793 0 268 SER A OG  1 
ATOM   636  N  N   . GLY A 1 89  ? -9.349  -5.036  -4.194  1.000 11.313 0 269 GLY A N   1 
ATOM   637  C  CA  . GLY A 1 89  ? -9.168  -6.474  -4.451  1.000 11.589 0 269 GLY A CA  1 
ATOM   638  C  C   . GLY A 1 89  ? -8.599  -7.181  -3.249  1.000 12.124 0 269 GLY A C   1 
ATOM   639  O  O   . GLY A 1 89  ? -8.808  -6.763  -2.100  1.000 11.297 0 269 GLY A O   1 
ATOM   640  N  N   . THR A 1 90  ? -7.893  -8.259  -3.526  1.000 12.326 0 270 THR A N   1 
ATOM   641  C  CA  . THR A 1 90  ? -7.363  -9.187  -2.528  1.000 11.862 0 270 THR A CA  1 
ATOM   642  C  C   . THR A 1 90  ? -5.963  -9.558  -3.006  1.000 12.222 0 270 THR A C   1 
ATOM   643  O  O   . THR A 1 90  ? -5.808  -9.888  -4.174  1.000 15.021 0 270 THR A O   1 
ATOM   644  C  CB  . THR A 1 90  ? -8.255  -10.445 -2.419  1.000 14.064 0 270 THR A CB  1 
ATOM   645  O  OG1 . THR A 1 90  ? -9.602  -10.041 -2.135  1.000 16.530 0 270 THR A OG1 1 
ATOM   646  C  CG2 . THR A 1 90  ? -7.801  -11.388 -1.336  1.000 14.882 0 270 THR A CG2 1 
ATOM   647  N  N   . SER A 1 91  ? -4.992  -9.495  -2.113  1.000 11.196 0 271 SER A N   1 
ATOM   648  C  CA  . SER A 1 91  ? -3.596  -9.902  -2.348  1.000 10.500 0 271 SER A CA  1 
ATOM   649  C  C   . SER A 1 91  ? -3.585  -11.386 -2.737  1.000 10.539 0 271 SER A C   1 
ATOM   650  O  O   . SER A 1 91  ? -4.558  -12.120 -2.413  1.000 11.259 0 271 SER A O   1 
ATOM   651  C  CB  . SER A 1 91  ? -2.744  -9.590  -1.172  1.000 10.467 0 271 SER A CB  1 
ATOM   652  O  OG  . SER A 1 91  ? -2.859  -10.537 -0.142  1.000 10.071 0 271 SER A OG  1 
ATOM   653  N  N   . SER A 1 92  ? -2.545  -11.797 -3.471  1.000 10.028 0 272 SER A N   1 
ATOM   654  C  CA  . SER A 1 92  ? -2.492  -13.136 -4.110  1.000 10.281 0 272 SER A CA  1 
ATOM   655  C  C   . SER A 1 92  ? -2.384  -14.257 -3.072  1.000 10.013 0 272 SER A C   1 
ATOM   656  O  O   . SER A 1 92  ? -2.801  -15.390 -3.392  1.000 10.313 0 272 SER A O   1 
ATOM   657  C  CB  . SER A 1 92  ? -1.367  -13.216 -5.095  1.000 8.889  0 272 SER A CB  1 
ATOM   658  O  OG  . SER A 1 92  ? -0.134  -13.186 -4.434  1.000 9.478  0 272 SER A OG  1 
ATOM   659  N  N   . GLY A 1 93  ? -1.756  -13.992 -1.923  1.000 10.032 0 273 GLY A N   1 
ATOM   660  C  CA  . GLY A 1 93  ? -1.411  -15.057 -0.990  1.000 11.698 0 273 GLY A CA  1 
ATOM   661  C  C   . GLY A 1 93  ? -0.234  -15.885 -1.494  1.000 11.600 0 273 GLY A C   1 
ATOM   662  O  O   . GLY A 1 93  ? -0.008  -16.969 -0.935  1.000 11.151 0 273 GLY A O   1 
ATOM   663  N  N   . GLN A 1 94  ? 0.502   -15.417 -2.511  1.000 9.533  0 274 GLN A N   1 
ATOM   664  C  CA  . GLN A 1 94  ? 1.511   -16.265 -3.205  1.000 9.700  0 274 GLN A CA  1 
ATOM   665  C  C   . GLN A 1 94  ? 2.945   -15.714 -3.164  1.000 10.513 0 274 GLN A C   1 
ATOM   666  O  O   . GLN A 1 94  ? 3.824   -16.302 -3.824  1.000 10.994 0 274 GLN A O   1 
ATOM   667  C  CB  . GLN A 1 94  ? 1.015   -16.471 -4.629  1.000 9.470  0 274 GLN A CB  1 
ATOM   668  C  CG  . GLN A 1 94  ? -0.227  -17.332 -4.674  1.000 10.672 0 274 GLN A CG  1 
ATOM   669  C  CD  . GLN A 1 94  ? -0.876  -17.351 -6.038  1.000 11.145 0 274 GLN A CD  1 
ATOM   670  O  OE1 . GLN A 1 94  ? -0.234  -17.494 -7.062  1.000 10.711 0 274 GLN A OE1 1 
ATOM   671  N  NE2 . GLN A 1 94  ? -2.147  -17.016 -6.089  1.000 14.228 0 274 GLN A NE2 1 
ATOM   672  N  N   . THR A 1 95  ? 3.209   -14.619 -2.447  1.000 10.687 0 275 THR A N   1 
ATOM   673  C  CA  . THR A 1 95  ? 4.565   -14.069 -2.367  1.000 9.276  0 275 THR A CA  1 
ATOM   674  C  C   . THR A 1 95  ? 4.673   -13.121 -1.172  1.000 9.652  0 275 THR A C   1 
ATOM   675  O  O   . THR A 1 95  ? 3.654   -12.443 -0.798  1.000 9.362  0 275 THR A O   1 
ATOM   676  C  CB  . THR A 1 95  ? 4.928   -13.299 -3.655  1.000 9.744  0 275 THR A CB  1 
ATOM   677  O  OG1 . THR A 1 95  ? 6.333   -13.063 -3.657  1.000 10.406 0 275 THR A OG1 1 
ATOM   678  C  CG2 . THR A 1 95  ? 4.157   -11.997 -3.803  1.000 9.809  0 275 THR A CG2 1 
ATOM   679  N  N   . ASN A 1 96  ? 5.887   -13.019 -0.680  1.000 9.364  0 276 ASN A N   1 
ATOM   680  C  CA  . ASN A 1 96  ? 6.246   -11.982 0.328   1.000 11.169 0 276 ASN A CA  1 
ATOM   681  C  C   . ASN A 1 96  ? 6.795   -10.729 -0.357  1.000 10.346 0 276 ASN A C   1 
ATOM   682  O  O   . ASN A 1 96  ? 7.013   -9.715  0.330   1.000 9.727  0 276 ASN A O   1 
ATOM   683  C  CB  . ASN A 1 96  ? 7.268   -12.536 1.298   1.000 12.602 0 276 ASN A CB  1 
ATOM   684  C  CG  . ASN A 1 96  ? 6.660   -13.579 2.195   1.000 14.754 0 276 ASN A CG  1 
ATOM   685  O  OD1 . ASN A 1 96  ? 5.503   -13.462 2.600   1.000 17.033 0 276 ASN A OD1 1 
ATOM   686  N  ND2 . ASN A 1 96  ? 7.446   -14.584 2.512   1.000 18.185 0 276 ASN A ND2 1 
ATOM   687  N  N   . ALA A 1 97  ? 7.005   -10.764 -1.667  1.000 9.783  0 277 ALA A N   1 
ATOM   688  C  CA  . ALA A 1 97  ? 7.603   -9.609  -2.379  1.000 9.310  0 277 ALA A CA  1 
ATOM   689  C  C   . ALA A 1 97  ? 6.556   -8.497  -2.563  1.000 8.443  0 277 ALA A C   1 
ATOM   690  O  O   . ALA A 1 97  ? 5.338   -8.705  -2.405  1.000 7.584  0 277 ALA A O   1 
ATOM   691  C  CB  . ALA A 1 97  ? 8.126   -10.042 -3.720  1.000 9.839  0 277 ALA A CB  1 
ATOM   692  N  N   . LEU A 1 98  ? 7.030   -7.328  -2.978  1.000 8.931  0 278 LEU A N   1 
ATOM   693  C  CA  . LEU A 1 98  ? 6.144   -6.262  -3.485  1.000 8.727  0 278 LEU A CA  1 
ATOM   694  C  C   . LEU A 1 98  ? 5.262   -6.813  -4.594  1.000 9.378  0 278 LEU A C   1 
ATOM   695  O  O   . LEU A 1 98  ? 5.800   -7.408  -5.568  1.000 9.080  0 278 LEU A O   1 
ATOM   696  C  CB  . LEU A 1 98  ? 6.996   -5.106  -4.006  1.000 8.871  0 278 LEU A CB  1 
ATOM   697  C  CG  . LEU A 1 98  ? 7.680   -4.267  -2.955  1.000 9.904  0 278 LEU A CG  1 
ATOM   698  C  CD1 . LEU A 1 98  ? 8.741   -3.434  -3.643  1.000 10.312 0 278 LEU A CD1 1 
ATOM   699  C  CD2 . LEU A 1 98  ? 6.658   -3.392  -2.242  1.000 9.567  0 278 LEU A CD2 1 
ATOM   700  N  N   . GLU A 1 99  ? 3.964   -6.617  -4.435  1.000 8.701  0 279 GLU A N   1 
ATOM   701  C  CA  . GLU A 1 99  ? 2.940   -7.045  -5.403  1.000 9.767  0 279 GLU A CA  1 
ATOM   702  C  C   . GLU A 1 99  ? 2.324   -5.812  -6.049  1.000 9.422  0 279 GLU A C   1 
ATOM   703  O  O   . GLU A 1 99  ? 1.909   -4.942  -5.328  1.000 9.123  0 279 GLU A O   1 
ATOM   704  C  CB  . GLU A 1 99  ? 1.924   -7.903  -4.665  1.000 9.673  0 279 GLU A CB  1 
ATOM   705  C  CG  . GLU A 1 99  ? 0.880   -8.503  -5.598  1.000 9.882  0 279 GLU A CG  1 
ATOM   706  C  CD  . GLU A 1 99  ? 0.186   -9.666  -4.946  1.000 9.710  0 279 GLU A CD  1 
ATOM   707  O  OE1 . GLU A 1 99  ? 0.830   -10.728 -4.848  1.000 10.288 0 279 GLU A OE1 1 
ATOM   708  O  OE2 . GLU A 1 99  ? -0.990  -9.499  -4.475  1.000 9.663  0 279 GLU A OE2 1 
ATOM   709  N  N   . SER A 1 100 ? 2.262   -5.766  -7.381  1.000 9.500  0 280 SER A N   1 
ATOM   710  C  CA  . SER A 1 100 ? 1.864   -4.570  -8.157  1.000 10.290 0 280 SER A CA  1 
ATOM   711  C  C   . SER A 1 100 ? 0.338   -4.507  -8.325  1.000 9.282  0 280 SER A C   1 
ATOM   712  O  O   . SER A 1 100 ? -0.259  -5.523  -8.776  1.000 9.071  0 280 SER A O   1 
ATOM   713  C  CB  . SER A 1 100 ? 2.496   -4.600  -9.535  1.000 11.658 0 280 SER A CB  1 
ATOM   714  O  OG  . SER A 1 100 ? 3.904   -4.473  -9.418  1.000 16.741 0 280 SER A OG  1 
ATOM   715  N  N   . TYR A 1 101 ? -0.246  -3.343  -8.053  1.000 8.503  0 281 TYR A N   1 
ATOM   716  C  CA  . TYR A 1 101 ? -1.679  -3.039  -8.284  1.000 8.854  0 281 TYR A CA  1 
ATOM   717  C  C   . TYR A 1 101 ? -1.721  -1.863  -9.233  1.000 8.833  0 281 TYR A C   1 
ATOM   718  O  O   . TYR A 1 101 ? -1.361  -0.762  -8.828  1.000 8.731  0 281 TYR A O   1 
ATOM   719  C  CB  . TYR A 1 101 ? -2.397  -2.855  -6.954  1.000 8.627  0 281 TYR A CB  1 
ATOM   720  C  CG  . TYR A 1 101 ? -2.135  -3.977  -5.995  1.000 8.150  0 281 TYR A CG  1 
ATOM   721  C  CD1 . TYR A 1 101 ? -2.525  -5.269  -6.295  1.000 8.635  0 281 TYR A CD1 1 
ATOM   722  C  CD2 . TYR A 1 101 ? -1.429  -3.760  -4.823  1.000 7.834  0 281 TYR A CD2 1 
ATOM   723  C  CE1 . TYR A 1 101 ? -2.274  -6.306  -5.418  1.000 8.784  0 281 TYR A CE1 1 
ATOM   724  C  CE2 . TYR A 1 101 ? -1.187  -4.785  -3.934  1.000 8.613  0 281 TYR A CE2 1 
ATOM   725  C  CZ  . TYR A 1 101 ? -1.587  -6.076  -4.246  1.000 8.902  0 281 TYR A CZ  1 
ATOM   726  O  OH  . TYR A 1 101 ? -1.300  -7.115  -3.414  1.000 9.975  0 281 TYR A OH  1 
ATOM   727  N  N   . SER A 1 102 ? -2.066  -2.142  -10.492 1.000 9.905  0 282 SER A N   1 
ATOM   728  C  CA  . SER A 1 102 ? -2.034  -1.130  -11.572 1.000 10.743 0 282 SER A CA  1 
ATOM   729  C  C   . SER A 1 102 ? -3.450  -0.615  -11.855 1.000 10.191 0 282 SER A C   1 
ATOM   730  O  O   . SER A 1 102 ? -4.429  -1.327  -11.601 1.000 10.468 0 282 SER A O   1 
ATOM   731  C  CB  . SER A 1 102 ? -1.416  -1.709  -12.835 1.000 12.495 0 282 SER A CB  1 
ATOM   732  O  OG  . SER A 1 102 ? -0.072  -2.087  -12.599 1.000 14.397 0 282 SER A OG  1 
ATOM   733  N  N   . PHE A 1 103 ? -3.530  0.625   -12.291 1.000 10.042 0 283 PHE A N   1 
ATOM   734  C  CA  . PHE A 1 103 ? -4.812  1.297   -12.608 1.000 9.844  0 283 PHE A CA  1 
ATOM   735  C  C   . PHE A 1 103 ? -4.526  2.457   -13.537 1.000 10.779 0 283 PHE A C   1 
ATOM   736  O  O   . PHE A 1 103 ? -3.343  2.925   -13.685 1.000 9.811  0 283 PHE A O   1 
ATOM   737  C  CB  . PHE A 1 103 ? -5.489  1.741   -11.312 1.000 9.395  0 283 PHE A CB  1 
ATOM   738  C  CG  . PHE A 1 103 ? -4.550  2.442   -10.364 1.000 8.397  0 283 PHE A CG  1 
ATOM   739  C  CD1 . PHE A 1 103 ? -4.256  3.780   -10.511 1.000 8.235  0 283 PHE A CD1 1 
ATOM   740  C  CD2 . PHE A 1 103 ? -3.992  1.761   -9.306  1.000 8.882  0 283 PHE A CD2 1 
ATOM   741  C  CE1 . PHE A 1 103 ? -3.439  4.438   -9.600  1.000 7.902  0 283 PHE A CE1 1 
ATOM   742  C  CE2 . PHE A 1 103 ? -3.120  2.393   -8.415  1.000 8.129  0 283 PHE A CE2 1 
ATOM   743  C  CZ  . PHE A 1 103 ? -2.858  3.727   -8.556  1.000 8.193  0 283 PHE A CZ  1 
ATOM   744  N  N   . THR A 1 104 ? -5.592  2.973   -14.162 1.000 10.265 0 284 THR A N   1 
ATOM   745  C  CA  . THR A 1 104 ? -5.431  4.126   -15.078 1.000 10.318 0 284 THR A CA  1 
ATOM   746  C  C   . THR A 1 104 ? -4.692  5.295   -14.417 1.000 9.953  0 284 THR A C   1 
ATOM   747  O  O   . THR A 1 104 ? -5.053  5.703   -13.294 1.000 10.037 0 284 THR A O   1 
ATOM   748  C  CB  . THR A 1 104 ? -6.781  4.525   -15.698 1.000 10.191 0 284 THR A CB  1 
ATOM   749  O  OG1 . THR A 1 104 ? -7.265  3.348   -16.314 1.000 13.128 0 284 THR A OG1 1 
ATOM   750  C  CG2 . THR A 1 104 ? -6.660  5.693   -16.637 1.000 11.819 0 284 THR A CG2 1 
ATOM   751  N  N   . ALA A 1 105 ? -3.691  5.829   -15.111 1.000 10.359 0 285 ALA A N   1 
ATOM   752  C  CA  . ALA A 1 105 ? -2.829  6.957   -14.653 1.000 10.263 0 285 ALA A CA  1 
ATOM   753  C  C   . ALA A 1 105 ? -3.693  8.146   -14.222 1.000 11.654 0 285 ALA A C   1 
ATOM   754  O  O   . ALA A 1 105 ? -4.620  8.577   -14.967 1.000 10.968 0 285 ALA A O   1 
ATOM   755  C  CB  . ALA A 1 105 ? -1.852  7.374   -15.732 1.000 10.387 0 285 ALA A CB  1 
ATOM   756  N  N   . THR A 1 106 ? -3.371  8.733   -13.075 1.000 10.757 0 286 THR A N   1 
ATOM   757  C  CA  . THR A 1 106 ? -4.156  9.856   -12.526 1.000 11.653 0 286 THR A CA  1 
ATOM   758  C  C   . THR A 1 106 ? -3.289  10.644  -11.544 1.000 12.988 0 286 THR A C   1 
ATOM   759  O  O   . THR A 1 106 ? -2.247  10.147  -11.124 1.000 11.232 0 286 THR A O   1 
ATOM   760  C  CB  . THR A 1 106 ? -5.450  9.312   -11.915 1.000 12.445 0 286 THR A CB  1 
ATOM   761  O  OG1 . THR A 1 106 ? -6.349  10.414  -11.716 1.000 10.603 0 286 THR A OG1 1 
ATOM   762  C  CG2 . THR A 1 106 ? -5.191  8.611   -10.604 1.000 12.537 0 286 THR A CG2 1 
ATOM   763  N  N   . THR A 1 107 ? -3.669  11.883  -11.273 1.000 14.376 0 287 THR A N   1 
ATOM   764  C  CA  . THR A 1 107 ? -2.872  12.794  -10.443 1.000 14.058 0 287 THR A CA  1 
ATOM   765  C  C   . THR A 1 107 ? -3.211  12.552  -8.978  1.000 12.469 0 287 THR A C   1 
ATOM   766  O  O   . THR A 1 107 ? -4.404  12.485  -8.583  1.000 13.239 0 287 THR A O   1 
ATOM   767  C  CB  . THR A 1 107 ? -3.124  14.251  -10.846 1.000 14.872 0 287 THR A CB  1 
ATOM   768  O  OG1 . THR A 1 107 ? -2.755  14.373  -12.214 1.000 15.379 0 287 THR A OG1 1 
ATOM   769  C  CG2 . THR A 1 107 ? -2.346  15.190  -9.980  1.000 15.858 0 287 THR A CG2 1 
ATOM   770  N  N   . ALA A 1 108 ? -2.168  12.471  -8.158  1.000 11.841 0 288 ALA A N   1 
ATOM   771  C  CA  . ALA A 1 108 ? -2.351  12.333  -6.711  1.000 12.199 0 288 ALA A CA  1 
ATOM   772  C  C   . ALA A 1 108 ? -1.106  12.841  -5.982  1.000 11.304 0 288 ALA A C   1 
ATOM   773  O  O   . ALA A 1 108 ? 0.019   12.581  -6.416  1.000 12.006 0 288 ALA A O   1 
ATOM   774  C  CB  . ALA A 1 108 ? -2.580  10.886  -6.342  1.000 13.106 0 288 ALA A CB  1 
ATOM   775  N  N   . ARG A 1 109 ? -1.342  13.399  -4.825  1.000 11.968 0 289 ARG A N   1 
ATOM   776  C  CA  . ARG A 1 109 ? -0.281  13.653  -3.840  1.000 11.726 0 289 ARG A CA  1 
ATOM   777  C  C   . ARG A 1 109 ? -0.360  12.584  -2.742  1.000 12.067 0 289 ARG A C   1 
ATOM   778  O  O   . ARG A 1 109 ? 0.732   12.193  -2.223  1.000 12.012 0 289 ARG A O   1 
ATOM   779  C  CB  . ARG A 1 109 ? -0.437  15.050  -3.251  1.000 13.103 0 289 ARG A CB  1 
ATOM   780  C  CG  . ARG A 1 109 ? 0.459   15.247  -2.044  1.000 14.643 0 289 ARG A CG  1 
ATOM   781  C  CD  . ARG A 1 109 ? 0.556   16.688  -1.586  1.000 14.982 0 289 ARG A CD  1 
ATOM   782  N  NE  . ARG A 1 109 ? 1.335   16.691  -0.355  1.000 16.561 0 289 ARG A NE  1 
ATOM   783  C  CZ  . ARG A 1 109 ? 1.636   17.771  0.365   1.000 20.889 0 289 ARG A CZ  1 
ATOM   784  N  NH1 . ARG A 1 109 ? 1.203   18.962  -0.010  1.000 20.520 0 289 ARG A NH1 1 
ATOM   785  N  NH2 . ARG A 1 109 ? 2.325   17.651  1.480   1.000 19.532 0 289 ARG A NH2 1 
ATOM   786  N  N   . TYR A 1 110 ? -1.571  12.146  -2.379  1.000 11.622 0 290 TYR A N   1 
ATOM   787  C  CA  . TYR A 1 110 ? -1.802  11.170  -1.278  1.000 11.178 0 290 TYR A CA  1 
ATOM   788  C  C   . TYR A 1 110 ? -2.325  9.863   -1.844  1.000 10.645 0 290 TYR A C   1 
ATOM   789  O  O   . TYR A 1 110 ? -3.197  9.886   -2.752  1.000 10.076 0 290 TYR A O   1 
ATOM   790  C  CB  . TYR A 1 110 ? -2.748  11.706  -0.192  1.000 12.569 0 290 TYR A CB  1 
ATOM   791  C  CG  . TYR A 1 110 ? -2.226  12.932  0.494   1.000 14.053 0 290 TYR A CG  1 
ATOM   792  C  CD1 . TYR A 1 110 ? -2.498  14.181  -0.023  1.000 15.398 0 290 TYR A CD1 1 
ATOM   793  C  CD2 . TYR A 1 110 ? -1.429  12.854  1.621   1.000 14.588 0 290 TYR A CD2 1 
ATOM   794  C  CE1 . TYR A 1 110 ? -2.022  15.323  0.590   1.000 18.158 0 290 TYR A CE1 1 
ATOM   795  C  CE2 . TYR A 1 110 ? -0.914  13.989  2.227   1.000 15.610 0 290 TYR A CE2 1 
ATOM   796  C  CZ  . TYR A 1 110 ? -1.241  15.232  1.722   1.000 18.124 0 290 TYR A CZ  1 
ATOM   797  O  OH  . TYR A 1 110 ? -0.771  16.366  2.333   1.000 20.599 0 290 TYR A OH  1 
ATOM   798  N  N   . ILE A 1 111 ? -1.754  8.761   -1.351  1.000 9.416  0 291 ILE A N   1 
ATOM   799  C  CA  . ILE A 1 111 ? -2.176  7.377   -1.678  1.000 9.885  0 291 ILE A CA  1 
ATOM   800  C  C   . ILE A 1 111 ? -2.525  6.722   -0.354  1.000 9.605  0 291 ILE A C   1 
ATOM   801  O  O   . ILE A 1 111 ? -1.645  6.708   0.528   1.000 11.191 0 291 ILE A O   1 
ATOM   802  C  CB  . ILE A 1 111 ? -1.091  6.584   -2.425  1.000 9.436  0 291 ILE A CB  1 
ATOM   803  C  CG1 . ILE A 1 111 ? -0.856  7.096   -3.856  1.000 9.573  0 291 ILE A CG1 1 
ATOM   804  C  CG2 . ILE A 1 111 ? -1.493  5.123   -2.474  1.000 9.311  0 291 ILE A CG2 1 
ATOM   805  C  CD1 . ILE A 1 111 ? -0.142  8.408   -4.000  1.000 11.457 0 291 ILE A CD1 1 
ATOM   806  N  N   . ARG A 1 112 ? -3.712  6.161   -0.252  1.000 9.444  0 292 ARG A N   1 
ATOM   807  C  CA  . ARG A 1 112 ? -4.178  5.487   0.982   1.000 8.376  0 292 ARG A CA  1 
ATOM   808  C  C   . ARG A 1 112 ? -4.497  4.026   0.692   1.000 8.799  0 292 ARG A C   1 
ATOM   809  O  O   . ARG A 1 112 ? -5.216  3.741   -0.306  1.000 9.744  0 292 ARG A O   1 
ATOM   810  C  CB  . ARG A 1 112 ? -5.422  6.160   1.544   1.000 9.405  0 292 ARG A CB  1 
ATOM   811  C  CG  . ARG A 1 112 ? -6.004  5.462   2.763   1.000 9.095  0 292 ARG A CG  1 
ATOM   812  C  CD  . ARG A 1 112 ? -7.084  6.285   3.430   1.000 10.248 0 292 ARG A CD  1 
ATOM   813  N  NE  . ARG A 1 112 ? -6.517  7.443   4.040   1.000 10.950 0 292 ARG A NE  1 
ATOM   814  C  CZ  . ARG A 1 112 ? -7.218  8.434   4.616   1.000 14.203 0 292 ARG A CZ  1 
ATOM   815  N  NH1 . ARG A 1 112 ? -8.531  8.372   4.670   1.000 14.779 0 292 ARG A NH1 1 
ATOM   816  N  NH2 . ARG A 1 112 ? -6.604  9.478   5.134   1.000 14.476 0 292 ARG A NH2 1 
ATOM   817  N  N   . ILE A 1 113 ? -3.938  3.120   1.494   1.000 7.899  0 293 ILE A N   1 
ATOM   818  C  CA  . ILE A 1 113 ? -4.321  1.701   1.441   1.000 8.400  0 293 ILE A CA  1 
ATOM   819  C  C   . ILE A 1 113 ? -5.206  1.430   2.635   1.000 8.750  0 293 ILE A C   1 
ATOM   820  O  O   . ILE A 1 113 ? -4.757  1.655   3.738   1.000 8.714  0 293 ILE A O   1 
ATOM   821  C  CB  . ILE A 1 113 ? -3.093  0.774   1.437   1.000 7.890  0 293 ILE A CB  1 
ATOM   822  C  CG1 . ILE A 1 113 ? -2.225  1.064   0.223   1.000 8.570  0 293 ILE A CG1 1 
ATOM   823  C  CG2 . ILE A 1 113 ? -3.570  -0.669  1.469   1.000 8.688  0 293 ILE A CG2 1 
ATOM   824  C  CD1 . ILE A 1 113 ? -0.990  0.216   0.153   1.000 9.127  0 293 ILE A CD1 1 
ATOM   825  N  N   . THR A 1 114 ? -6.425  0.977   2.379   1.000 9.382  0 294 THR A N   1 
ATOM   826  C  CA  . THR A 1 114 ? -7.378  0.561   3.420   1.000 9.552  0 294 THR A CA  1 
ATOM   827  C  C   . THR A 1 114 ? -7.369  -0.953  3.428   1.000 9.994  0 294 THR A C   1 
ATOM   828  O  O   . THR A 1 114 ? -7.553  -1.575  2.376   1.000 10.604 0 294 THR A O   1 
ATOM   829  C  CB  . THR A 1 114 ? -8.784  1.139   3.170   1.000 9.808  0 294 THR A CB  1 
ATOM   830  O  OG1 . THR A 1 114 ? -8.694  2.558   3.100   1.000 10.184 0 294 THR A OG1 1 
ATOM   831  C  CG2 . THR A 1 114 ? -9.759  0.706   4.240   1.000 10.676 0 294 THR A CG2 1 
ATOM   832  N  N   . GLY A 1 115 ? -7.186  -1.545  4.598   1.000 9.972  0 295 GLY A N   1 
ATOM   833  C  CA  . GLY A 1 115 ? -7.229  -3.000  4.724   1.000 10.603 0 295 GLY A CA  1 
ATOM   834  C  C   . GLY A 1 115 ? -8.524  -3.491  5.344   1.000 11.791 0 295 GLY A C   1 
ATOM   835  O  O   . GLY A 1 115 ? -9.072  -2.793  6.234   1.000 12.649 0 295 GLY A O   1 
ATOM   836  N  N   . PHE A 1 116 ? -8.932  -4.692  4.948   1.000 10.958 0 296 PHE A N   1 
ATOM   837  C  CA  . PHE A 1 116 ? -10.181 -5.355  5.431   1.000 13.135 0 296 PHE A CA  1 
ATOM   838  C  C   . PHE A 1 116 ? -9.830  -6.663  6.138   1.000 12.302 0 296 PHE A C   1 
ATOM   839  O  O   . PHE A 1 116 ? -10.644 -7.619  6.100   1.000 13.870 0 296 PHE A O   1 
ATOM   840  C  CB  . PHE A 1 116 ? -11.148 -5.521  4.254   1.000 13.769 0 296 PHE A CB  1 
ATOM   841  C  CG  . PHE A 1 116 ? -11.470 -4.224  3.574   1.000 14.896 0 296 PHE A CG  1 
ATOM   842  C  CD1 . PHE A 1 116 ? -12.143 -3.231  4.270   1.000 16.102 0 296 PHE A CD1 1 
ATOM   843  C  CD2 . PHE A 1 116 ? -11.046 -3.957  2.279   1.000 16.030 0 296 PHE A CD2 1 
ATOM   844  C  CE1 . PHE A 1 116 ? -12.385 -1.986  3.685   1.000 17.436 0 296 PHE A CE1 1 
ATOM   845  C  CE2 . PHE A 1 116 ? -11.286 -2.720  1.711   1.000 16.730 0 296 PHE A CE2 1 
ATOM   846  C  CZ  . PHE A 1 116 ? -11.935 -1.733  2.413   1.000 16.866 0 296 PHE A CZ  1 
ATOM   847  N  N   . GLY A 1 117 ? -8.701  -6.717  6.840   1.000 11.867 0 297 GLY A N   1 
ATOM   848  C  CA  . GLY A 1 117 ? -8.191  -7.958  7.462   1.000 12.725 0 297 GLY A CA  1 
ATOM   849  C  C   . GLY A 1 117 ? -7.769  -8.980  6.417   1.000 12.666 0 297 GLY A C   1 
ATOM   850  O  O   . GLY A 1 117 ? -7.674  -8.673  5.180   1.000 12.117 0 297 GLY A O   1 
ATOM   851  N  N   . ASN A 1 118 ? -7.600  -10.210 6.857   1.000 11.555 0 298 ASN A N   1 
ATOM   852  C  CA  . ASN A 1 118 ? -7.020  -11.227 5.959   1.000 12.405 0 298 ASN A CA  1 
ATOM   853  C  C   . ASN A 1 118 ? -7.694  -12.579 6.196   1.000 13.282 0 298 ASN A C   1 
ATOM   854  O  O   . ASN A 1 118 ? -8.575  -12.677 7.100   1.000 13.989 0 298 ASN A O   1 
ATOM   855  C  CB  . ASN A 1 118 ? -5.500  -11.253 6.155   1.000 11.818 0 298 ASN A CB  1 
ATOM   856  C  CG  . ASN A 1 118 ? -5.101  -11.693 7.538   1.000 12.196 0 298 ASN A CG  1 
ATOM   857  O  OD1 . ASN A 1 118 ? -5.158  -12.889 7.837   1.000 12.426 0 298 ASN A OD1 1 
ATOM   858  N  ND2 . ASN A 1 118 ? -4.686  -10.764 8.377   1.000 12.273 0 298 ASN A ND2 1 
ATOM   859  N  N   . SER A 1 119 ? -7.215  -13.593 5.495   1.000 13.191 0 299 SER A N   1 
ATOM   860  C  CA  . SER A 1 119 ? -7.841  -14.945 5.448   1.000 14.470 0 299 SER A CA  1 
ATOM   861  C  C   . SER A 1 119 ? -7.523  -15.706 6.750   1.000 16.799 0 299 SER A C   1 
ATOM   862  O  O   . SER A 1 119 ? -8.217  -16.727 7.035   1.000 19.492 0 299 SER A O   1 
ATOM   863  C  CB  . SER A 1 119 ? -7.417  -15.667 4.202   1.000 13.363 0 299 SER A CB  1 
ATOM   864  O  OG  . SER A 1 119 ? -6.018  -15.842 4.162   1.000 12.991 0 299 SER A OG  1 
ATOM   865  N  N   . SER A 1 120 ? -6.528  -15.275 7.526   1.000 16.591 0 300 SER A N   1 
ATOM   866  C  CA  . SER A 1 120 ? -6.142  -15.906 8.825   1.000 19.880 0 300 SER A CA  1 
ATOM   867  C  C   . SER A 1 120 ? -6.755  -15.153 10.012  1.000 20.126 0 300 SER A C   1 
ATOM   868  O  O   . SER A 1 120 ? -7.150  -15.796 10.990  1.000 20.012 0 300 SER A O   1 
ATOM   869  C  CB  . SER A 1 120 ? -4.660  -15.998 8.998   1.000 21.594 0 300 SER A CB  1 
ATOM   870  O  OG  . SER A 1 120 ? -4.118  -16.924 8.068   1.000 29.948 0 300 SER A OG  1 
ATOM   871  N  N   . ASN A 1 121 ? -6.731  -13.819 9.994   1.000 16.989 0 301 ASN A N   1 
ATOM   872  C  CA  . ASN A 1 121 ? -7.122  -13.014 11.183  1.000 16.958 0 301 ASN A CA  1 
ATOM   873  C  C   . ASN A 1 121 ? -7.510  -11.594 10.730  1.000 15.751 0 301 ASN A C   1 
ATOM   874  O  O   . ASN A 1 121 ? -7.527  -11.348 9.482   1.000 14.246 0 301 ASN A O   1 
ATOM   875  C  CB  . ASN A 1 121 ? -6.010  -13.079 12.249  1.000 16.720 0 301 ASN A CB  1 
ATOM   876  C  CG  . ASN A 1 121 ? -4.742  -12.361 11.854  1.000 16.094 0 301 ASN A CG  1 
ATOM   877  O  OD1 . ASN A 1 121 ? -4.786  -11.361 11.156  1.000 15.901 0 301 ASN A OD1 1 
ATOM   878  N  ND2 . ASN A 1 121 ? -3.606  -12.858 12.286  1.000 17.169 0 301 ASN A ND2 1 
ATOM   879  N  N   . THR A 1 122 ? -7.864  -10.714 11.679  1.000 13.627 0 302 THR A N   1 
ATOM   880  C  CA  . THR A 1 122 ? -8.425  -9.380  11.433  1.000 14.057 0 302 THR A CA  1 
ATOM   881  C  C   . THR A 1 122 ? -7.305  -8.346  11.231  1.000 13.077 0 302 THR A C   1 
ATOM   882  O  O   . THR A 1 122 ? -7.663  -7.165  10.937  1.000 12.820 0 302 THR A O   1 
ATOM   883  C  CB  . THR A 1 122 ? -9.387  -8.951  12.546  1.000 15.910 0 302 THR A CB  1 
ATOM   884  O  OG1 . THR A 1 122 ? -8.666  -9.034  13.763  1.000 18.283 0 302 THR A OG1 1 
ATOM   885  C  CG2 . THR A 1 122 ? -10.642 -9.797  12.515  1.000 19.551 0 302 THR A CG2 1 
ATOM   886  N  N   . TRP A 1 123 ? -6.030  -8.755  11.295  1.000 12.159 0 303 TRP A N   1 
ATOM   887  C  CA  . TRP A 1 123 ? -4.892  -7.808  11.181  1.000 10.851 0 303 TRP A CA  1 
ATOM   888  C  C   . TRP A 1 123 ? -4.715  -7.280  9.751   1.000 10.460 0 303 TRP A C   1 
ATOM   889  O  O   . TRP A 1 123 ? -4.985  -7.978  8.780   1.000 9.717  0 303 TRP A O   1 
ATOM   890  C  CB  . TRP A 1 123 ? -3.577  -8.407  11.708  1.000 11.045 0 303 TRP A CB  1 
ATOM   891  C  CG  . TRP A 1 123 ? -3.577  -8.476  13.207  1.000 12.967 0 303 TRP A CG  1 
ATOM   892  C  CD1 . TRP A 1 123 ? -4.073  -9.474  14.001  1.000 14.051 0 303 TRP A CD1 1 
ATOM   893  C  CD2 . TRP A 1 123 ? -3.150  -7.432  14.083  1.000 12.975 0 303 TRP A CD2 1 
ATOM   894  N  NE1 . TRP A 1 123 ? -3.928  -9.151  15.325  1.000 14.462 0 303 TRP A NE1 1 
ATOM   895  C  CE2 . TRP A 1 123 ? -3.367  -7.891  15.407  1.000 13.657 0 303 TRP A CE2 1 
ATOM   896  C  CE3 . TRP A 1 123 ? -2.602  -6.163  13.888  1.000 13.274 0 303 TRP A CE3 1 
ATOM   897  C  CZ2 . TRP A 1 123 ? -3.059  -7.099  16.498  1.000 14.258 0 303 TRP A CZ2 1 
ATOM   898  C  CZ3 . TRP A 1 123 ? -2.249  -5.411  14.983  1.000 13.485 0 303 TRP A CZ3 1 
ATOM   899  C  CH2 . TRP A 1 123 ? -2.482  -5.872  16.278  1.000 13.616 0 303 TRP A CH2 1 
ATOM   900  N  N   . ASN A 1 124 ? -4.197  -6.057  9.669   1.000 10.237 0 304 ASN A N   1 
ATOM   901  C  CA  . ASN A 1 124 ? -3.654  -5.495  8.416   1.000 9.574  0 304 ASN A CA  1 
ATOM   902  C  C   . ASN A 1 124 ? -2.180  -5.262  8.658   1.000 9.004  0 304 ASN A C   1 
ATOM   903  O  O   . ASN A 1 124 ? -1.812  -4.387  9.483   1.000 8.584  0 304 ASN A O   1 
ATOM   904  C  CB  . ASN A 1 124 ? -4.353  -4.206  8.039   1.000 9.734  0 304 ASN A CB  1 
ATOM   905  C  CG  . ASN A 1 124 ? -5.833  -4.390  8.042   1.000 10.057 0 304 ASN A CG  1 
ATOM   906  O  OD1 . ASN A 1 124 ? -6.400  -4.943  7.111   1.000 9.166  0 304 ASN A OD1 1 
ATOM   907  N  ND2 . ASN A 1 124 ? -6.431  -3.954  9.156   1.000 10.725 0 304 ASN A ND2 1 
ATOM   908  N  N   . SER A 1 125 ? -1.333  -5.992  7.925   1.000 8.837  0 305 SER A N   1 
ATOM   909  C  CA  . SER A 1 125 ? 0.123   -5.946  8.148   1.000 8.369  0 305 SER A CA  1 
ATOM   910  C  C   . SER A 1 125 ? 0.842   -5.890  6.799   1.000 7.620  0 305 SER A C   1 
ATOM   911  O  O   . SER A 1 125 ? 0.757   -6.828  6.033   1.000 7.474  0 305 SER A O   1 
ATOM   912  C  CB  . SER A 1 125 ? 0.619   -7.089  8.965   1.000 8.760  0 305 SER A CB  1 
ATOM   913  O  OG  . SER A 1 125 ? 0.109   -7.018  10.290  1.000 9.033  0 305 SER A OG  1 
ATOM   914  N  N   . ILE A 1 126 ? 1.557   -4.804  6.603   1.000 7.004  0 306 ILE A N   1 
ATOM   915  C  CA  . ILE A 1 126 ? 2.235   -4.459  5.320   1.000 6.860  0 306 ILE A CA  1 
ATOM   916  C  C   . ILE A 1 126 ? 3.701   -4.245  5.640   1.000 6.989  0 306 ILE A C   1 
ATOM   917  O  O   . ILE A 1 126 ? 4.034   -3.399  6.524   1.000 7.266  0 306 ILE A O   1 
ATOM   918  C  CB  . ILE A 1 126 ? 1.587   -3.212  4.665   1.000 6.747  0 306 ILE A CB  1 
ATOM   919  C  CG1 . ILE A 1 126 ? 0.122   -3.504  4.305   1.000 7.442  0 306 ILE A CG1 1 
ATOM   920  C  CG2 . ILE A 1 126 ? 2.329   -2.822  3.391   1.000 6.812  0 306 ILE A CG2 1 
ATOM   921  C  CD1 . ILE A 1 126 ? -0.612  -2.339  3.739   1.000 7.291  0 306 ILE A CD1 1 
ATOM   922  N  N   . THR A 1 127 ? 4.597   -4.892  4.882   1.000 7.426  0 307 THR A N   1 
ATOM   923  C  CA  . THR A 1 127 ? 6.030   -4.728  5.127   1.000 7.720  0 307 THR A CA  1 
ATOM   924  C  C   . THR A 1 127 ? 6.689   -3.653  4.266   1.000 8.472  0 307 THR A C   1 
ATOM   925  O  O   . THR A 1 127 ? 7.706   -3.066  4.721   1.000 8.932  0 307 THR A O   1 
ATOM   926  C  CB  . THR A 1 127 ? 6.740   -6.060  4.899   1.000 8.235  0 307 THR A CB  1 
ATOM   927  O  OG1 . THR A 1 127 ? 6.588   -6.451  3.536   1.000 8.444  0 307 THR A OG1 1 
ATOM   928  C  CG2 . THR A 1 127 ? 6.234   -7.126  5.828   1.000 8.405  0 307 THR A CG2 1 
ATOM   929  N  N   . GLU A 1 128 ? 6.160   -3.359  3.091   1.000 8.439  0 308 GLU A N   1 
ATOM   930  C  CA  A GLU A 1 128 ? 6.763   -2.380  2.169   0.490 8.644  0 308 GLU A CA  1 
ATOM   931  C  CA  B GLU A 1 128 ? 6.763   -2.367  2.167   0.510 8.916  0 308 GLU A CA  1 
ATOM   932  C  C   . GLU A 1 128 ? 5.683   -1.860  1.221   1.000 8.159  0 308 GLU A C   1 
ATOM   933  O  O   . GLU A 1 128 ? 4.843   -2.642  0.818   1.000 7.065  0 308 GLU A O   1 
ATOM   934  C  CB  A GLU A 1 128 ? 7.922   -2.996  1.380   0.490 8.848  0 308 GLU A CB  1 
ATOM   935  C  CB  B GLU A 1 128 ? 7.911   -2.939  1.321   0.510 9.422  0 308 GLU A CB  1 
ATOM   936  C  CG  A GLU A 1 128 ? 9.181   -3.255  2.212   0.490 9.280  0 308 GLU A CG  1 
ATOM   937  C  CG  B GLU A 1 128 ? 8.832   -1.919  0.629   0.510 10.522 0 308 GLU A CG  1 
ATOM   938  C  CD  A GLU A 1 128 ? 9.821   -1.960  2.684   0.490 10.218 0 308 GLU A CD  1 
ATOM   939  C  CD  B GLU A 1 128 ? 10.050  -2.568  -0.054  0.510 11.384 0 308 GLU A CD  1 
ATOM   940  O  OE1 A GLU A 1 128 ? 10.294  -1.176  1.799   0.490 11.172 0 308 GLU A OE1 1 
ATOM   941  O  OE1 B GLU A 1 128 ? 10.047  -3.835  -0.200  0.510 13.221 0 308 GLU A OE1 1 
ATOM   942  O  OE2 A GLU A 1 128 ? 9.818   -1.690  3.929   0.490 10.671 0 308 GLU A OE2 1 
ATOM   943  O  OE2 B GLU A 1 128 ? 11.015  -1.872  -0.447  0.510 10.492 0 308 GLU A OE2 1 
ATOM   944  N  N   . VAL A 1 129 ? 5.781   -0.588  0.878   1.000 8.379  0 309 VAL A N   1 
ATOM   945  C  CA  . VAL A 1 129 ? 4.928   0.013   -0.166  1.000 8.326  0 309 VAL A CA  1 
ATOM   946  C  C   . VAL A 1 129 ? 5.830   0.851   -1.069  1.000 8.250  0 309 VAL A C   1 
ATOM   947  O  O   . VAL A 1 129 ? 6.764   1.554   -0.588  1.000 7.901  0 309 VAL A O   1 
ATOM   948  C  CB  . VAL A 1 129 ? 3.798   0.869   0.429   1.000 8.485  0 309 VAL A CB  1 
ATOM   949  C  CG1 . VAL A 1 129 ? 3.071   1.636   -0.636  1.000 8.378  0 309 VAL A CG1 1 
ATOM   950  C  CG2 . VAL A 1 129 ? 2.834   0.024   1.238   1.000 8.193  0 309 VAL A CG2 1 
ATOM   951  N  N   . ALA A 1 130 ? 5.533   0.838   -2.361  1.000 8.648  0 310 ALA A N   1 
ATOM   952  C  CA  . ALA A 1 130 ? 6.193   1.742   -3.303  1.000 9.278  0 310 ALA A CA  1 
ATOM   953  C  C   . ALA A 1 130 ? 5.135   2.225   -4.288  1.000 9.506  0 310 ALA A C   1 
ATOM   954  O  O   . ALA A 1 130 ? 4.169   1.497   -4.570  1.000 9.235  0 310 ALA A O   1 
ATOM   955  C  CB  . ALA A 1 130 ? 7.378   1.128   -3.991  1.000 9.472  0 310 ALA A CB  1 
ATOM   956  N  N   . ILE A 1 131 ? 5.344   3.445   -4.778  1.000 8.593  0 311 ILE A N   1 
ATOM   957  C  CA  . ILE A 1 131 ? 4.322   4.140   -5.600  1.000 9.242  0 311 ILE A CA  1 
ATOM   958  C  C   . ILE A 1 131 ? 5.029   4.530   -6.879  1.000 9.824  0 311 ILE A C   1 
ATOM   959  O  O   . ILE A 1 131 ? 6.100   5.258   -6.811  1.000 11.719 0 311 ILE A O   1 
ATOM   960  C  CB  . ILE A 1 131 ? 3.715   5.309   -4.817  1.000 9.522  0 311 ILE A CB  1 
ATOM   961  C  CG1 . ILE A 1 131 ? 3.068   4.776   -3.539  1.000 10.669 0 311 ILE A CG1 1 
ATOM   962  C  CG2 . ILE A 1 131 ? 2.740   6.107   -5.673  1.000 8.842  0 311 ILE A CG2 1 
ATOM   963  C  CD1 . ILE A 1 131 ? 2.577   5.841   -2.605  1.000 12.469 0 311 ILE A CD1 1 
ATOM   964  N  N   . PHE A 1 132 ? 4.380   4.254   -8.009  1.000 8.827  0 312 PHE A N   1 
ATOM   965  C  CA  . PHE A 1 132 ? 5.022   4.353   -9.327  1.000 9.738  0 312 PHE A CA  1 
ATOM   966  C  C   . PHE A 1 132 ? 4.208   5.110   -10.363 1.000 10.759 0 312 PHE A C   1 
ATOM   967  O  O   . PHE A 1 132 ? 2.967   5.166   -10.348 1.000 9.561  0 312 PHE A O   1 
ATOM   968  C  CB  . PHE A 1 132 ? 5.239   2.961   -9.904  1.000 11.510 0 312 PHE A CB  1 
ATOM   969  C  CG  . PHE A 1 132 ? 6.197   2.131   -9.115  1.000 13.439 0 312 PHE A CG  1 
ATOM   970  C  CD1 . PHE A 1 132 ? 5.783   1.559   -7.924  1.000 15.299 0 312 PHE A CD1 1 
ATOM   971  C  CD2 . PHE A 1 132 ? 7.530   2.053   -9.476  1.000 16.438 0 312 PHE A CD2 1 
ATOM   972  C  CE1 . PHE A 1 132 ? 6.645   0.748   -7.209  1.000 16.878 0 312 PHE A CE1 1 
ATOM   973  C  CE2 . PHE A 1 132 ? 8.407   1.268   -8.726  1.000 16.404 0 312 PHE A CE2 1 
ATOM   974  C  CZ  . PHE A 1 132 ? 7.972   0.681   -7.578  1.000 15.761 0 312 PHE A CZ  1 
ATOM   975  N  N   . HIS A 1 133 ? 4.961   5.611   -11.331 1.000 10.778 0 313 HIS A N   1 
ATOM   976  C  CA  . HIS A 1 133 ? 4.470   5.924   -12.689 1.000 11.436 0 313 HIS A CA  1 
ATOM   977  C  C   . HIS A 1 133 ? 5.140   4.914   -13.585 1.000 12.560 0 313 HIS A C   1 
ATOM   978  O  O   . HIS A 1 133 ? 6.332   5.136   -13.949 1.000 12.454 0 313 HIS A O   1 
ATOM   979  C  CB  . HIS A 1 133 ? 4.757   7.351   -13.110 1.000 11.911 0 313 HIS A CB  1 
ATOM   980  C  CG  . HIS A 1 133 ? 4.064   7.714   -14.387 1.000 12.815 0 313 HIS A CG  1 
ATOM   981  N  ND1 . HIS A 1 133 ? 4.159   8.970   -14.935 1.000 15.067 0 313 HIS A ND1 1 
ATOM   982  C  CD2 . HIS A 1 133 ? 3.215   7.015   -15.167 1.000 14.916 0 313 HIS A CD2 1 
ATOM   983  C  CE1 . HIS A 1 133 ? 3.432   9.014   -16.043 1.000 15.503 0 313 HIS A CE1 1 
ATOM   984  N  NE2 . HIS A 1 133 ? 2.838   7.820   -16.211 1.000 13.231 0 313 HIS A NE2 1 
ATOM   985  N  N   . ALA A 1 134 ? 4.490   3.770   -13.789 1.000 13.927 0 314 ALA A N   1 
ATOM   986  C  CA  . ALA A 1 134 ? 5.096   2.620   -14.483 1.000 14.844 0 314 ALA A CA  1 
ATOM   987  C  C   . ALA A 1 134 ? 4.936   2.780   -16.001 1.000 18.469 0 314 ALA A C   1 
ATOM   988  O  O   . ALA A 1 134 ? 3.915   3.324   -16.485 1.000 16.203 0 314 ALA A O   1 
ATOM   989  C  CB  . ALA A 1 134 ? 4.511   1.330   -13.963 1.000 15.014 0 314 ALA A CB  1 
ATOM   990  N  N   . GLY A 1 135 ? 5.915   2.323   -16.773 1.000 20.297 0 315 GLY A N   1 
ATOM   991  C  CA  . GLY A 1 135 ? 5.726   2.244   -18.233 1.000 24.758 0 315 GLY A CA  1 
ATOM   992  C  C   . GLY A 1 135 ? 5.369   0.822   -18.636 1.000 27.889 0 315 GLY A C   1 
ATOM   993  O  O   . GLY A 1 135 ? 5.015   0.031   -17.733 1.000 25.065 0 315 GLY A O   1 
ATOM   994  N  N   . GLU A 1 136 ? 5.524   0.499   -19.929 1.000 33.649 0 316 GLU A N   1 
ATOM   995  C  CA  . GLU A 1 136 ? 5.309   -0.863  -20.507 1.000 36.884 0 316 GLU A CA  1 
ATOM   996  C  C   . GLU A 1 136 ? 6.303   -1.825  -19.838 1.000 35.063 0 316 GLU A C   1 
ATOM   997  O  O   . GLU A 1 136 ? 7.485   -1.513  -19.799 1.000 39.255 0 316 GLU A O   1 
ATOM   998  C  CB  . GLU A 1 136 ? 5.464   -0.857  -22.037 1.000 40.942 0 316 GLU A CB  1 
ATOM   999  C  CG  . GLU A 1 136 ? 6.711   -0.146  -22.542 0.100 38.003 0 316 GLU A CG  1 
ATOM   1000 C  CD  . GLU A 1 136 ? 7.268   -0.690  -23.845 0.100 36.836 0 316 GLU A CD  1 
ATOM   1001 O  OE1 . GLU A 1 136 ? 7.226   0.041   -24.851 0.100 35.355 0 316 GLU A OE1 1 
ATOM   1002 O  OE2 . GLU A 1 136 ? 7.752   -1.838  -23.847 0.100 35.745 0 316 GLU A OE2 1 
ATOM   1003 N  N   . GLU A 1 137 ? 5.834   -2.939  -19.284 1.000 34.682 0 317 GLU A N   1 
ATOM   1004 C  CA  . GLU A 1 137 ? 6.710   -3.918  -18.591 1.000 35.617 0 317 GLU A CA  1 
ATOM   1005 C  C   . GLU A 1 137 ? 6.130   -5.317  -18.804 1.000 33.053 0 317 GLU A C   1 
ATOM   1006 O  O   . GLU A 1 137 ? 4.909   -5.433  -18.928 1.000 37.556 0 317 GLU A O   1 
ATOM   1007 C  CB  . GLU A 1 137 ? 6.804   -3.586  -17.103 1.000 40.619 0 317 GLU A CB  1 
ATOM   1008 C  CG  . GLU A 1 137 ? 5.451   -3.219  -16.509 1.000 44.761 0 317 GLU A CG  1 
ATOM   1009 C  CD  . GLU A 1 137 ? 5.448   -2.809  -15.043 1.000 50.184 0 317 GLU A CD  1 
ATOM   1010 O  OE1 . GLU A 1 137 ? 6.483   -2.999  -14.356 1.000 52.434 0 317 GLU A OE1 1 
ATOM   1011 O  OE2 . GLU A 1 137 ? 4.399   -2.320  -14.589 1.000 42.035 0 317 GLU A OE2 1 
ATOM   1012 N  N   . GLY A 1 138 ? 6.976   -6.337  -18.859 1.000 27.963 0 318 GLY A N   1 
ATOM   1013 C  CA  . GLY A 1 138 ? 6.509   -7.714  -19.106 1.000 24.364 0 318 GLY A CA  1 
ATOM   1014 C  C   . GLY A 1 138 ? 7.411   -8.503  -20.038 1.000 23.802 0 318 GLY A C   1 
ATOM   1015 O  O   . GLY A 1 138 ? 8.155   -7.932  -20.880 1.000 21.035 0 318 GLY A O   1 
ATOM   1016 N  N   . ASP A 1 139 ? 7.255   -9.816  -19.999 1.000 20.091 0 319 ASP A N   1 
ATOM   1017 C  CA  . ASP A 1 139 ? 8.071   -10.730 -20.816 1.000 18.842 0 319 ASP A CA  1 
ATOM   1018 C  C   . ASP A 1 139 ? 7.634   -10.731 -22.302 1.000 22.548 0 319 ASP A C   1 
ATOM   1019 O  O   . ASP A 1 139 ? 6.432   -10.765 -22.535 1.000 26.505 0 319 ASP A O   1 
ATOM   1020 C  CB  . ASP A 1 139 ? 7.913   -12.117 -20.222 1.000 16.569 0 319 ASP A CB  1 
ATOM   1021 C  CG  . ASP A 1 139 ? 8.857   -13.108 -20.831 1.000 15.842 0 319 ASP A CG  1 
ATOM   1022 O  OD1 . ASP A 1 139 ? 9.488   -12.774 -21.860 1.000 15.292 0 319 ASP A OD1 1 
ATOM   1023 O  OD2 . ASP A 1 139 ? 8.942   -14.216 -20.278 1.000 12.798 0 319 ASP A OD2 1 
HETATM 1024 CA CA  . CA  B 2 .   ? 9.463   -2.675  6.130   1.000 14.204 0 401 CA  A CA  1 
HETATM 1025 O  O   . HOH C 3 .   ? 10.701  0.944   1.091   1.000 22.692 0 501 HOH A O   1 
HETATM 1026 O  O   . HOH C 3 .   ? 11.413  -5.080  -1.702  1.000 16.279 0 502 HOH A O   1 
HETATM 1027 O  O   . HOH C 3 .   ? 12.848  9.859   1.143   1.000 30.654 0 503 HOH A O   1 
HETATM 1028 O  O   . HOH C 3 .   ? 8.089   -5.500  -9.235  1.000 34.531 0 504 HOH A O   1 
HETATM 1029 O  O   . HOH C 3 .   ? -7.441  17.737  4.800   1.000 27.819 0 505 HOH A O   1 
HETATM 1030 O  O   . HOH C 3 .   ? -6.658  12.006  -9.585  1.000 24.520 0 506 HOH A O   1 
HETATM 1031 O  O   . HOH C 3 .   ? 6.498   -1.968  -12.049 1.000 24.271 0 507 HOH A O   1 
HETATM 1032 O  O   . HOH C 3 .   ? -3.100  12.723  -14.105 1.000 36.544 0 508 HOH A O   1 
HETATM 1033 O  O   . HOH C 3 .   ? 12.031  0.938   10.263  1.000 30.284 0 509 HOH A O   1 
HETATM 1034 O  O   . HOH C 3 .   ? -0.119  -5.791  18.997  1.000 22.938 0 510 HOH A O   1 
HETATM 1035 O  O   . HOH C 3 .   ? 0.370   -7.949  -9.533  1.000 15.771 0 511 HOH A O   1 
HETATM 1036 O  O   . HOH C 3 .   ? 12.582  -2.737  -2.360  1.000 28.220 0 512 HOH A O   1 
HETATM 1037 O  O   . HOH C 3 .   ? 10.143  3.448   -3.393  1.000 16.085 0 513 HOH A O   1 
HETATM 1038 O  O   . HOH C 3 .   ? -0.150  14.702  -12.339 1.000 27.199 0 514 HOH A O   1 
HETATM 1039 O  O   . HOH C 3 .   ? -14.561 -6.460  6.408   1.000 29.071 0 515 HOH A O   1 
HETATM 1040 O  O   . HOH C 3 .   ? 9.504   7.060   14.683  1.000 40.423 0 516 HOH A O   1 
HETATM 1041 O  O   . HOH C 3 .   ? 10.278  2.095   13.076  1.000 37.504 0 517 HOH A O   1 
HETATM 1042 O  O   . HOH C 3 .   ? -11.838 2.852   6.595   1.000 19.755 0 518 HOH A O   1 
HETATM 1043 O  O   . HOH C 3 .   ? 5.616   19.129  0.222   1.000 28.871 0 519 HOH A O   1 
HETATM 1044 O  O   . HOH C 3 .   ? -3.554  7.874   7.494   1.000 9.787  0 520 HOH A O   1 
HETATM 1045 O  O   . HOH C 3 .   ? -5.437  14.421  -7.082  1.000 33.189 0 521 HOH A O   1 
HETATM 1046 O  O   . HOH C 3 .   ? -6.998  -1.886  -12.086 1.000 13.969 0 522 HOH A O   1 
HETATM 1047 O  O   . HOH C 3 .   ? 6.384   -9.203  2.890   1.000 9.420  0 523 HOH A O   1 
HETATM 1048 O  O   . HOH C 3 .   ? 13.226  5.491   3.328   1.000 15.034 0 524 HOH A O   1 
HETATM 1049 O  O   . HOH C 3 .   ? 1.308   -3.060  21.169  1.000 34.723 0 525 HOH A O   1 
HETATM 1050 O  O   . HOH C 3 .   ? -3.345  16.387  -13.898 1.000 23.950 0 526 HOH A O   1 
HETATM 1051 O  O   . HOH C 3 .   ? 12.676  5.113   -3.913  1.000 15.896 0 527 HOH A O   1 
HETATM 1052 O  O   . HOH C 3 .   ? 7.470   12.135  -4.543  1.000 12.464 0 528 HOH A O   1 
HETATM 1053 O  O   . HOH C 3 .   ? -0.947  -10.135 4.910   1.000 11.721 0 529 HOH A O   1 
HETATM 1054 O  O   . HOH C 3 .   ? -8.491  14.928  -4.391  1.000 34.153 0 530 HOH A O   1 
HETATM 1055 O  O   . HOH C 3 .   ? -0.536  -16.925 7.707   1.000 30.320 0 531 HOH A O   1 
HETATM 1056 O  O   . HOH C 3 .   ? -8.941  -0.716  -10.480 1.000 11.735 0 532 HOH A O   1 
HETATM 1057 O  O   . HOH C 3 .   ? 2.002   13.027  -16.434 1.000 22.758 0 533 HOH A O   1 
HETATM 1058 O  O   . HOH C 3 .   ? -1.500  -11.246 2.340   1.000 13.701 0 534 HOH A O   1 
HETATM 1059 O  O   . HOH C 3 .   ? 3.455   -9.674  -0.716  1.000 9.349  0 535 HOH A O   1 
HETATM 1060 O  O   . HOH C 3 .   ? -10.817 3.943   4.058   1.000 17.861 0 536 HOH A O   1 
HETATM 1061 O  O   . HOH C 3 .   ? -8.171  3.366   0.555   1.000 13.318 0 537 HOH A O   1 
HETATM 1062 O  O   . HOH C 3 .   ? -5.100  -17.977 5.583   1.000 21.255 0 538 HOH A O   1 
HETATM 1063 O  O   . HOH C 3 .   ? 12.437  3.504   9.772   1.000 35.566 0 539 HOH A O   1 
HETATM 1064 O  O   . HOH C 3 .   ? -7.568  11.115  -14.050 1.000 16.577 0 540 HOH A O   1 
HETATM 1065 O  O   . HOH C 3 .   ? -1.640  -18.343 0.764   1.000 22.236 0 541 HOH A O   1 
HETATM 1066 O  O   . HOH C 3 .   ? -10.548 -11.306 8.394   1.000 28.895 0 542 HOH A O   1 
HETATM 1067 O  O   . HOH C 3 .   ? 0.253   -4.772  -12.227 1.000 27.874 0 543 HOH A O   1 
HETATM 1068 O  O   . HOH C 3 .   ? -9.842  -9.044  16.228  1.000 32.492 0 544 HOH A O   1 
HETATM 1069 O  O   . HOH C 3 .   ? -8.226  -15.682 13.507  1.000 32.662 0 545 HOH A O   1 
HETATM 1070 O  O   . HOH C 3 .   ? 1.403   -6.996  14.927  1.000 17.226 0 546 HOH A O   1 
HETATM 1071 O  O   . HOH C 3 .   ? -0.299  -11.854 -0.514  1.000 9.770  0 547 HOH A O   1 
HETATM 1072 O  O   . HOH C 3 .   ? 7.957   -4.378  12.421  1.000 9.966  0 548 HOH A O   1 
HETATM 1073 O  O   . HOH C 3 .   ? 5.523   11.212  -14.106 1.000 26.736 0 549 HOH A O   1 
HETATM 1074 O  O   . HOH C 3 .   ? 16.304  -1.244  5.844   1.000 18.148 0 550 HOH A O   1 
HETATM 1075 O  O   . HOH C 3 .   ? -5.479  2.542   -18.266 1.000 27.747 0 551 HOH A O   1 
HETATM 1076 O  O   . HOH C 3 .   ? 7.732   4.627   -3.874  1.000 12.181 0 552 HOH A O   1 
HETATM 1077 O  O   . HOH C 3 .   ? 10.717  -9.841  11.338  1.000 29.549 0 553 HOH A O   1 
HETATM 1078 O  O   . HOH C 3 .   ? 10.978  14.270  -2.631  1.000 24.537 0 554 HOH A O   1 
HETATM 1079 O  O   . HOH C 3 .   ? 11.226  4.369   7.445   1.000 19.582 0 555 HOH A O   1 
HETATM 1080 O  O   . HOH C 3 .   ? 7.231   1.456   18.185  1.000 18.270 0 556 HOH A O   1 
HETATM 1081 O  O   . HOH C 3 .   ? 15.930  2.228   5.780   1.000 17.803 0 557 HOH A O   1 
HETATM 1082 O  O   . HOH C 3 .   ? 12.311  7.687   -5.215  1.000 10.986 0 558 HOH A O   1 
HETATM 1083 O  O   . HOH C 3 .   ? 1.388   -21.023 0.815   1.000 24.937 0 559 HOH A O   1 
HETATM 1084 O  O   . HOH C 3 .   ? 8.168   -10.269 4.592   1.000 13.522 0 560 HOH A O   1 
HETATM 1085 O  O   . HOH C 3 .   ? 1.053   -10.422 -2.069  1.000 11.012 0 561 HOH A O   1 
HETATM 1086 O  O   . HOH C 3 .   ? -5.178  -6.774  5.366   1.000 27.674 0 562 HOH A O   1 
HETATM 1087 O  O   . HOH C 3 .   ? 14.804  -1.726  8.791   1.000 28.070 0 563 HOH A O   1 
HETATM 1088 O  O   . HOH C 3 .   ? 6.154   -14.598 5.090   1.000 30.280 0 564 HOH A O   1 
HETATM 1089 O  O   . HOH C 3 .   ? -9.390  12.070  -5.707  1.000 28.051 0 565 HOH A O   1 
HETATM 1090 O  O   . HOH C 3 .   ? 6.286   9.875   8.108   1.000 23.692 0 566 HOH A O   1 
HETATM 1091 O  O   . HOH C 3 .   ? -2.010  11.622  6.018   1.000 24.634 0 567 HOH A O   1 
HETATM 1092 O  O   . HOH C 3 .   ? 5.324   -9.992  -6.632  1.000 19.752 0 568 HOH A O   1 
HETATM 1093 O  O   . HOH C 3 .   ? -6.553  -13.513 -3.875  1.000 22.619 0 569 HOH A O   1 
HETATM 1094 O  O   . HOH C 3 .   ? 11.356  9.300   -8.912  1.000 19.568 0 570 HOH A O   1 
HETATM 1095 O  O   . HOH C 3 .   ? 3.112   -7.980  -8.960  1.000 13.077 0 571 HOH A O   1 
HETATM 1096 O  O   . HOH C 3 .   ? -10.364 6.790   1.100   1.000 19.598 0 572 HOH A O   1 
HETATM 1097 O  O   . HOH C 3 .   ? 7.955   -14.886 -1.288  1.000 17.959 0 573 HOH A O   1 
HETATM 1098 O  O   . HOH C 3 .   ? -2.321  18.702  1.808   1.000 37.232 0 574 HOH A O   1 
HETATM 1099 O  O   . HOH C 3 .   ? -4.788  -10.728 17.544  1.000 29.794 0 575 HOH A O   1 
HETATM 1100 O  O   . HOH C 3 .   ? -10.847 3.217   -0.492  1.000 28.349 0 576 HOH A O   1 
HETATM 1101 O  O   . HOH C 3 .   ? -11.338 -9.221  -4.270  1.000 30.968 0 577 HOH A O   1 
HETATM 1102 O  O   . HOH C 3 .   ? -8.154  4.309   14.788  1.000 24.408 0 578 HOH A O   1 
HETATM 1103 O  O   . HOH C 3 .   ? 8.119   -0.231  14.627  1.000 15.239 0 579 HOH A O   1 
HETATM 1104 O  O   . HOH C 3 .   ? -8.206  -11.763 14.563  1.000 30.017 0 580 HOH A O   1 
HETATM 1105 O  O   . HOH C 3 .   ? -5.470  -15.517 -4.478  1.000 33.798 0 581 HOH A O   1 
HETATM 1106 O  O   . HOH C 3 .   ? -9.052  -12.768 1.971   1.000 27.914 0 582 HOH A O   1 
HETATM 1107 O  O   . HOH C 3 .   ? 0.220   10.931  4.799   1.000 20.999 0 583 HOH A O   1 
HETATM 1108 O  O   . HOH C 3 .   ? 7.959   -9.176  8.159   1.000 15.249 0 584 HOH A O   1 
HETATM 1109 O  O   . HOH C 3 .   ? 4.178   13.402  -12.350 1.000 18.145 0 585 HOH A O   1 
HETATM 1110 O  O   . HOH C 3 .   ? 7.473   -7.727  10.605  1.000 18.125 0 586 HOH A O   1 
HETATM 1111 O  O   . HOH C 3 .   ? 10.676  11.027  -6.442  1.000 15.212 0 587 HOH A O   1 
HETATM 1112 O  O   . HOH C 3 .   ? -11.509 -8.966  8.544   1.000 31.808 0 588 HOH A O   1 
HETATM 1113 O  O   . HOH C 3 .   ? -2.462  -8.117  6.259   1.000 10.024 0 589 HOH A O   1 
HETATM 1114 O  O   . HOH C 3 .   ? -10.604 6.487   3.817   1.000 18.033 0 590 HOH A O   1 
HETATM 1115 O  O   . HOH C 3 .   ? 9.661   -2.729  -7.342  1.000 22.700 0 591 HOH A O   1 
HETATM 1116 O  O   . HOH C 3 .   ? -3.592  -18.082 -2.535  1.000 27.926 0 592 HOH A O   1 
HETATM 1117 O  O   . HOH C 3 .   ? 6.397   -11.812 6.155   1.000 15.047 0 593 HOH A O   1 
HETATM 1118 O  O   . HOH C 3 .   ? -11.353 -5.469  -1.402  1.000 26.541 0 594 HOH A O   1 
HETATM 1119 O  O   . HOH C 3 .   ? 4.396   -6.776  17.412  1.000 29.744 0 595 HOH A O   1 
HETATM 1120 O  O   . HOH C 3 .   ? 0.037   19.957  -2.531  1.000 25.989 0 596 HOH A O   1 
HETATM 1121 O  O   . HOH C 3 .   ? 7.258   -5.838  -14.561 1.000 32.903 0 597 HOH A O   1 
HETATM 1122 O  O   . HOH C 3 .   ? -2.997  -4.856  -11.184 1.000 22.063 0 598 HOH A O   1 
HETATM 1123 O  O   . HOH C 3 .   ? -10.045 -2.668  -8.770  1.000 14.818 0 599 HOH A O   1 
HETATM 1124 O  O   . HOH C 3 .   ? -10.179 10.607  5.698   1.000 35.274 0 600 HOH A O   1 
HETATM 1125 O  O   . HOH C 3 .   ? -0.261  4.923   -17.756 1.000 20.283 0 601 HOH A O   1 
HETATM 1126 O  O   . HOH C 3 .   ? -9.980  -14.339 9.123   1.000 33.941 0 602 HOH A O   1 
HETATM 1127 O  O   . HOH C 3 .   ? -4.648  -11.568 -6.334  1.000 25.534 0 603 HOH A O   1 
HETATM 1128 O  O   . HOH C 3 .   ? -12.443 -6.653  11.723  1.000 25.497 0 604 HOH A O   1 
HETATM 1129 O  O   . HOH C 3 .   ? -0.847  -15.188 9.523   1.000 19.295 0 605 HOH A O   1 
HETATM 1130 O  O   . HOH C 3 .   ? -7.866  -8.952  -6.436  1.000 22.519 0 606 HOH A O   1 
HETATM 1131 O  O   . HOH C 3 .   ? 1.292   19.781  -6.268  1.000 29.480 0 607 HOH A O   1 
HETATM 1132 O  O   . HOH C 3 .   ? 10.006  -7.069  -3.140  1.000 12.599 0 608 HOH A O   1 
HETATM 1133 O  O   . HOH C 3 .   ? -4.089  -2.101  16.159  1.000 18.221 0 609 HOH A O   1 
HETATM 1134 O  O   . HOH C 3 .   ? -1.056  1.102   -14.924 1.000 28.277 0 610 HOH A O   1 
HETATM 1135 O  O   . HOH C 3 .   ? -14.407 -1.976  6.914   1.000 41.457 0 611 HOH A O   1 
HETATM 1136 O  O   . HOH C 3 .   ? -7.930  1.688   16.032  1.000 25.271 0 612 HOH A O   1 
HETATM 1137 O  O   . HOH C 3 .   ? 9.732   1.799   -1.132  1.000 20.841 0 613 HOH A O   1 
HETATM 1138 O  O   . HOH C 3 .   ? -7.314  -9.974  17.224  1.000 34.388 0 614 HOH A O   1 
HETATM 1139 O  O   . HOH C 3 .   ? -2.044  17.982  -4.175  1.000 34.648 0 615 HOH A O   1 
HETATM 1140 O  O   . HOH C 3 .   ? 8.685   13.491  -9.645  1.000 28.199 0 616 HOH A O   1 
HETATM 1141 O  O   . HOH C 3 .   ? 0.888   -14.232 12.009  1.000 38.147 0 617 HOH A O   1 
HETATM 1142 O  O   . HOH C 3 .   ? -4.386  11.386  6.261   1.000 23.612 0 618 HOH A O   1 
HETATM 1143 O  O   . HOH C 3 .   ? -10.976 3.044   10.641  1.000 43.694 0 619 HOH A O   1 
HETATM 1144 O  O   . HOH C 3 .   ? -1.157  -6.657  -11.607 1.000 33.112 0 620 HOH A O   1 
HETATM 1145 O  O   . HOH C 3 .   ? -12.567 -1.980  -8.174  1.000 28.422 0 621 HOH A O   1 
HETATM 1146 O  O   . HOH C 3 .   ? 9.114   -6.896  12.970  1.000 24.691 0 622 HOH A O   1 
HETATM 1147 O  O   . HOH C 3 .   ? 10.208  -0.872  -5.334  1.000 19.385 0 623 HOH A O   1 
HETATM 1148 O  O   . HOH C 3 .   ? 10.385  -11.230 -0.584  1.000 25.170 0 624 HOH A O   1 
HETATM 1149 O  O   . HOH C 3 .   ? 10.310  -3.134  13.576  1.000 21.524 0 625 HOH A O   1 
HETATM 1150 O  O   . HOH C 3 .   ? -5.246  9.665   8.540   1.000 30.633 0 626 HOH A O   1 
HETATM 1151 O  O   . HOH C 3 .   ? -11.992 5.604   -0.501  1.000 28.418 0 627 HOH A O   1 
HETATM 1152 O  O   . HOH C 3 .   ? 1.498   13.052  5.747   1.000 23.702 0 628 HOH A O   1 
HETATM 1153 O  O   . HOH C 3 .   ? -7.280  -4.574  -12.009 1.000 28.996 0 629 HOH A O   1 
HETATM 1154 O  O   . HOH C 3 .   ? 10.222  -11.839 3.971   1.000 24.242 0 630 HOH A O   1 
HETATM 1155 O  O   . HOH C 3 .   ? -4.904  22.099  3.147   1.000 30.109 0 631 HOH A O   1 
HETATM 1156 O  O   . HOH C 3 .   ? -8.586  -14.869 -2.661  1.000 38.637 0 632 HOH A O   1 
HETATM 1157 O  O   . HOH C 3 .   ? -1.738  -9.555  -8.991  1.000 19.598 0 633 HOH A O   1 
HETATM 1158 O  O   . HOH C 3 .   ? -8.730  6.337   16.516  1.000 18.940 0 634 HOH A O   1 
HETATM 1159 O  O   . HOH C 3 .   ? 10.204  1.306   15.353  1.000 31.914 0 635 HOH A O   1 
HETATM 1160 O  O   . HOH C 3 .   ? -12.822 3.650   2.056   1.000 31.158 0 636 HOH A O   1 
HETATM 1161 O  O   . HOH C 3 .   ? 9.437   -20.355 2.903   1.000 28.390 0 637 HOH A O   1 
HETATM 1162 O  O   . HOH C 3 .   ? -3.368  18.819  -12.767 1.000 35.930 0 638 HOH A O   1 
HETATM 1163 O  O   . HOH C 3 .   ? -13.666 0.919   5.383   1.000 31.544 0 639 HOH A O   1 
HETATM 1164 O  O   . HOH C 3 .   ? -12.818 5.312   7.730   1.000 40.649 0 640 HOH A O   1 
HETATM 1165 O  O   . HOH C 3 .   ? 9.645   2.420   17.493  1.000 34.653 0 641 HOH A O   1 
HETATM 1166 O  O   . HOH C 3 .   ? 8.975   -6.936  -12.962 1.000 29.271 0 642 HOH A O   1 
# 
loop_
_pdbx_poly_seq_scheme.asym_id 
_pdbx_poly_seq_scheme.entity_id 
_pdbx_poly_seq_scheme.seq_id 
_pdbx_poly_seq_scheme.mon_id 
_pdbx_poly_seq_scheme.ndb_seq_num 
_pdbx_poly_seq_scheme.pdb_seq_num 
_pdbx_poly_seq_scheme.auth_seq_num 
_pdbx_poly_seq_scheme.pdb_mon_id 
_pdbx_poly_seq_scheme.auth_mon_id 
_pdbx_poly_seq_scheme.pdb_strand_id 
_pdbx_poly_seq_scheme.pdb_ins_code 
_pdbx_poly_seq_scheme.hetero 
A 1 1   MET 1   -7  ?   ?   ?   A . n 
A 1 2   ASN 2   -6  ?   ?   ?   A . n 
A 1 3   HIS 3   -5  ?   ?   ?   A . n 
A 1 4   LYS 4   -4  ?   ?   ?   A . n 
A 1 5   VAL 5   -3  ?   ?   ?   A . n 
A 1 6   HIS 6   -2  -2  HIS HIS A . n 
A 1 7   MET 7   -1  -1  MET MET A . n 
A 1 8   GLN 8   188 188 GLN GLN A . n 
A 1 9   TYR 9   189 189 TYR TYR A . n 
A 1 10  ASP 10  190 190 ASP ASP A . n 
A 1 11  ILE 11  191 191 ILE ILE A . n 
A 1 12  VAL 12  192 192 VAL VAL A . n 
A 1 13  ALA 13  193 193 ALA ALA A . n 
A 1 14  VAL 14  194 194 VAL VAL A . n 
A 1 15  THR 15  195 195 THR THR A . n 
A 1 16  ALA 16  196 196 ALA ALA A . n 
A 1 17  SER 17  197 197 SER SER A . n 
A 1 18  ALA 18  198 198 ALA ALA A . n 
A 1 19  HIS 19  199 199 HIS HIS A . n 
A 1 20  ASP 20  200 200 ASP ASP A . n 
A 1 21  GLY 21  201 201 GLY GLY A . n 
A 1 22  ASN 22  202 202 ASN ASN A . n 
A 1 23  LEU 23  203 203 LEU LEU A . n 
A 1 24  PRO 24  204 204 PRO PRO A . n 
A 1 25  GLU 25  205 205 GLU GLU A . n 
A 1 26  ASN 26  206 206 ASN ASN A . n 
A 1 27  THR 27  207 207 THR THR A . n 
A 1 28  ILE 28  208 208 ILE ILE A . n 
A 1 29  ASP 29  209 209 ASP ASP A . n 
A 1 30  GLY 30  210 210 GLY GLY A . n 
A 1 31  ASN 31  211 211 ASN ASN A . n 
A 1 32  LEU 32  212 212 LEU LEU A . n 
A 1 33  SER 33  213 213 SER SER A . n 
A 1 34  THR 34  214 214 THR THR A . n 
A 1 35  ARG 35  215 215 ARG ARG A . n 
A 1 36  TRP 36  216 216 TRP TRP A . n 
A 1 37  SER 37  217 217 SER SER A . n 
A 1 38  ALA 38  218 218 ALA ALA A . n 
A 1 39  ASN 39  219 219 ASN ASN A . n 
A 1 40  GLY 40  220 220 GLY GLY A . n 
A 1 41  SER 41  221 221 SER SER A . n 
A 1 42  GLY 42  222 222 GLY GLY A . n 
A 1 43  GLN 43  223 223 GLN GLN A . n 
A 1 44  TYR 44  224 224 TYR TYR A . n 
A 1 45  ILE 45  225 225 ILE ILE A . n 
A 1 46  THR 46  226 226 THR THR A . n 
A 1 47  PHE 47  227 227 PHE PHE A . n 
A 1 48  ASP 48  228 228 ASP ASP A . n 
A 1 49  LEU 49  229 229 LEU LEU A . n 
A 1 50  GLY 50  230 230 GLY GLY A . n 
A 1 51  SER 51  231 231 SER SER A . n 
A 1 52  ALA 52  232 232 ALA ALA A . n 
A 1 53  LYS 53  233 233 LYS LYS A . n 
A 1 54  THR 54  234 234 THR THR A . n 
A 1 55  VAL 55  235 235 VAL VAL A . n 
A 1 56  ASN 56  236 236 ASN ASN A . n 
A 1 57  GLN 57  237 237 GLN GLN A . n 
A 1 58  VAL 58  238 238 VAL VAL A . n 
A 1 59  LYS 59  239 239 LYS LYS A . n 
A 1 60  ALA 60  240 240 ALA ALA A . n 
A 1 61  ALA 61  241 241 ALA ALA A . n 
A 1 62  TRP 62  242 242 TRP TRP A . n 
A 1 63  TYR 63  243 243 TYR TYR A . n 
A 1 64  ASN 64  244 244 ASN ASN A . n 
A 1 65  GLY 65  245 245 GLY GLY A . n 
A 1 66  ASP 66  246 246 ASP ASP A . n 
A 1 67  SER 67  247 247 SER SER A . n 
A 1 68  ARG 68  248 248 ARG ARG A . n 
A 1 69  THR 69  249 249 THR THR A . n 
A 1 70  SER 70  250 250 SER SER A . n 
A 1 71  GLY 71  251 251 GLY GLY A . n 
A 1 72  PHE 72  252 252 PHE PHE A . n 
A 1 73  SER 73  253 253 SER SER A . n 
A 1 74  ILE 74  254 254 ILE ILE A . n 
A 1 75  SER 75  255 255 SER SER A . n 
A 1 76  LEU 76  256 256 LEU LEU A . n 
A 1 77  GLY 77  257 257 GLY GLY A . n 
A 1 78  SER 78  258 258 SER SER A . n 
A 1 79  ASP 79  259 259 ASP ASP A . n 
A 1 80  PRO 80  260 260 PRO PRO A . n 
A 1 81  ALA 81  261 261 ALA ALA A . n 
A 1 82  SER 82  262 262 SER SER A . n 
A 1 83  LEU 83  263 263 LEU LEU A . n 
A 1 84  THR 84  264 264 THR THR A . n 
A 1 85  GLU 85  265 265 GLU GLU A . n 
A 1 86  VAL 86  266 266 VAL VAL A . n 
A 1 87  TYR 87  267 267 TYR TYR A . n 
A 1 88  SER 88  268 268 SER SER A . n 
A 1 89  GLY 89  269 269 GLY GLY A . n 
A 1 90  THR 90  270 270 THR THR A . n 
A 1 91  SER 91  271 271 SER SER A . n 
A 1 92  SER 92  272 272 SER SER A . n 
A 1 93  GLY 93  273 273 GLY GLY A . n 
A 1 94  GLN 94  274 274 GLN GLN A . n 
A 1 95  THR 95  275 275 THR THR A . n 
A 1 96  ASN 96  276 276 ASN ASN A . n 
A 1 97  ALA 97  277 277 ALA ALA A . n 
A 1 98  LEU 98  278 278 LEU LEU A . n 
A 1 99  GLU 99  279 279 GLU GLU A . n 
A 1 100 SER 100 280 280 SER SER A . n 
A 1 101 TYR 101 281 281 TYR TYR A . n 
A 1 102 SER 102 282 282 SER SER A . n 
A 1 103 PHE 103 283 283 PHE PHE A . n 
A 1 104 THR 104 284 284 THR THR A . n 
A 1 105 ALA 105 285 285 ALA ALA A . n 
A 1 106 THR 106 286 286 THR THR A . n 
A 1 107 THR 107 287 287 THR THR A . n 
A 1 108 ALA 108 288 288 ALA ALA A . n 
A 1 109 ARG 109 289 289 ARG ARG A . n 
A 1 110 TYR 110 290 290 TYR TYR A . n 
A 1 111 ILE 111 291 291 ILE ILE A . n 
A 1 112 ARG 112 292 292 ARG ARG A . n 
A 1 113 ILE 113 293 293 ILE ILE A . n 
A 1 114 THR 114 294 294 THR THR A . n 
A 1 115 GLY 115 295 295 GLY GLY A . n 
A 1 116 PHE 116 296 296 PHE PHE A . n 
A 1 117 GLY 117 297 297 GLY GLY A . n 
A 1 118 ASN 118 298 298 ASN ASN A . n 
A 1 119 SER 119 299 299 SER SER A . n 
A 1 120 SER 120 300 300 SER SER A . n 
A 1 121 ASN 121 301 301 ASN ASN A . n 
A 1 122 THR 122 302 302 THR THR A . n 
A 1 123 TRP 123 303 303 TRP TRP A . n 
A 1 124 ASN 124 304 304 ASN ASN A . n 
A 1 125 SER 125 305 305 SER SER A . n 
A 1 126 ILE 126 306 306 ILE ILE A . n 
A 1 127 THR 127 307 307 THR THR A . n 
A 1 128 GLU 128 308 308 GLU GLU A . n 
A 1 129 VAL 129 309 309 VAL VAL A . n 
A 1 130 ALA 130 310 310 ALA ALA A . n 
A 1 131 ILE 131 311 311 ILE ILE A . n 
A 1 132 PHE 132 312 312 PHE PHE A . n 
A 1 133 HIS 133 313 313 HIS HIS A . n 
A 1 134 ALA 134 314 314 ALA ALA A . n 
A 1 135 GLY 135 315 315 GLY GLY A . n 
A 1 136 GLU 136 316 316 GLU GLU A . n 
A 1 137 GLU 137 317 317 GLU GLU A . n 
A 1 138 GLY 138 318 318 GLY GLY A . n 
A 1 139 ASP 139 319 319 ASP ASP A . n 
A 1 140 GLY 140 320 ?   ?   ?   A . n 
A 1 141 ASN 141 321 ?   ?   ?   A . n 
A 1 142 GLU 142 322 ?   ?   ?   A . n 
A 1 143 GLU 143 323 ?   ?   ?   A . n 
A 1 144 HIS 144 324 ?   ?   ?   A . n 
A 1 145 HIS 145 325 ?   ?   ?   A . n 
A 1 146 HIS 146 326 ?   ?   ?   A . n 
A 1 147 HIS 147 327 ?   ?   ?   A . n 
A 1 148 HIS 148 328 ?   ?   ?   A . n 
A 1 149 HIS 149 329 ?   ?   ?   A . n 
# 
loop_
_pdbx_nonpoly_scheme.asym_id 
_pdbx_nonpoly_scheme.entity_id 
_pdbx_nonpoly_scheme.mon_id 
_pdbx_nonpoly_scheme.ndb_seq_num 
_pdbx_nonpoly_scheme.pdb_seq_num 
_pdbx_nonpoly_scheme.auth_seq_num 
_pdbx_nonpoly_scheme.pdb_mon_id 
_pdbx_nonpoly_scheme.auth_mon_id 
_pdbx_nonpoly_scheme.pdb_strand_id 
_pdbx_nonpoly_scheme.pdb_ins_code 
B 2 CA  1   401 1   CA  CA  A . 
C 3 HOH 1   501 128 HOH HOH A . 
C 3 HOH 2   502 39  HOH HOH A . 
C 3 HOH 3   503 133 HOH HOH A . 
C 3 HOH 4   504 138 HOH HOH A . 
C 3 HOH 5   505 90  HOH HOH A . 
C 3 HOH 6   506 136 HOH HOH A . 
C 3 HOH 7   507 112 HOH HOH A . 
C 3 HOH 8   508 149 HOH HOH A . 
C 3 HOH 9   509 58  HOH HOH A . 
C 3 HOH 10  510 88  HOH HOH A . 
C 3 HOH 11  511 43  HOH HOH A . 
C 3 HOH 12  512 150 HOH HOH A . 
C 3 HOH 13  513 11  HOH HOH A . 
C 3 HOH 14  514 70  HOH HOH A . 
C 3 HOH 15  515 46  HOH HOH A . 
C 3 HOH 16  516 187 HOH HOH A . 
C 3 HOH 17  517 160 HOH HOH A . 
C 3 HOH 18  518 30  HOH HOH A . 
C 3 HOH 19  519 101 HOH HOH A . 
C 3 HOH 20  520 20  HOH HOH A . 
C 3 HOH 21  521 153 HOH HOH A . 
C 3 HOH 22  522 42  HOH HOH A . 
C 3 HOH 23  523 5   HOH HOH A . 
C 3 HOH 24  524 44  HOH HOH A . 
C 3 HOH 25  525 186 HOH HOH A . 
C 3 HOH 26  526 114 HOH HOH A . 
C 3 HOH 27  527 14  HOH HOH A . 
C 3 HOH 28  528 8   HOH HOH A . 
C 3 HOH 29  529 6   HOH HOH A . 
C 3 HOH 30  530 134 HOH HOH A . 
C 3 HOH 31  531 106 HOH HOH A . 
C 3 HOH 32  532 4   HOH HOH A . 
C 3 HOH 33  533 59  HOH HOH A . 
C 3 HOH 34  534 16  HOH HOH A . 
C 3 HOH 35  535 2   HOH HOH A . 
C 3 HOH 36  536 37  HOH HOH A . 
C 3 HOH 37  537 15  HOH HOH A . 
C 3 HOH 38  538 96  HOH HOH A . 
C 3 HOH 39  539 118 HOH HOH A . 
C 3 HOH 40  540 26  HOH HOH A . 
C 3 HOH 41  541 98  HOH HOH A . 
C 3 HOH 42  542 80  HOH HOH A . 
C 3 HOH 43  543 151 HOH HOH A . 
C 3 HOH 44  544 77  HOH HOH A . 
C 3 HOH 45  545 189 HOH HOH A . 
C 3 HOH 46  546 64  HOH HOH A . 
C 3 HOH 47  547 7   HOH HOH A . 
C 3 HOH 48  548 1   HOH HOH A . 
C 3 HOH 49  549 194 HOH HOH A . 
C 3 HOH 50  550 61  HOH HOH A . 
C 3 HOH 51  551 162 HOH HOH A . 
C 3 HOH 52  552 3   HOH HOH A . 
C 3 HOH 53  553 163 HOH HOH A . 
C 3 HOH 54  554 95  HOH HOH A . 
C 3 HOH 55  555 24  HOH HOH A . 
C 3 HOH 56  556 48  HOH HOH A . 
C 3 HOH 57  557 45  HOH HOH A . 
C 3 HOH 58  558 12  HOH HOH A . 
C 3 HOH 59  559 76  HOH HOH A . 
C 3 HOH 60  560 22  HOH HOH A . 
C 3 HOH 61  561 9   HOH HOH A . 
C 3 HOH 62  562 94  HOH HOH A . 
C 3 HOH 63  563 99  HOH HOH A . 
C 3 HOH 64  564 103 HOH HOH A . 
C 3 HOH 65  565 69  HOH HOH A . 
C 3 HOH 66  566 54  HOH HOH A . 
C 3 HOH 67  567 86  HOH HOH A . 
C 3 HOH 68  568 108 HOH HOH A . 
C 3 HOH 69  569 84  HOH HOH A . 
C 3 HOH 70  570 25  HOH HOH A . 
C 3 HOH 71  571 31  HOH HOH A . 
C 3 HOH 72  572 73  HOH HOH A . 
C 3 HOH 73  573 38  HOH HOH A . 
C 3 HOH 74  574 178 HOH HOH A . 
C 3 HOH 75  575 139 HOH HOH A . 
C 3 HOH 76  576 146 HOH HOH A . 
C 3 HOH 77  577 60  HOH HOH A . 
C 3 HOH 78  578 50  HOH HOH A . 
C 3 HOH 79  579 47  HOH HOH A . 
C 3 HOH 80  580 67  HOH HOH A . 
C 3 HOH 81  581 145 HOH HOH A . 
C 3 HOH 82  582 126 HOH HOH A . 
C 3 HOH 83  583 81  HOH HOH A . 
C 3 HOH 84  584 57  HOH HOH A . 
C 3 HOH 85  585 53  HOH HOH A . 
C 3 HOH 86  586 21  HOH HOH A . 
C 3 HOH 87  587 32  HOH HOH A . 
C 3 HOH 88  588 102 HOH HOH A . 
C 3 HOH 89  589 19  HOH HOH A . 
C 3 HOH 90  590 40  HOH HOH A . 
C 3 HOH 91  591 91  HOH HOH A . 
C 3 HOH 92  592 93  HOH HOH A . 
C 3 HOH 93  593 35  HOH HOH A . 
C 3 HOH 94  594 79  HOH HOH A . 
C 3 HOH 95  595 147 HOH HOH A . 
C 3 HOH 96  596 51  HOH HOH A . 
C 3 HOH 97  597 140 HOH HOH A . 
C 3 HOH 98  598 41  HOH HOH A . 
C 3 HOH 99  599 17  HOH HOH A . 
C 3 HOH 100 600 193 HOH HOH A . 
C 3 HOH 101 601 36  HOH HOH A . 
C 3 HOH 102 602 192 HOH HOH A . 
C 3 HOH 103 603 85  HOH HOH A . 
C 3 HOH 104 604 156 HOH HOH A . 
C 3 HOH 105 605 27  HOH HOH A . 
C 3 HOH 106 606 82  HOH HOH A . 
C 3 HOH 107 607 66  HOH HOH A . 
C 3 HOH 108 608 29  HOH HOH A . 
C 3 HOH 109 609 75  HOH HOH A . 
C 3 HOH 110 610 104 HOH HOH A . 
C 3 HOH 111 611 100 HOH HOH A . 
C 3 HOH 112 612 62  HOH HOH A . 
C 3 HOH 113 613 97  HOH HOH A . 
C 3 HOH 114 614 174 HOH HOH A . 
C 3 HOH 115 615 165 HOH HOH A . 
C 3 HOH 116 616 132 HOH HOH A . 
C 3 HOH 117 617 28  HOH HOH A . 
C 3 HOH 118 618 65  HOH HOH A . 
C 3 HOH 119 619 175 HOH HOH A . 
C 3 HOH 120 620 117 HOH HOH A . 
C 3 HOH 121 621 78  HOH HOH A . 
C 3 HOH 122 622 121 HOH HOH A . 
C 3 HOH 123 623 56  HOH HOH A . 
C 3 HOH 124 624 87  HOH HOH A . 
C 3 HOH 125 625 129 HOH HOH A . 
C 3 HOH 126 626 131 HOH HOH A . 
C 3 HOH 127 627 181 HOH HOH A . 
C 3 HOH 128 628 71  HOH HOH A . 
C 3 HOH 129 629 157 HOH HOH A . 
C 3 HOH 130 630 111 HOH HOH A . 
C 3 HOH 131 631 143 HOH HOH A . 
C 3 HOH 132 632 191 HOH HOH A . 
C 3 HOH 133 633 68  HOH HOH A . 
C 3 HOH 134 634 55  HOH HOH A . 
C 3 HOH 135 635 159 HOH HOH A . 
C 3 HOH 136 636 89  HOH HOH A . 
C 3 HOH 137 637 135 HOH HOH A . 
C 3 HOH 138 638 167 HOH HOH A . 
C 3 HOH 139 639 154 HOH HOH A . 
C 3 HOH 140 640 161 HOH HOH A . 
C 3 HOH 141 641 158 HOH HOH A . 
C 3 HOH 142 642 120 HOH HOH A . 
# 
_pdbx_struct_assembly.id                   1 
_pdbx_struct_assembly.details              author_defined_assembly 
_pdbx_struct_assembly.method_details       ? 
_pdbx_struct_assembly.oligomeric_details   monomeric 
_pdbx_struct_assembly.oligomeric_count     1 
# 
_pdbx_struct_assembly_gen.assembly_id       1 
_pdbx_struct_assembly_gen.oper_expression   1 
_pdbx_struct_assembly_gen.asym_id_list      A,B,C 
# 
_pdbx_struct_oper_list.id                   1 
_pdbx_struct_oper_list.type                 'identity operation' 
_pdbx_struct_oper_list.name                 1_555 
_pdbx_struct_oper_list.symmetry_operation   x,y,z 
_pdbx_struct_oper_list.matrix[1][1]         1.0000000000 
_pdbx_struct_oper_list.matrix[1][2]         0.0000000000 
_pdbx_struct_oper_list.matrix[1][3]         0.0000000000 
_pdbx_struct_oper_list.vector[1]            0.0000000000 
_pdbx_struct_oper_list.matrix[2][1]         0.0000000000 
_pdbx_struct_oper_list.matrix[2][2]         1.0000000000 
_pdbx_struct_oper_list.matrix[2][3]         0.0000000000 
_pdbx_struct_oper_list.vector[2]            0.0000000000 
_pdbx_struct_oper_list.matrix[3][1]         0.0000000000 
_pdbx_struct_oper_list.matrix[3][2]         0.0000000000 
_pdbx_struct_oper_list.matrix[3][3]         1.0000000000 
_pdbx_struct_oper_list.vector[3]            0.0000000000 
# 
loop_
_pdbx_struct_conn_angle.id 
_pdbx_struct_conn_angle.ptnr1_label_atom_id 
_pdbx_struct_conn_angle.ptnr1_label_alt_id 
_pdbx_struct_conn_angle.ptnr1_label_asym_id 
_pdbx_struct_conn_angle.ptnr1_label_comp_id 
_pdbx_struct_conn_angle.ptnr1_label_seq_id 
_pdbx_struct_conn_angle.ptnr1_auth_atom_id 
_pdbx_struct_conn_angle.ptnr1_auth_asym_id 
_pdbx_struct_conn_angle.ptnr1_auth_comp_id 
_pdbx_struct_conn_angle.ptnr1_auth_seq_id 
_pdbx_struct_conn_angle.ptnr1_PDB_ins_code 
_pdbx_struct_conn_angle.ptnr1_symmetry 
_pdbx_struct_conn_angle.ptnr2_label_atom_id 
_pdbx_struct_conn_angle.ptnr2_label_alt_id 
_pdbx_struct_conn_angle.ptnr2_label_asym_id 
_pdbx_struct_conn_angle.ptnr2_label_comp_id 
_pdbx_struct_conn_angle.ptnr2_label_seq_id 
_pdbx_struct_conn_angle.ptnr2_auth_atom_id 
_pdbx_struct_conn_angle.ptnr2_auth_asym_id 
_pdbx_struct_conn_angle.ptnr2_auth_comp_id 
_pdbx_struct_conn_angle.ptnr2_auth_seq_id 
_pdbx_struct_conn_angle.ptnr2_PDB_ins_code 
_pdbx_struct_conn_angle.ptnr2_symmetry 
_pdbx_struct_conn_angle.ptnr3_label_atom_id 
_pdbx_struct_conn_angle.ptnr3_label_alt_id 
_pdbx_struct_conn_angle.ptnr3_label_asym_id 
_pdbx_struct_conn_angle.ptnr3_label_comp_id 
_pdbx_struct_conn_angle.ptnr3_label_seq_id 
_pdbx_struct_conn_angle.ptnr3_auth_atom_id 
_pdbx_struct_conn_angle.ptnr3_auth_asym_id 
_pdbx_struct_conn_angle.ptnr3_auth_comp_id 
_pdbx_struct_conn_angle.ptnr3_auth_seq_id 
_pdbx_struct_conn_angle.ptnr3_PDB_ins_code 
_pdbx_struct_conn_angle.ptnr3_symmetry 
_pdbx_struct_conn_angle.value 
_pdbx_struct_conn_angle.value_esd 
1  O   ? A ASN 26  ? A ASN 206 ? 1_555 CA ? B CA . ? A CA 401 ? 1_555 OD1 ? A ASP 29  ? A ASP 209 ? 1_555 74.6  ? 
2  O   ? A ASN 26  ? A ASN 206 ? 1_555 CA ? B CA . ? A CA 401 ? 1_555 O   ? A ASN 31  ? A ASN 211 ? 1_555 165.8 ? 
3  OD1 ? A ASP 29  ? A ASP 209 ? 1_555 CA ? B CA . ? A CA 401 ? 1_555 O   ? A ASN 31  ? A ASN 211 ? 1_555 91.3  ? 
4  O   ? A ASN 26  ? A ASN 206 ? 1_555 CA ? B CA . ? A CA 401 ? 1_555 O   ? A THR 34  ? A THR 214 ? 1_555 106.5 ? 
5  OD1 ? A ASP 29  ? A ASP 209 ? 1_555 CA ? B CA . ? A CA 401 ? 1_555 O   ? A THR 34  ? A THR 214 ? 1_555 146.3 ? 
6  O   ? A ASN 31  ? A ASN 211 ? 1_555 CA ? B CA . ? A CA 401 ? 1_555 O   ? A THR 34  ? A THR 214 ? 1_555 86.2  ? 
7  O   ? A ASN 26  ? A ASN 206 ? 1_555 CA ? B CA . ? A CA 401 ? 1_555 OG1 ? A THR 34  ? A THR 214 ? 1_555 91.3  ? 
8  OD1 ? A ASP 29  ? A ASP 209 ? 1_555 CA ? B CA . ? A CA 401 ? 1_555 OG1 ? A THR 34  ? A THR 214 ? 1_555 74.9  ? 
9  O   ? A ASN 31  ? A ASN 211 ? 1_555 CA ? B CA . ? A CA 401 ? 1_555 OG1 ? A THR 34  ? A THR 214 ? 1_555 86.7  ? 
10 O   ? A THR 34  ? A THR 214 ? 1_555 CA ? B CA . ? A CA 401 ? 1_555 OG1 ? A THR 34  ? A THR 214 ? 1_555 71.4  ? 
11 O   ? A ASN 26  ? A ASN 206 ? 1_555 CA ? B CA . ? A CA 401 ? 1_555 O   ? A THR 127 ? A THR 307 ? 1_555 88.5  ? 
12 OD1 ? A ASP 29  ? A ASP 209 ? 1_555 CA ? B CA . ? A CA 401 ? 1_555 O   ? A THR 127 ? A THR 307 ? 1_555 132.7 ? 
13 O   ? A ASN 31  ? A ASN 211 ? 1_555 CA ? B CA . ? A CA 401 ? 1_555 O   ? A THR 127 ? A THR 307 ? 1_555 100.1 ? 
14 O   ? A THR 34  ? A THR 214 ? 1_555 CA ? B CA . ? A CA 401 ? 1_555 O   ? A THR 127 ? A THR 307 ? 1_555 80.6  ? 
15 OG1 ? A THR 34  ? A THR 214 ? 1_555 CA ? B CA . ? A CA 401 ? 1_555 O   ? A THR 127 ? A THR 307 ? 1_555 150.7 ? 
16 O   ? A ASN 26  ? A ASN 206 ? 1_555 CA ? B CA . ? A CA 401 ? 1_555 OE2 A A GLU 128 ? A GLU 308 ? 1_555 84.3  ? 
17 OD1 ? A ASP 29  ? A ASP 209 ? 1_555 CA ? B CA . ? A CA 401 ? 1_555 OE2 A A GLU 128 ? A GLU 308 ? 1_555 66.7  ? 
18 O   ? A ASN 31  ? A ASN 211 ? 1_555 CA ? B CA . ? A CA 401 ? 1_555 OE2 A A GLU 128 ? A GLU 308 ? 1_555 88.5  ? 
19 O   ? A THR 34  ? A THR 214 ? 1_555 CA ? B CA . ? A CA 401 ? 1_555 OE2 A A GLU 128 ? A GLU 308 ? 1_555 146.6 ? 
20 OG1 ? A THR 34  ? A THR 214 ? 1_555 CA ? B CA . ? A CA 401 ? 1_555 OE2 A A GLU 128 ? A GLU 308 ? 1_555 141.1 ? 
21 O   ? A THR 127 ? A THR 307 ? 1_555 CA ? B CA . ? A CA 401 ? 1_555 OE2 A A GLU 128 ? A GLU 308 ? 1_555 67.9  ? 
# 
loop_
_pdbx_audit_revision_history.ordinal 
_pdbx_audit_revision_history.data_content_type 
_pdbx_audit_revision_history.major_revision 
_pdbx_audit_revision_history.minor_revision 
_pdbx_audit_revision_history.revision_date 
1 'Structure model' 1 0 2020-12-30 
2 'Structure model' 1 1 2023-11-29 
# 
_pdbx_audit_revision_details.ordinal             1 
_pdbx_audit_revision_details.revision_ordinal    1 
_pdbx_audit_revision_details.data_content_type   'Structure model' 
_pdbx_audit_revision_details.provider            repository 
_pdbx_audit_revision_details.type                'Initial release' 
_pdbx_audit_revision_details.description         ? 
_pdbx_audit_revision_details.details             ? 
# 
loop_
_pdbx_audit_revision_group.ordinal 
_pdbx_audit_revision_group.revision_ordinal 
_pdbx_audit_revision_group.data_content_type 
_pdbx_audit_revision_group.group 
1 2 'Structure model' 'Data collection'        
2 2 'Structure model' 'Database references'    
3 2 'Structure model' 'Derived calculations'   
4 2 'Structure model' 'Refinement description' 
# 
loop_
_pdbx_audit_revision_category.ordinal 
_pdbx_audit_revision_category.revision_ordinal 
_pdbx_audit_revision_category.data_content_type 
_pdbx_audit_revision_category.category 
1 2 'Structure model' atom_type                     
2 2 'Structure model' chem_comp_atom                
3 2 'Structure model' chem_comp_bond                
4 2 'Structure model' database_2                    
5 2 'Structure model' pdbx_initial_refinement_model 
# 
loop_
_pdbx_audit_revision_item.ordinal 
_pdbx_audit_revision_item.revision_ordinal 
_pdbx_audit_revision_item.data_content_type 
_pdbx_audit_revision_item.item 
1 2 'Structure model' '_atom_type.pdbx_N_electrons'         
2 2 'Structure model' '_atom_type.pdbx_scat_Z'              
3 2 'Structure model' '_database_2.pdbx_DOI'                
4 2 'Structure model' '_database_2.pdbx_database_accession' 
# 
loop_
_software.citation_id 
_software.classification 
_software.compiler_name 
_software.compiler_version 
_software.contact_author 
_software.contact_author_email 
_software.date 
_software.description 
_software.dependencies 
_software.hardware 
_software.language 
_software.location 
_software.mods 
_software.name 
_software.os 
_software.os_version 
_software.type 
_software.version 
_software.pdbx_ordinal 
? refinement       ? ? ? ? ? ? ? ? ? ? ? REFMAC       ? ? ? 5.8.0267 1 
? 'data reduction' ? ? ? ? ? ? ? ? ? ? ? CrystalClear ? ? ? .        2 
? 'data scaling'   ? ? ? ? ? ? ? ? ? ? ? CrystalClear ? ? ? .        3 
? phasing          ? ? ? ? ? ? ? ? ? ? ? MOLREP       ? ? ? .        4 
# 
_pdbx_entry_details.entry_id                 7D29 
_pdbx_entry_details.has_ligand_of_interest   N 
_pdbx_entry_details.compound_details         ? 
_pdbx_entry_details.source_details           ? 
_pdbx_entry_details.nonpolymer_details       ? 
_pdbx_entry_details.sequence_details         ? 
# 
loop_
_pdbx_unobs_or_zero_occ_residues.id 
_pdbx_unobs_or_zero_occ_residues.PDB_model_num 
_pdbx_unobs_or_zero_occ_residues.polymer_flag 
_pdbx_unobs_or_zero_occ_residues.occupancy_flag 
_pdbx_unobs_or_zero_occ_residues.auth_asym_id 
_pdbx_unobs_or_zero_occ_residues.auth_comp_id 
_pdbx_unobs_or_zero_occ_residues.auth_seq_id 
_pdbx_unobs_or_zero_occ_residues.PDB_ins_code 
_pdbx_unobs_or_zero_occ_residues.label_asym_id 
_pdbx_unobs_or_zero_occ_residues.label_comp_id 
_pdbx_unobs_or_zero_occ_residues.label_seq_id 
1  1 Y 1 A MET -7  ? A MET 1   
2  1 Y 1 A ASN -6  ? A ASN 2   
3  1 Y 1 A HIS -5  ? A HIS 3   
4  1 Y 1 A LYS -4  ? A LYS 4   
5  1 Y 1 A VAL -3  ? A VAL 5   
6  1 Y 1 A GLY 320 ? A GLY 140 
7  1 Y 1 A ASN 321 ? A ASN 141 
8  1 Y 1 A GLU 322 ? A GLU 142 
9  1 Y 1 A GLU 323 ? A GLU 143 
10 1 Y 1 A HIS 324 ? A HIS 144 
11 1 Y 1 A HIS 325 ? A HIS 145 
12 1 Y 1 A HIS 326 ? A HIS 146 
13 1 Y 1 A HIS 327 ? A HIS 147 
14 1 Y 1 A HIS 328 ? A HIS 148 
15 1 Y 1 A HIS 329 ? A HIS 149 
# 
loop_
_chem_comp_atom.comp_id 
_chem_comp_atom.atom_id 
_chem_comp_atom.type_symbol 
_chem_comp_atom.pdbx_aromatic_flag 
_chem_comp_atom.pdbx_stereo_config 
_chem_comp_atom.pdbx_ordinal 
ALA N    N  N N 1   
ALA CA   C  N S 2   
ALA C    C  N N 3   
ALA O    O  N N 4   
ALA CB   C  N N 5   
ALA OXT  O  N N 6   
ALA H    H  N N 7   
ALA H2   H  N N 8   
ALA HA   H  N N 9   
ALA HB1  H  N N 10  
ALA HB2  H  N N 11  
ALA HB3  H  N N 12  
ALA HXT  H  N N 13  
ARG N    N  N N 14  
ARG CA   C  N S 15  
ARG C    C  N N 16  
ARG O    O  N N 17  
ARG CB   C  N N 18  
ARG CG   C  N N 19  
ARG CD   C  N N 20  
ARG NE   N  N N 21  
ARG CZ   C  N N 22  
ARG NH1  N  N N 23  
ARG NH2  N  N N 24  
ARG OXT  O  N N 25  
ARG H    H  N N 26  
ARG H2   H  N N 27  
ARG HA   H  N N 28  
ARG HB2  H  N N 29  
ARG HB3  H  N N 30  
ARG HG2  H  N N 31  
ARG HG3  H  N N 32  
ARG HD2  H  N N 33  
ARG HD3  H  N N 34  
ARG HE   H  N N 35  
ARG HH11 H  N N 36  
ARG HH12 H  N N 37  
ARG HH21 H  N N 38  
ARG HH22 H  N N 39  
ARG HXT  H  N N 40  
ASN N    N  N N 41  
ASN CA   C  N S 42  
ASN C    C  N N 43  
ASN O    O  N N 44  
ASN CB   C  N N 45  
ASN CG   C  N N 46  
ASN OD1  O  N N 47  
ASN ND2  N  N N 48  
ASN OXT  O  N N 49  
ASN H    H  N N 50  
ASN H2   H  N N 51  
ASN HA   H  N N 52  
ASN HB2  H  N N 53  
ASN HB3  H  N N 54  
ASN HD21 H  N N 55  
ASN HD22 H  N N 56  
ASN HXT  H  N N 57  
ASP N    N  N N 58  
ASP CA   C  N S 59  
ASP C    C  N N 60  
ASP O    O  N N 61  
ASP CB   C  N N 62  
ASP CG   C  N N 63  
ASP OD1  O  N N 64  
ASP OD2  O  N N 65  
ASP OXT  O  N N 66  
ASP H    H  N N 67  
ASP H2   H  N N 68  
ASP HA   H  N N 69  
ASP HB2  H  N N 70  
ASP HB3  H  N N 71  
ASP HD2  H  N N 72  
ASP HXT  H  N N 73  
CA  CA   CA N N 74  
GLN N    N  N N 75  
GLN CA   C  N S 76  
GLN C    C  N N 77  
GLN O    O  N N 78  
GLN CB   C  N N 79  
GLN CG   C  N N 80  
GLN CD   C  N N 81  
GLN OE1  O  N N 82  
GLN NE2  N  N N 83  
GLN OXT  O  N N 84  
GLN H    H  N N 85  
GLN H2   H  N N 86  
GLN HA   H  N N 87  
GLN HB2  H  N N 88  
GLN HB3  H  N N 89  
GLN HG2  H  N N 90  
GLN HG3  H  N N 91  
GLN HE21 H  N N 92  
GLN HE22 H  N N 93  
GLN HXT  H  N N 94  
GLU N    N  N N 95  
GLU CA   C  N S 96  
GLU C    C  N N 97  
GLU O    O  N N 98  
GLU CB   C  N N 99  
GLU CG   C  N N 100 
GLU CD   C  N N 101 
GLU OE1  O  N N 102 
GLU OE2  O  N N 103 
GLU OXT  O  N N 104 
GLU H    H  N N 105 
GLU H2   H  N N 106 
GLU HA   H  N N 107 
GLU HB2  H  N N 108 
GLU HB3  H  N N 109 
GLU HG2  H  N N 110 
GLU HG3  H  N N 111 
GLU HE2  H  N N 112 
GLU HXT  H  N N 113 
GLY N    N  N N 114 
GLY CA   C  N N 115 
GLY C    C  N N 116 
GLY O    O  N N 117 
GLY OXT  O  N N 118 
GLY H    H  N N 119 
GLY H2   H  N N 120 
GLY HA2  H  N N 121 
GLY HA3  H  N N 122 
GLY HXT  H  N N 123 
HIS N    N  N N 124 
HIS CA   C  N S 125 
HIS C    C  N N 126 
HIS O    O  N N 127 
HIS CB   C  N N 128 
HIS CG   C  Y N 129 
HIS ND1  N  Y N 130 
HIS CD2  C  Y N 131 
HIS CE1  C  Y N 132 
HIS NE2  N  Y N 133 
HIS OXT  O  N N 134 
HIS H    H  N N 135 
HIS H2   H  N N 136 
HIS HA   H  N N 137 
HIS HB2  H  N N 138 
HIS HB3  H  N N 139 
HIS HD1  H  N N 140 
HIS HD2  H  N N 141 
HIS HE1  H  N N 142 
HIS HE2  H  N N 143 
HIS HXT  H  N N 144 
HOH O    O  N N 145 
HOH H1   H  N N 146 
HOH H2   H  N N 147 
ILE N    N  N N 148 
ILE CA   C  N S 149 
ILE C    C  N N 150 
ILE O    O  N N 151 
ILE CB   C  N S 152 
ILE CG1  C  N N 153 
ILE CG2  C  N N 154 
ILE CD1  C  N N 155 
ILE OXT  O  N N 156 
ILE H    H  N N 157 
ILE H2   H  N N 158 
ILE HA   H  N N 159 
ILE HB   H  N N 160 
ILE HG12 H  N N 161 
ILE HG13 H  N N 162 
ILE HG21 H  N N 163 
ILE HG22 H  N N 164 
ILE HG23 H  N N 165 
ILE HD11 H  N N 166 
ILE HD12 H  N N 167 
ILE HD13 H  N N 168 
ILE HXT  H  N N 169 
LEU N    N  N N 170 
LEU CA   C  N S 171 
LEU C    C  N N 172 
LEU O    O  N N 173 
LEU CB   C  N N 174 
LEU CG   C  N N 175 
LEU CD1  C  N N 176 
LEU CD2  C  N N 177 
LEU OXT  O  N N 178 
LEU H    H  N N 179 
LEU H2   H  N N 180 
LEU HA   H  N N 181 
LEU HB2  H  N N 182 
LEU HB3  H  N N 183 
LEU HG   H  N N 184 
LEU HD11 H  N N 185 
LEU HD12 H  N N 186 
LEU HD13 H  N N 187 
LEU HD21 H  N N 188 
LEU HD22 H  N N 189 
LEU HD23 H  N N 190 
LEU HXT  H  N N 191 
LYS N    N  N N 192 
LYS CA   C  N S 193 
LYS C    C  N N 194 
LYS O    O  N N 195 
LYS CB   C  N N 196 
LYS CG   C  N N 197 
LYS CD   C  N N 198 
LYS CE   C  N N 199 
LYS NZ   N  N N 200 
LYS OXT  O  N N 201 
LYS H    H  N N 202 
LYS H2   H  N N 203 
LYS HA   H  N N 204 
LYS HB2  H  N N 205 
LYS HB3  H  N N 206 
LYS HG2  H  N N 207 
LYS HG3  H  N N 208 
LYS HD2  H  N N 209 
LYS HD3  H  N N 210 
LYS HE2  H  N N 211 
LYS HE3  H  N N 212 
LYS HZ1  H  N N 213 
LYS HZ2  H  N N 214 
LYS HZ3  H  N N 215 
LYS HXT  H  N N 216 
MET N    N  N N 217 
MET CA   C  N S 218 
MET C    C  N N 219 
MET O    O  N N 220 
MET CB   C  N N 221 
MET CG   C  N N 222 
MET SD   S  N N 223 
MET CE   C  N N 224 
MET OXT  O  N N 225 
MET H    H  N N 226 
MET H2   H  N N 227 
MET HA   H  N N 228 
MET HB2  H  N N 229 
MET HB3  H  N N 230 
MET HG2  H  N N 231 
MET HG3  H  N N 232 
MET HE1  H  N N 233 
MET HE2  H  N N 234 
MET HE3  H  N N 235 
MET HXT  H  N N 236 
PHE N    N  N N 237 
PHE CA   C  N S 238 
PHE C    C  N N 239 
PHE O    O  N N 240 
PHE CB   C  N N 241 
PHE CG   C  Y N 242 
PHE CD1  C  Y N 243 
PHE CD2  C  Y N 244 
PHE CE1  C  Y N 245 
PHE CE2  C  Y N 246 
PHE CZ   C  Y N 247 
PHE OXT  O  N N 248 
PHE H    H  N N 249 
PHE H2   H  N N 250 
PHE HA   H  N N 251 
PHE HB2  H  N N 252 
PHE HB3  H  N N 253 
PHE HD1  H  N N 254 
PHE HD2  H  N N 255 
PHE HE1  H  N N 256 
PHE HE2  H  N N 257 
PHE HZ   H  N N 258 
PHE HXT  H  N N 259 
PRO N    N  N N 260 
PRO CA   C  N S 261 
PRO C    C  N N 262 
PRO O    O  N N 263 
PRO CB   C  N N 264 
PRO CG   C  N N 265 
PRO CD   C  N N 266 
PRO OXT  O  N N 267 
PRO H    H  N N 268 
PRO HA   H  N N 269 
PRO HB2  H  N N 270 
PRO HB3  H  N N 271 
PRO HG2  H  N N 272 
PRO HG3  H  N N 273 
PRO HD2  H  N N 274 
PRO HD3  H  N N 275 
PRO HXT  H  N N 276 
SER N    N  N N 277 
SER CA   C  N S 278 
SER C    C  N N 279 
SER O    O  N N 280 
SER CB   C  N N 281 
SER OG   O  N N 282 
SER OXT  O  N N 283 
SER H    H  N N 284 
SER H2   H  N N 285 
SER HA   H  N N 286 
SER HB2  H  N N 287 
SER HB3  H  N N 288 
SER HG   H  N N 289 
SER HXT  H  N N 290 
THR N    N  N N 291 
THR CA   C  N S 292 
THR C    C  N N 293 
THR O    O  N N 294 
THR CB   C  N R 295 
THR OG1  O  N N 296 
THR CG2  C  N N 297 
THR OXT  O  N N 298 
THR H    H  N N 299 
THR H2   H  N N 300 
THR HA   H  N N 301 
THR HB   H  N N 302 
THR HG1  H  N N 303 
THR HG21 H  N N 304 
THR HG22 H  N N 305 
THR HG23 H  N N 306 
THR HXT  H  N N 307 
TRP N    N  N N 308 
TRP CA   C  N S 309 
TRP C    C  N N 310 
TRP O    O  N N 311 
TRP CB   C  N N 312 
TRP CG   C  Y N 313 
TRP CD1  C  Y N 314 
TRP CD2  C  Y N 315 
TRP NE1  N  Y N 316 
TRP CE2  C  Y N 317 
TRP CE3  C  Y N 318 
TRP CZ2  C  Y N 319 
TRP CZ3  C  Y N 320 
TRP CH2  C  Y N 321 
TRP OXT  O  N N 322 
TRP H    H  N N 323 
TRP H2   H  N N 324 
TRP HA   H  N N 325 
TRP HB2  H  N N 326 
TRP HB3  H  N N 327 
TRP HD1  H  N N 328 
TRP HE1  H  N N 329 
TRP HE3  H  N N 330 
TRP HZ2  H  N N 331 
TRP HZ3  H  N N 332 
TRP HH2  H  N N 333 
TRP HXT  H  N N 334 
TYR N    N  N N 335 
TYR CA   C  N S 336 
TYR C    C  N N 337 
TYR O    O  N N 338 
TYR CB   C  N N 339 
TYR CG   C  Y N 340 
TYR CD1  C  Y N 341 
TYR CD2  C  Y N 342 
TYR CE1  C  Y N 343 
TYR CE2  C  Y N 344 
TYR CZ   C  Y N 345 
TYR OH   O  N N 346 
TYR OXT  O  N N 347 
TYR H    H  N N 348 
TYR H2   H  N N 349 
TYR HA   H  N N 350 
TYR HB2  H  N N 351 
TYR HB3  H  N N 352 
TYR HD1  H  N N 353 
TYR HD2  H  N N 354 
TYR HE1  H  N N 355 
TYR HE2  H  N N 356 
TYR HH   H  N N 357 
TYR HXT  H  N N 358 
VAL N    N  N N 359 
VAL CA   C  N S 360 
VAL C    C  N N 361 
VAL O    O  N N 362 
VAL CB   C  N N 363 
VAL CG1  C  N N 364 
VAL CG2  C  N N 365 
VAL OXT  O  N N 366 
VAL H    H  N N 367 
VAL H2   H  N N 368 
VAL HA   H  N N 369 
VAL HB   H  N N 370 
VAL HG11 H  N N 371 
VAL HG12 H  N N 372 
VAL HG13 H  N N 373 
VAL HG21 H  N N 374 
VAL HG22 H  N N 375 
VAL HG23 H  N N 376 
VAL HXT  H  N N 377 
# 
loop_
_chem_comp_bond.comp_id 
_chem_comp_bond.atom_id_1 
_chem_comp_bond.atom_id_2 
_chem_comp_bond.value_order 
_chem_comp_bond.pdbx_aromatic_flag 
_chem_comp_bond.pdbx_stereo_config 
_chem_comp_bond.pdbx_ordinal 
ALA N   CA   sing N N 1   
ALA N   H    sing N N 2   
ALA N   H2   sing N N 3   
ALA CA  C    sing N N 4   
ALA CA  CB   sing N N 5   
ALA CA  HA   sing N N 6   
ALA C   O    doub N N 7   
ALA C   OXT  sing N N 8   
ALA CB  HB1  sing N N 9   
ALA CB  HB2  sing N N 10  
ALA CB  HB3  sing N N 11  
ALA OXT HXT  sing N N 12  
ARG N   CA   sing N N 13  
ARG N   H    sing N N 14  
ARG N   H2   sing N N 15  
ARG CA  C    sing N N 16  
ARG CA  CB   sing N N 17  
ARG CA  HA   sing N N 18  
ARG C   O    doub N N 19  
ARG C   OXT  sing N N 20  
ARG CB  CG   sing N N 21  
ARG CB  HB2  sing N N 22  
ARG CB  HB3  sing N N 23  
ARG CG  CD   sing N N 24  
ARG CG  HG2  sing N N 25  
ARG CG  HG3  sing N N 26  
ARG CD  NE   sing N N 27  
ARG CD  HD2  sing N N 28  
ARG CD  HD3  sing N N 29  
ARG NE  CZ   sing N N 30  
ARG NE  HE   sing N N 31  
ARG CZ  NH1  sing N N 32  
ARG CZ  NH2  doub N N 33  
ARG NH1 HH11 sing N N 34  
ARG NH1 HH12 sing N N 35  
ARG NH2 HH21 sing N N 36  
ARG NH2 HH22 sing N N 37  
ARG OXT HXT  sing N N 38  
ASN N   CA   sing N N 39  
ASN N   H    sing N N 40  
ASN N   H2   sing N N 41  
ASN CA  C    sing N N 42  
ASN CA  CB   sing N N 43  
ASN CA  HA   sing N N 44  
ASN C   O    doub N N 45  
ASN C   OXT  sing N N 46  
ASN CB  CG   sing N N 47  
ASN CB  HB2  sing N N 48  
ASN CB  HB3  sing N N 49  
ASN CG  OD1  doub N N 50  
ASN CG  ND2  sing N N 51  
ASN ND2 HD21 sing N N 52  
ASN ND2 HD22 sing N N 53  
ASN OXT HXT  sing N N 54  
ASP N   CA   sing N N 55  
ASP N   H    sing N N 56  
ASP N   H2   sing N N 57  
ASP CA  C    sing N N 58  
ASP CA  CB   sing N N 59  
ASP CA  HA   sing N N 60  
ASP C   O    doub N N 61  
ASP C   OXT  sing N N 62  
ASP CB  CG   sing N N 63  
ASP CB  HB2  sing N N 64  
ASP CB  HB3  sing N N 65  
ASP CG  OD1  doub N N 66  
ASP CG  OD2  sing N N 67  
ASP OD2 HD2  sing N N 68  
ASP OXT HXT  sing N N 69  
GLN N   CA   sing N N 70  
GLN N   H    sing N N 71  
GLN N   H2   sing N N 72  
GLN CA  C    sing N N 73  
GLN CA  CB   sing N N 74  
GLN CA  HA   sing N N 75  
GLN C   O    doub N N 76  
GLN C   OXT  sing N N 77  
GLN CB  CG   sing N N 78  
GLN CB  HB2  sing N N 79  
GLN CB  HB3  sing N N 80  
GLN CG  CD   sing N N 81  
GLN CG  HG2  sing N N 82  
GLN CG  HG3  sing N N 83  
GLN CD  OE1  doub N N 84  
GLN CD  NE2  sing N N 85  
GLN NE2 HE21 sing N N 86  
GLN NE2 HE22 sing N N 87  
GLN OXT HXT  sing N N 88  
GLU N   CA   sing N N 89  
GLU N   H    sing N N 90  
GLU N   H2   sing N N 91  
GLU CA  C    sing N N 92  
GLU CA  CB   sing N N 93  
GLU CA  HA   sing N N 94  
GLU C   O    doub N N 95  
GLU C   OXT  sing N N 96  
GLU CB  CG   sing N N 97  
GLU CB  HB2  sing N N 98  
GLU CB  HB3  sing N N 99  
GLU CG  CD   sing N N 100 
GLU CG  HG2  sing N N 101 
GLU CG  HG3  sing N N 102 
GLU CD  OE1  doub N N 103 
GLU CD  OE2  sing N N 104 
GLU OE2 HE2  sing N N 105 
GLU OXT HXT  sing N N 106 
GLY N   CA   sing N N 107 
GLY N   H    sing N N 108 
GLY N   H2   sing N N 109 
GLY CA  C    sing N N 110 
GLY CA  HA2  sing N N 111 
GLY CA  HA3  sing N N 112 
GLY C   O    doub N N 113 
GLY C   OXT  sing N N 114 
GLY OXT HXT  sing N N 115 
HIS N   CA   sing N N 116 
HIS N   H    sing N N 117 
HIS N   H2   sing N N 118 
HIS CA  C    sing N N 119 
HIS CA  CB   sing N N 120 
HIS CA  HA   sing N N 121 
HIS C   O    doub N N 122 
HIS C   OXT  sing N N 123 
HIS CB  CG   sing N N 124 
HIS CB  HB2  sing N N 125 
HIS CB  HB3  sing N N 126 
HIS CG  ND1  sing Y N 127 
HIS CG  CD2  doub Y N 128 
HIS ND1 CE1  doub Y N 129 
HIS ND1 HD1  sing N N 130 
HIS CD2 NE2  sing Y N 131 
HIS CD2 HD2  sing N N 132 
HIS CE1 NE2  sing Y N 133 
HIS CE1 HE1  sing N N 134 
HIS NE2 HE2  sing N N 135 
HIS OXT HXT  sing N N 136 
HOH O   H1   sing N N 137 
HOH O   H2   sing N N 138 
ILE N   CA   sing N N 139 
ILE N   H    sing N N 140 
ILE N   H2   sing N N 141 
ILE CA  C    sing N N 142 
ILE CA  CB   sing N N 143 
ILE CA  HA   sing N N 144 
ILE C   O    doub N N 145 
ILE C   OXT  sing N N 146 
ILE CB  CG1  sing N N 147 
ILE CB  CG2  sing N N 148 
ILE CB  HB   sing N N 149 
ILE CG1 CD1  sing N N 150 
ILE CG1 HG12 sing N N 151 
ILE CG1 HG13 sing N N 152 
ILE CG2 HG21 sing N N 153 
ILE CG2 HG22 sing N N 154 
ILE CG2 HG23 sing N N 155 
ILE CD1 HD11 sing N N 156 
ILE CD1 HD12 sing N N 157 
ILE CD1 HD13 sing N N 158 
ILE OXT HXT  sing N N 159 
LEU N   CA   sing N N 160 
LEU N   H    sing N N 161 
LEU N   H2   sing N N 162 
LEU CA  C    sing N N 163 
LEU CA  CB   sing N N 164 
LEU CA  HA   sing N N 165 
LEU C   O    doub N N 166 
LEU C   OXT  sing N N 167 
LEU CB  CG   sing N N 168 
LEU CB  HB2  sing N N 169 
LEU CB  HB3  sing N N 170 
LEU CG  CD1  sing N N 171 
LEU CG  CD2  sing N N 172 
LEU CG  HG   sing N N 173 
LEU CD1 HD11 sing N N 174 
LEU CD1 HD12 sing N N 175 
LEU CD1 HD13 sing N N 176 
LEU CD2 HD21 sing N N 177 
LEU CD2 HD22 sing N N 178 
LEU CD2 HD23 sing N N 179 
LEU OXT HXT  sing N N 180 
LYS N   CA   sing N N 181 
LYS N   H    sing N N 182 
LYS N   H2   sing N N 183 
LYS CA  C    sing N N 184 
LYS CA  CB   sing N N 185 
LYS CA  HA   sing N N 186 
LYS C   O    doub N N 187 
LYS C   OXT  sing N N 188 
LYS CB  CG   sing N N 189 
LYS CB  HB2  sing N N 190 
LYS CB  HB3  sing N N 191 
LYS CG  CD   sing N N 192 
LYS CG  HG2  sing N N 193 
LYS CG  HG3  sing N N 194 
LYS CD  CE   sing N N 195 
LYS CD  HD2  sing N N 196 
LYS CD  HD3  sing N N 197 
LYS CE  NZ   sing N N 198 
LYS CE  HE2  sing N N 199 
LYS CE  HE3  sing N N 200 
LYS NZ  HZ1  sing N N 201 
LYS NZ  HZ2  sing N N 202 
LYS NZ  HZ3  sing N N 203 
LYS OXT HXT  sing N N 204 
MET N   CA   sing N N 205 
MET N   H    sing N N 206 
MET N   H2   sing N N 207 
MET CA  C    sing N N 208 
MET CA  CB   sing N N 209 
MET CA  HA   sing N N 210 
MET C   O    doub N N 211 
MET C   OXT  sing N N 212 
MET CB  CG   sing N N 213 
MET CB  HB2  sing N N 214 
MET CB  HB3  sing N N 215 
MET CG  SD   sing N N 216 
MET CG  HG2  sing N N 217 
MET CG  HG3  sing N N 218 
MET SD  CE   sing N N 219 
MET CE  HE1  sing N N 220 
MET CE  HE2  sing N N 221 
MET CE  HE3  sing N N 222 
MET OXT HXT  sing N N 223 
PHE N   CA   sing N N 224 
PHE N   H    sing N N 225 
PHE N   H2   sing N N 226 
PHE CA  C    sing N N 227 
PHE CA  CB   sing N N 228 
PHE CA  HA   sing N N 229 
PHE C   O    doub N N 230 
PHE C   OXT  sing N N 231 
PHE CB  CG   sing N N 232 
PHE CB  HB2  sing N N 233 
PHE CB  HB3  sing N N 234 
PHE CG  CD1  doub Y N 235 
PHE CG  CD2  sing Y N 236 
PHE CD1 CE1  sing Y N 237 
PHE CD1 HD1  sing N N 238 
PHE CD2 CE2  doub Y N 239 
PHE CD2 HD2  sing N N 240 
PHE CE1 CZ   doub Y N 241 
PHE CE1 HE1  sing N N 242 
PHE CE2 CZ   sing Y N 243 
PHE CE2 HE2  sing N N 244 
PHE CZ  HZ   sing N N 245 
PHE OXT HXT  sing N N 246 
PRO N   CA   sing N N 247 
PRO N   CD   sing N N 248 
PRO N   H    sing N N 249 
PRO CA  C    sing N N 250 
PRO CA  CB   sing N N 251 
PRO CA  HA   sing N N 252 
PRO C   O    doub N N 253 
PRO C   OXT  sing N N 254 
PRO CB  CG   sing N N 255 
PRO CB  HB2  sing N N 256 
PRO CB  HB3  sing N N 257 
PRO CG  CD   sing N N 258 
PRO CG  HG2  sing N N 259 
PRO CG  HG3  sing N N 260 
PRO CD  HD2  sing N N 261 
PRO CD  HD3  sing N N 262 
PRO OXT HXT  sing N N 263 
SER N   CA   sing N N 264 
SER N   H    sing N N 265 
SER N   H2   sing N N 266 
SER CA  C    sing N N 267 
SER CA  CB   sing N N 268 
SER CA  HA   sing N N 269 
SER C   O    doub N N 270 
SER C   OXT  sing N N 271 
SER CB  OG   sing N N 272 
SER CB  HB2  sing N N 273 
SER CB  HB3  sing N N 274 
SER OG  HG   sing N N 275 
SER OXT HXT  sing N N 276 
THR N   CA   sing N N 277 
THR N   H    sing N N 278 
THR N   H2   sing N N 279 
THR CA  C    sing N N 280 
THR CA  CB   sing N N 281 
THR CA  HA   sing N N 282 
THR C   O    doub N N 283 
THR C   OXT  sing N N 284 
THR CB  OG1  sing N N 285 
THR CB  CG2  sing N N 286 
THR CB  HB   sing N N 287 
THR OG1 HG1  sing N N 288 
THR CG2 HG21 sing N N 289 
THR CG2 HG22 sing N N 290 
THR CG2 HG23 sing N N 291 
THR OXT HXT  sing N N 292 
TRP N   CA   sing N N 293 
TRP N   H    sing N N 294 
TRP N   H2   sing N N 295 
TRP CA  C    sing N N 296 
TRP CA  CB   sing N N 297 
TRP CA  HA   sing N N 298 
TRP C   O    doub N N 299 
TRP C   OXT  sing N N 300 
TRP CB  CG   sing N N 301 
TRP CB  HB2  sing N N 302 
TRP CB  HB3  sing N N 303 
TRP CG  CD1  doub Y N 304 
TRP CG  CD2  sing Y N 305 
TRP CD1 NE1  sing Y N 306 
TRP CD1 HD1  sing N N 307 
TRP CD2 CE2  doub Y N 308 
TRP CD2 CE3  sing Y N 309 
TRP NE1 CE2  sing Y N 310 
TRP NE1 HE1  sing N N 311 
TRP CE2 CZ2  sing Y N 312 
TRP CE3 CZ3  doub Y N 313 
TRP CE3 HE3  sing N N 314 
TRP CZ2 CH2  doub Y N 315 
TRP CZ2 HZ2  sing N N 316 
TRP CZ3 CH2  sing Y N 317 
TRP CZ3 HZ3  sing N N 318 
TRP CH2 HH2  sing N N 319 
TRP OXT HXT  sing N N 320 
TYR N   CA   sing N N 321 
TYR N   H    sing N N 322 
TYR N   H2   sing N N 323 
TYR CA  C    sing N N 324 
TYR CA  CB   sing N N 325 
TYR CA  HA   sing N N 326 
TYR C   O    doub N N 327 
TYR C   OXT  sing N N 328 
TYR CB  CG   sing N N 329 
TYR CB  HB2  sing N N 330 
TYR CB  HB3  sing N N 331 
TYR CG  CD1  doub Y N 332 
TYR CG  CD2  sing Y N 333 
TYR CD1 CE1  sing Y N 334 
TYR CD1 HD1  sing N N 335 
TYR CD2 CE2  doub Y N 336 
TYR CD2 HD2  sing N N 337 
TYR CE1 CZ   doub Y N 338 
TYR CE1 HE1  sing N N 339 
TYR CE2 CZ   sing Y N 340 
TYR CE2 HE2  sing N N 341 
TYR CZ  OH   sing N N 342 
TYR OH  HH   sing N N 343 
TYR OXT HXT  sing N N 344 
VAL N   CA   sing N N 345 
VAL N   H    sing N N 346 
VAL N   H2   sing N N 347 
VAL CA  C    sing N N 348 
VAL CA  CB   sing N N 349 
VAL CA  HA   sing N N 350 
VAL C   O    doub N N 351 
VAL C   OXT  sing N N 352 
VAL CB  CG1  sing N N 353 
VAL CB  CG2  sing N N 354 
VAL CB  HB   sing N N 355 
VAL CG1 HG11 sing N N 356 
VAL CG1 HG12 sing N N 357 
VAL CG1 HG13 sing N N 358 
VAL CG2 HG21 sing N N 359 
VAL CG2 HG22 sing N N 360 
VAL CG2 HG23 sing N N 361 
VAL OXT HXT  sing N N 362 
# 
_pdbx_audit_support.funding_organization   'Other government' 
_pdbx_audit_support.country                Malaysia 
_pdbx_audit_support.grant_number           ? 
_pdbx_audit_support.ordinal                1 
# 
loop_
_pdbx_entity_nonpoly.entity_id 
_pdbx_entity_nonpoly.name 
_pdbx_entity_nonpoly.comp_id 
2 'CALCIUM ION' CA  
3 water         HOH 
# 
_pdbx_initial_refinement_model.id               1 
_pdbx_initial_refinement_model.entity_id_list   ? 
_pdbx_initial_refinement_model.type             'experimental model' 
_pdbx_initial_refinement_model.source_name      PDB 
_pdbx_initial_refinement_model.accession_code   5XNR 
_pdbx_initial_refinement_model.details          ? 
# 
_pdbx_struct_assembly_auth_evidence.id                     1 
_pdbx_struct_assembly_auth_evidence.assembly_id            1 
_pdbx_struct_assembly_auth_evidence.experimental_support   'gel filtration' 
_pdbx_struct_assembly_auth_evidence.details                ? 
# 
